data_1WCY
#
_entry.id   1WCY
#
_cell.length_a   118.020
_cell.length_b   126.060
_cell.length_c   136.670
_cell.angle_alpha   90.00
_cell.angle_beta   90.00
_cell.angle_gamma   90.00
#
_symmetry.space_group_name_H-M   'P 21 21 21'
#
loop_
_entity.id
_entity.type
_entity.pdbx_description
1 polymer 'Dipeptidyl peptidase IV'
2 polymer 'Diprotin A'
3 branched alpha-L-fucopyranose-(1-6)-2-acetamido-2-deoxy-beta-D-glucopyranose
4 branched 2-acetamido-2-deoxy-beta-D-glucopyranose-(1-4)-2-acetamido-2-deoxy-beta-D-glucopyranose
5 non-polymer 2-acetamido-2-deoxy-beta-D-glucopyranose
6 water water
#
loop_
_entity_poly.entity_id
_entity_poly.type
_entity_poly.pdbx_seq_one_letter_code
_entity_poly.pdbx_strand_id
1 'polypeptide(L)'
;DDATADSRKTYTLTDYLKNTYRLKLYSLRWISDHEYLYKQENNILVFNAEYGNSSVFLENSTFDEFGHSINDYSISPDGQ
FILLEYNYVKQWRHSYTASYDIYDLNKRQLITEERIPNNTQWVTWSPVGHKLAYVWNNDIYVKIEPNLPSYRITWTGKED
IIYNGITDWVYEEEVFSAYSALWWSPNGTFLAYAQFNDTEVPLIEYSFYSDESLQYPKTVRVPYPKAGAVNPTVKFFVVN
TDSLSSVTNATSIQITAPASMLIGDHYLCDVTWATQERISLQWLRRIQNYSVMDICDYDESSGRWNCLVARQHIEMSTTG
WVGRFRPSEPHFTLDGNSFYKIISNEEGYRHICYFQIDKKDCTFITKGTWEVIGIEALTSDYLYYISNEYKGMPGGRNLY
KIQLSDYTKVTCLSCELNPERCQYYSVSFSKEAKYYQLRCSGPGLPLYTLHSSVNDKGLRVLEDNSALDKMLQNVQMPSK
KLDFIILNETKFWYQMILPPHFDKSKKYPLLLDVYAGPCSQKADTVFRLNWATYLASTENIIVASFDGRGSGYQGDKIMH
AINRRLGTFEVEDQIEAARQFSKMGFVDNKRIAIWGWSYGGYVTSMVLGSGSGVFKCGIAVAPVSRWEYYDSVYTERYMG
LPTPEDNLDHYRNSTVMSRAENFKQVEYLLIHGTADDNVHFQQSAQISKALVDVGVDFQAMWYTDEDHGIASSTAHQHIY
THMSHFIKQCFSLPHHHHHH
;
A,B
2 'polypeptide(L)' IPI C,D
#
loop_
_chem_comp.id
_chem_comp.type
_chem_comp.name
_chem_comp.formula
FUC L-saccharide, alpha linking alpha-L-fucopyranose 'C6 H12 O5'
NAG D-saccharide, beta linking 2-acetamido-2-deoxy-beta-D-glucopyranose 'C8 H15 N O6'
#
# COMPACT_ATOMS: atom_id res chain seq x y z
N ASP A 6 6.88 41.16 25.94
CA ASP A 6 5.80 40.12 25.95
C ASP A 6 6.38 38.77 26.34
N SER A 7 6.11 38.36 27.58
CA SER A 7 6.62 37.09 28.09
C SER A 7 5.57 35.98 28.09
N ARG A 8 4.43 36.23 27.44
CA ARG A 8 3.38 35.22 27.38
C ARG A 8 3.77 34.05 26.49
N LYS A 9 3.31 32.86 26.85
CA LYS A 9 3.57 31.65 26.08
C LYS A 9 2.94 31.82 24.71
N THR A 10 3.34 31.00 23.75
CA THR A 10 2.78 31.06 22.40
C THR A 10 1.87 29.85 22.23
N TYR A 11 1.09 29.82 21.15
CA TYR A 11 0.21 28.68 20.89
C TYR A 11 1.05 27.62 20.20
N THR A 12 1.46 26.62 20.97
CA THR A 12 2.31 25.54 20.47
C THR A 12 1.61 24.39 19.77
N LEU A 13 2.41 23.53 19.13
CA LEU A 13 1.92 22.37 18.41
C LEU A 13 1.20 21.44 19.38
N THR A 14 1.76 21.28 20.57
CA THR A 14 1.15 20.42 21.57
C THR A 14 -0.22 20.97 21.98
N ASP A 15 -0.34 22.29 22.00
CA ASP A 15 -1.61 22.93 22.35
C ASP A 15 -2.68 22.47 21.34
N TYR A 16 -2.32 22.54 20.06
CA TYR A 16 -3.24 22.14 19.00
C TYR A 16 -3.57 20.65 19.06
N LEU A 17 -2.52 19.82 19.10
CA LEU A 17 -2.71 18.36 19.13
C LEU A 17 -3.37 17.82 20.40
N LYS A 18 -3.22 18.54 21.50
CA LYS A 18 -3.83 18.08 22.75
C LYS A 18 -5.13 18.81 23.01
N ASN A 19 -5.44 19.79 22.16
CA ASN A 19 -6.66 20.58 22.28
C ASN A 19 -6.73 21.24 23.65
N THR A 20 -5.64 21.88 24.05
CA THR A 20 -5.58 22.56 25.33
C THR A 20 -6.62 23.67 25.40
N TYR A 21 -6.74 24.42 24.30
CA TYR A 21 -7.70 25.51 24.21
C TYR A 21 -8.90 25.03 23.40
N ARG A 22 -9.94 24.61 24.11
CA ARG A 22 -11.13 24.08 23.46
C ARG A 22 -12.30 25.06 23.29
N LEU A 23 -12.80 25.12 22.07
CA LEU A 23 -13.93 25.98 21.74
C LEU A 23 -15.20 25.31 22.26
N LYS A 24 -15.96 26.01 23.10
CA LYS A 24 -17.19 25.43 23.62
C LYS A 24 -18.29 25.60 22.58
N LEU A 25 -19.17 24.61 22.51
CA LEU A 25 -20.28 24.64 21.56
C LEU A 25 -21.59 24.60 22.32
N TYR A 26 -22.70 24.74 21.60
CA TYR A 26 -24.01 24.68 22.21
C TYR A 26 -24.94 24.01 21.21
N SER A 27 -24.89 22.69 21.16
CA SER A 27 -25.70 21.91 20.23
C SER A 27 -27.02 21.55 20.87
N LEU A 28 -28.10 22.07 20.30
CA LEU A 28 -29.43 21.79 20.83
C LEU A 28 -30.27 21.12 19.75
N ARG A 29 -31.32 20.42 20.19
CA ARG A 29 -32.21 19.73 19.27
C ARG A 29 -33.64 20.15 19.51
N TRP A 30 -34.22 20.89 18.57
CA TRP A 30 -35.60 21.33 18.71
C TRP A 30 -36.50 20.12 18.64
N ILE A 31 -37.44 20.00 19.58
CA ILE A 31 -38.36 18.88 19.57
C ILE A 31 -39.75 19.42 19.32
N SER A 32 -39.83 20.74 19.19
CA SER A 32 -41.09 21.41 18.94
C SER A 32 -40.82 22.87 18.61
N ASP A 33 -41.90 23.65 18.53
CA ASP A 33 -41.78 25.06 18.23
C ASP A 33 -41.50 25.86 19.51
N HIS A 34 -41.48 25.16 20.64
CA HIS A 34 -41.25 25.80 21.95
C HIS A 34 -40.06 25.31 22.77
N GLU A 35 -39.65 24.05 22.60
CA GLU A 35 -38.52 23.56 23.39
C GLU A 35 -37.47 22.75 22.65
N TYR A 36 -36.31 22.59 23.29
CA TYR A 36 -35.21 21.85 22.71
C TYR A 36 -34.47 21.03 23.75
N LEU A 37 -33.80 19.98 23.28
CA LEU A 37 -33.03 19.11 24.17
C LEU A 37 -31.58 19.55 24.15
N TYR A 38 -30.95 19.52 25.32
CA TYR A 38 -29.55 19.90 25.43
C TYR A 38 -28.85 18.93 26.39
N LYS A 39 -27.70 18.41 25.97
CA LYS A 39 -26.95 17.49 26.80
C LYS A 39 -26.03 18.25 27.74
N GLN A 40 -26.24 18.06 29.04
CA GLN A 40 -25.42 18.72 30.05
C GLN A 40 -25.20 17.78 31.23
N GLU A 41 -23.94 17.57 31.59
CA GLU A 41 -23.60 16.69 32.70
C GLU A 41 -24.02 15.25 32.39
N ASN A 42 -23.78 14.84 31.15
CA ASN A 42 -24.11 13.49 30.68
C ASN A 42 -25.60 13.17 30.65
N ASN A 43 -26.43 14.10 31.13
CA ASN A 43 -27.87 13.90 31.13
C ASN A 43 -28.57 14.82 30.14
N ILE A 44 -29.70 14.35 29.61
CA ILE A 44 -30.46 15.13 28.64
C ILE A 44 -31.48 16.05 29.28
N LEU A 45 -31.29 17.34 29.10
CA LEU A 45 -32.19 18.34 29.65
C LEU A 45 -33.08 18.91 28.55
N VAL A 46 -34.25 19.40 28.95
CA VAL A 46 -35.18 20.01 28.00
C VAL A 46 -35.35 21.47 28.40
N PHE A 47 -35.15 22.37 27.45
CA PHE A 47 -35.26 23.80 27.74
C PHE A 47 -36.46 24.51 27.12
N ASN A 48 -37.02 25.44 27.88
CA ASN A 48 -38.14 26.24 27.40
C ASN A 48 -37.48 27.45 26.76
N ALA A 49 -37.59 27.54 25.45
CA ALA A 49 -36.97 28.64 24.69
C ALA A 49 -37.33 30.02 25.21
N GLU A 50 -38.61 30.26 25.44
CA GLU A 50 -39.09 31.55 25.90
C GLU A 50 -38.54 32.05 27.23
N TYR A 51 -38.46 31.17 28.23
CA TYR A 51 -37.98 31.60 29.54
C TYR A 51 -36.60 31.10 29.96
N GLY A 52 -36.05 30.15 29.23
CA GLY A 52 -34.73 29.65 29.55
C GLY A 52 -34.69 28.62 30.66
N ASN A 53 -35.84 28.34 31.27
CA ASN A 53 -35.91 27.35 32.33
C ASN A 53 -35.89 25.96 31.70
N SER A 54 -35.50 24.95 32.48
CA SER A 54 -35.44 23.60 31.95
C SER A 54 -35.76 22.52 32.98
N SER A 55 -35.77 21.28 32.51
CA SER A 55 -36.06 20.12 33.35
C SER A 55 -35.21 18.95 32.84
N VAL A 56 -35.04 17.95 33.70
CA VAL A 56 -34.27 16.76 33.34
C VAL A 56 -35.12 15.83 32.49
N PHE A 57 -34.88 15.86 31.18
CA PHE A 57 -35.62 15.01 30.26
C PHE A 57 -35.23 13.55 30.44
N LEU A 58 -33.93 13.31 30.60
CA LEU A 58 -33.44 11.95 30.77
C LEU A 58 -32.21 11.93 31.66
N GLU A 59 -32.38 11.40 32.87
CA GLU A 59 -31.28 11.33 33.83
C GLU A 59 -30.11 10.53 33.27
N ASN A 60 -28.91 11.07 33.41
CA ASN A 60 -27.70 10.42 32.91
C ASN A 60 -27.44 9.06 33.53
N SER A 61 -28.27 8.67 34.48
CA SER A 61 -28.10 7.38 35.15
C SER A 61 -29.11 6.34 34.68
N THR A 62 -30.02 6.75 33.80
CA THR A 62 -31.05 5.85 33.29
C THR A 62 -30.50 4.56 32.70
N PHE A 63 -29.41 4.65 31.96
CA PHE A 63 -28.83 3.46 31.33
C PHE A 63 -27.43 3.09 31.79
N ASP A 64 -27.22 3.00 33.11
CA ASP A 64 -25.91 2.65 33.65
C ASP A 64 -25.69 1.14 33.53
N GLU A 65 -26.77 0.38 33.61
CA GLU A 65 -26.68 -1.07 33.52
C GLU A 65 -27.13 -1.56 32.14
N PHE A 66 -27.06 -0.66 31.15
CA PHE A 66 -27.45 -1.01 29.78
C PHE A 66 -26.55 -2.08 29.20
N GLY A 67 -25.28 -2.06 29.60
CA GLY A 67 -24.33 -3.05 29.11
C GLY A 67 -23.59 -2.62 27.85
N HIS A 68 -23.86 -1.42 27.39
CA HIS A 68 -23.22 -0.90 26.18
C HIS A 68 -23.07 0.60 26.25
N SER A 69 -22.01 1.12 25.62
CA SER A 69 -21.80 2.56 25.60
C SER A 69 -22.71 3.11 24.50
N ILE A 70 -23.64 3.98 24.89
CA ILE A 70 -24.58 4.56 23.94
C ILE A 70 -23.95 5.68 23.12
N ASN A 71 -23.89 5.45 21.80
CA ASN A 71 -23.30 6.40 20.88
C ASN A 71 -24.13 7.64 20.62
N ASP A 72 -25.44 7.49 20.53
CA ASP A 72 -26.31 8.63 20.26
C ASP A 72 -27.75 8.31 20.62
N TYR A 73 -28.58 9.35 20.64
CA TYR A 73 -30.00 9.20 20.98
C TYR A 73 -30.87 9.79 19.88
N SER A 74 -32.13 9.41 19.87
CA SER A 74 -33.08 9.90 18.88
C SER A 74 -34.50 9.79 19.42
N ILE A 75 -35.08 10.92 19.80
CA ILE A 75 -36.42 10.94 20.35
C ILE A 75 -37.48 10.98 19.25
N SER A 76 -38.50 10.15 19.38
CA SER A 76 -39.58 10.12 18.39
C SER A 76 -40.27 11.48 18.43
N PRO A 77 -40.81 11.91 17.28
CA PRO A 77 -41.51 13.19 17.17
C PRO A 77 -42.55 13.44 18.26
N ASP A 78 -43.24 12.40 18.70
CA ASP A 78 -44.25 12.55 19.74
C ASP A 78 -43.67 12.40 21.14
N GLY A 79 -42.35 12.46 21.24
CA GLY A 79 -41.68 12.33 22.52
C GLY A 79 -42.01 11.10 23.35
N GLN A 80 -42.73 10.14 22.76
CA GLN A 80 -43.11 8.94 23.49
C GLN A 80 -42.02 7.87 23.55
N PHE A 81 -41.10 7.89 22.59
CA PHE A 81 -40.02 6.92 22.57
C PHE A 81 -38.67 7.55 22.26
N ILE A 82 -37.59 6.86 22.65
CA ILE A 82 -36.25 7.33 22.37
C ILE A 82 -35.45 6.18 21.78
N LEU A 83 -34.81 6.45 20.64
CA LEU A 83 -34.02 5.45 19.95
C LEU A 83 -32.57 5.49 20.43
N LEU A 84 -32.13 4.42 21.08
CA LEU A 84 -30.77 4.35 21.59
C LEU A 84 -29.88 3.70 20.54
N GLU A 85 -28.77 4.34 20.23
CA GLU A 85 -27.84 3.84 19.23
C GLU A 85 -26.51 3.44 19.86
N TYR A 86 -26.06 2.22 19.59
CA TYR A 86 -24.79 1.76 20.10
C TYR A 86 -24.17 0.79 19.09
N ASN A 87 -23.00 0.26 19.42
CA ASN A 87 -22.29 -0.65 18.53
C ASN A 87 -22.01 0.05 17.20
N TYR A 88 -21.86 1.36 17.28
CA TYR A 88 -21.58 2.19 16.10
C TYR A 88 -20.29 1.81 15.39
N VAL A 89 -20.39 1.53 14.10
CA VAL A 89 -19.22 1.18 13.31
C VAL A 89 -19.25 2.00 12.02
N LYS A 90 -18.42 3.04 11.97
CA LYS A 90 -18.33 3.92 10.82
C LYS A 90 -17.97 3.24 9.52
N GLN A 91 -18.52 3.75 8.41
CA GLN A 91 -18.15 3.23 7.11
C GLN A 91 -17.48 4.38 6.37
N TRP A 92 -18.22 5.07 5.51
CA TRP A 92 -17.65 6.19 4.75
C TRP A 92 -17.87 7.52 5.47
N ARG A 93 -18.04 8.61 4.72
CA ARG A 93 -18.20 9.92 5.36
C ARG A 93 -19.47 10.08 6.18
N HIS A 94 -20.56 9.45 5.74
CA HIS A 94 -21.83 9.55 6.45
C HIS A 94 -22.37 8.20 6.90
N SER A 95 -22.06 7.15 6.14
CA SER A 95 -22.57 5.82 6.46
C SER A 95 -21.90 5.15 7.66
N TYR A 96 -22.65 4.24 8.28
CA TYR A 96 -22.19 3.47 9.43
C TYR A 96 -23.28 2.45 9.80
N THR A 97 -22.92 1.46 10.60
CA THR A 97 -23.88 0.47 11.06
C THR A 97 -23.93 0.55 12.58
N ALA A 98 -25.05 0.16 13.16
CA ALA A 98 -25.20 0.22 14.60
C ALA A 98 -26.34 -0.68 15.08
N SER A 99 -26.41 -0.84 16.40
CA SER A 99 -27.45 -1.63 17.03
C SER A 99 -28.40 -0.61 17.61
N TYR A 100 -29.65 -1.01 17.84
CA TYR A 100 -30.62 -0.06 18.38
C TYR A 100 -31.60 -0.70 19.34
N ASP A 101 -31.95 0.08 20.37
CA ASP A 101 -32.92 -0.36 21.36
C ASP A 101 -33.88 0.81 21.51
N ILE A 102 -35.17 0.51 21.59
CA ILE A 102 -36.16 1.56 21.74
C ILE A 102 -36.57 1.59 23.20
N TYR A 103 -36.59 2.79 23.76
CA TYR A 103 -36.96 2.97 25.16
C TYR A 103 -38.29 3.72 25.26
N ASP A 104 -39.23 3.14 25.99
CA ASP A 104 -40.53 3.76 26.17
C ASP A 104 -40.44 4.77 27.31
N LEU A 105 -40.40 6.05 26.95
CA LEU A 105 -40.29 7.14 27.92
C LEU A 105 -41.42 7.20 28.92
N ASN A 106 -42.62 6.85 28.49
CA ASN A 106 -43.78 6.88 29.39
C ASN A 106 -43.71 5.75 30.40
N LYS A 107 -43.58 4.51 29.91
CA LYS A 107 -43.50 3.36 30.78
C LYS A 107 -42.09 3.23 31.36
N ARG A 108 -41.23 4.18 31.03
CA ARG A 108 -39.85 4.17 31.50
C ARG A 108 -39.30 2.75 31.48
N GLN A 109 -39.49 2.07 30.36
CA GLN A 109 -39.03 0.70 30.21
C GLN A 109 -38.45 0.47 28.81
N LEU A 110 -37.49 -0.44 28.73
CA LEU A 110 -36.85 -0.76 27.46
C LEU A 110 -37.69 -1.81 26.72
N ILE A 111 -37.78 -1.65 25.41
CA ILE A 111 -38.54 -2.59 24.59
C ILE A 111 -37.65 -3.76 24.19
N THR A 112 -38.08 -4.97 24.50
CA THR A 112 -37.30 -6.17 24.21
C THR A 112 -37.95 -7.09 23.19
N GLU A 113 -39.03 -6.66 22.58
CA GLU A 113 -39.72 -7.48 21.59
C GLU A 113 -39.61 -6.91 20.19
N GLU A 114 -39.42 -7.79 19.21
CA GLU A 114 -39.33 -7.36 17.82
C GLU A 114 -38.34 -6.21 17.70
N ARG A 115 -37.15 -6.42 18.26
CA ARG A 115 -36.13 -5.40 18.23
C ARG A 115 -35.54 -5.12 16.85
N ILE A 116 -35.03 -3.90 16.68
CA ILE A 116 -34.38 -3.53 15.44
C ILE A 116 -33.15 -4.44 15.43
N PRO A 117 -32.90 -5.11 14.30
CA PRO A 117 -31.76 -6.02 14.18
C PRO A 117 -30.39 -5.36 14.31
N ASN A 118 -29.40 -6.16 14.66
CA ASN A 118 -28.04 -5.66 14.78
C ASN A 118 -27.51 -5.46 13.36
N ASN A 119 -26.50 -4.61 13.23
CA ASN A 119 -25.92 -4.33 11.93
C ASN A 119 -26.91 -3.59 11.03
N THR A 120 -27.74 -2.74 11.64
CA THR A 120 -28.71 -1.97 10.88
C THR A 120 -27.95 -0.84 10.19
N GLN A 121 -28.24 -0.63 8.91
CA GLN A 121 -27.57 0.38 8.11
C GLN A 121 -28.12 1.79 8.26
N TRP A 122 -29.41 1.90 8.50
CA TRP A 122 -30.04 3.19 8.67
C TRP A 122 -31.40 3.02 9.31
N VAL A 123 -31.77 3.98 10.15
CA VAL A 123 -33.05 3.98 10.82
C VAL A 123 -33.49 5.40 11.04
N THR A 124 -34.78 5.66 10.87
CA THR A 124 -35.30 7.00 11.08
C THR A 124 -36.77 6.96 11.49
N TRP A 125 -37.14 7.86 12.38
CA TRP A 125 -38.52 7.95 12.84
C TRP A 125 -39.31 8.62 11.73
N SER A 126 -40.62 8.47 11.78
CA SER A 126 -41.49 9.13 10.81
C SER A 126 -41.52 10.60 11.27
N PRO A 127 -41.85 11.53 10.38
CA PRO A 127 -41.89 12.96 10.74
C PRO A 127 -42.81 13.24 11.93
N VAL A 128 -43.86 12.44 12.04
CA VAL A 128 -44.83 12.58 13.12
C VAL A 128 -45.11 11.22 13.74
N GLY A 129 -45.53 11.21 15.00
CA GLY A 129 -45.83 9.95 15.66
C GLY A 129 -44.59 9.18 16.07
N HIS A 130 -44.58 7.88 15.80
CA HIS A 130 -43.44 7.05 16.16
C HIS A 130 -43.24 5.83 15.27
N LYS A 131 -43.57 5.96 13.98
CA LYS A 131 -43.36 4.87 13.04
C LYS A 131 -41.85 4.82 12.83
N LEU A 132 -41.35 3.68 12.38
CA LEU A 132 -39.93 3.52 12.12
C LEU A 132 -39.67 2.87 10.78
N ALA A 133 -38.66 3.37 10.09
CA ALA A 133 -38.26 2.81 8.81
C ALA A 133 -36.78 2.56 8.97
N TYR A 134 -36.32 1.36 8.61
CA TYR A 134 -34.91 1.07 8.71
C TYR A 134 -34.44 0.17 7.59
N VAL A 135 -33.14 0.19 7.34
CA VAL A 135 -32.56 -0.62 6.29
C VAL A 135 -31.60 -1.61 6.92
N TRP A 136 -31.80 -2.89 6.60
CA TRP A 136 -30.99 -3.97 7.13
C TRP A 136 -30.69 -4.94 5.99
N ASN A 137 -29.41 -5.23 5.78
CA ASN A 137 -29.00 -6.11 4.69
C ASN A 137 -29.51 -5.58 3.34
N ASN A 138 -29.44 -4.26 3.18
CA ASN A 138 -29.84 -3.58 1.95
C ASN A 138 -31.32 -3.60 1.56
N ASP A 139 -32.18 -3.95 2.51
CA ASP A 139 -33.63 -3.96 2.27
C ASP A 139 -34.33 -3.07 3.29
N ILE A 140 -35.48 -2.53 2.89
CA ILE A 140 -36.25 -1.64 3.74
C ILE A 140 -37.28 -2.36 4.58
N TYR A 141 -37.41 -1.93 5.83
CA TYR A 141 -38.38 -2.49 6.77
C TYR A 141 -39.09 -1.34 7.45
N VAL A 142 -40.35 -1.56 7.82
CA VAL A 142 -41.14 -0.54 8.49
C VAL A 142 -41.84 -1.10 9.72
N LYS A 143 -41.77 -0.37 10.82
CA LYS A 143 -42.43 -0.76 12.06
C LYS A 143 -43.44 0.32 12.39
N ILE A 144 -44.72 -0.04 12.40
CA ILE A 144 -45.78 0.91 12.71
C ILE A 144 -45.71 1.25 14.20
N GLU A 145 -45.45 0.24 15.01
CA GLU A 145 -45.32 0.38 16.46
C GLU A 145 -44.00 -0.26 16.86
N PRO A 146 -43.24 0.40 17.74
CA PRO A 146 -41.93 -0.03 18.24
C PRO A 146 -41.83 -1.44 18.81
N ASN A 147 -42.94 -2.01 19.30
CA ASN A 147 -42.90 -3.35 19.86
C ASN A 147 -43.54 -4.40 18.95
N LEU A 148 -44.08 -3.96 17.82
CA LEU A 148 -44.71 -4.87 16.89
C LEU A 148 -43.77 -5.31 15.78
N PRO A 149 -44.11 -6.39 15.08
CA PRO A 149 -43.29 -6.93 13.99
C PRO A 149 -43.15 -5.96 12.81
N SER A 150 -41.98 -5.99 12.19
CA SER A 150 -41.70 -5.13 11.05
C SER A 150 -42.32 -5.68 9.78
N TYR A 151 -42.59 -4.78 8.84
CA TYR A 151 -43.12 -5.16 7.54
C TYR A 151 -41.95 -5.00 6.58
N ARG A 152 -41.60 -6.06 5.86
CA ARG A 152 -40.52 -5.97 4.89
C ARG A 152 -41.07 -5.28 3.66
N ILE A 153 -40.32 -4.33 3.12
CA ILE A 153 -40.74 -3.56 1.95
C ILE A 153 -40.07 -4.02 0.64
N THR A 154 -38.80 -4.40 0.72
CA THR A 154 -38.06 -4.86 -0.46
C THR A 154 -37.37 -6.20 -0.22
N TRP A 155 -37.19 -6.96 -1.30
CA TRP A 155 -36.56 -8.28 -1.24
C TRP A 155 -35.37 -8.37 -2.18
N THR A 156 -35.03 -7.27 -2.84
CA THR A 156 -33.92 -7.23 -3.79
C THR A 156 -32.55 -6.92 -3.19
N GLY A 157 -32.54 -6.41 -1.96
CA GLY A 157 -31.29 -6.07 -1.31
C GLY A 157 -30.18 -7.08 -1.55
N LYS A 158 -28.99 -6.59 -1.90
CA LYS A 158 -27.87 -7.47 -2.14
C LYS A 158 -26.57 -6.68 -1.94
N GLU A 159 -25.78 -7.11 -0.96
CA GLU A 159 -24.52 -6.45 -0.63
C GLU A 159 -23.72 -6.02 -1.85
N ASP A 160 -23.31 -4.75 -1.85
CA ASP A 160 -22.52 -4.18 -2.96
C ASP A 160 -23.20 -4.25 -4.32
N ILE A 161 -24.46 -4.68 -4.36
CA ILE A 161 -25.14 -4.79 -5.65
C ILE A 161 -26.43 -3.99 -5.75
N ILE A 162 -27.38 -4.31 -4.90
CA ILE A 162 -28.66 -3.62 -4.89
C ILE A 162 -28.85 -2.91 -3.56
N TYR A 163 -29.01 -1.58 -3.60
CA TYR A 163 -29.20 -0.79 -2.40
C TYR A 163 -30.61 -0.20 -2.36
N ASN A 164 -31.39 -0.60 -1.37
CA ASN A 164 -32.75 -0.09 -1.20
C ASN A 164 -32.81 0.81 0.04
N GLY A 165 -33.14 2.08 -0.15
CA GLY A 165 -33.26 2.97 1.00
C GLY A 165 -31.94 3.54 1.51
N ILE A 166 -30.84 3.13 0.89
CA ILE A 166 -29.52 3.64 1.26
C ILE A 166 -28.74 3.84 -0.03
N THR A 167 -27.80 4.77 0.00
CA THR A 167 -26.99 5.09 -1.17
C THR A 167 -25.75 4.22 -1.29
N ASP A 168 -25.18 4.16 -2.49
CA ASP A 168 -23.95 3.41 -2.69
C ASP A 168 -22.84 4.43 -2.44
N TRP A 169 -21.59 4.05 -2.64
CA TRP A 169 -20.50 4.99 -2.35
C TRP A 169 -20.61 6.36 -3.01
N VAL A 170 -20.69 6.39 -4.33
CA VAL A 170 -20.74 7.66 -5.04
C VAL A 170 -21.97 8.51 -4.74
N TYR A 171 -23.13 7.88 -4.55
CA TYR A 171 -24.32 8.67 -4.23
C TYR A 171 -24.24 9.26 -2.83
N GLU A 172 -23.63 8.51 -1.91
CA GLU A 172 -23.49 8.99 -0.53
C GLU A 172 -22.57 10.21 -0.47
N GLU A 173 -21.40 10.08 -1.10
CA GLU A 173 -20.41 11.14 -1.09
C GLU A 173 -20.69 12.35 -1.98
N GLU A 174 -21.03 12.10 -3.24
CA GLU A 174 -21.24 13.17 -4.21
C GLU A 174 -22.66 13.65 -4.54
N VAL A 175 -23.69 12.86 -4.21
CA VAL A 175 -25.04 13.28 -4.55
C VAL A 175 -25.91 13.70 -3.38
N PHE A 176 -26.12 12.82 -2.42
CA PHE A 176 -26.97 13.16 -1.27
C PHE A 176 -26.24 13.57 0.00
N SER A 177 -24.93 13.38 0.05
CA SER A 177 -24.18 13.73 1.26
C SER A 177 -24.86 13.07 2.44
N ALA A 178 -25.40 11.88 2.22
CA ALA A 178 -26.09 11.13 3.25
C ALA A 178 -26.14 9.68 2.83
N TYR A 179 -26.26 8.79 3.80
CA TYR A 179 -26.32 7.37 3.54
C TYR A 179 -27.77 6.97 3.29
N SER A 180 -28.69 7.70 3.90
CA SER A 180 -30.10 7.40 3.74
C SER A 180 -30.62 7.76 2.36
N ALA A 181 -31.54 6.93 1.86
CA ALA A 181 -32.16 7.14 0.57
C ALA A 181 -33.65 6.85 0.71
N LEU A 182 -34.24 7.32 1.80
CA LEU A 182 -35.66 7.16 2.03
C LEU A 182 -36.19 8.48 2.58
N TRP A 183 -37.40 8.82 2.16
CA TRP A 183 -38.01 10.09 2.57
C TRP A 183 -39.47 9.93 2.95
N TRP A 184 -39.76 10.10 4.23
CA TRP A 184 -41.14 10.00 4.71
C TRP A 184 -41.94 11.20 4.22
N SER A 185 -43.23 11.01 3.98
CA SER A 185 -44.08 12.12 3.57
C SER A 185 -44.31 12.91 4.85
N PRO A 186 -44.77 14.17 4.74
CA PRO A 186 -45.01 15.03 5.91
C PRO A 186 -45.69 14.42 7.13
N ASN A 187 -46.85 13.78 6.95
CA ASN A 187 -47.51 13.18 8.10
C ASN A 187 -47.21 11.70 8.29
N GLY A 188 -46.25 11.19 7.52
CA GLY A 188 -45.84 9.80 7.64
C GLY A 188 -46.65 8.72 6.93
N THR A 189 -47.61 9.10 6.12
CA THR A 189 -48.41 8.11 5.42
C THR A 189 -47.57 7.36 4.39
N PHE A 190 -46.88 8.11 3.53
CA PHE A 190 -46.05 7.51 2.49
C PHE A 190 -44.57 7.46 2.84
N LEU A 191 -43.90 6.44 2.31
CA LEU A 191 -42.46 6.30 2.49
C LEU A 191 -41.89 6.19 1.08
N ALA A 192 -41.11 7.18 0.69
CA ALA A 192 -40.50 7.16 -0.63
C ALA A 192 -39.07 6.70 -0.47
N TYR A 193 -38.50 6.11 -1.51
CA TYR A 193 -37.12 5.65 -1.43
C TYR A 193 -36.48 5.46 -2.79
N ALA A 194 -35.15 5.44 -2.80
CA ALA A 194 -34.41 5.24 -4.03
C ALA A 194 -33.78 3.86 -3.98
N GLN A 195 -33.57 3.27 -5.16
CA GLN A 195 -32.95 1.96 -5.26
C GLN A 195 -31.82 2.06 -6.27
N PHE A 196 -30.62 1.73 -5.82
CA PHE A 196 -29.45 1.80 -6.68
C PHE A 196 -28.96 0.42 -7.07
N ASN A 197 -28.63 0.26 -8.35
CA ASN A 197 -28.12 -0.99 -8.89
C ASN A 197 -26.69 -0.73 -9.33
N ASP A 198 -25.74 -1.37 -8.65
CA ASP A 198 -24.32 -1.19 -8.97
C ASP A 198 -23.74 -2.44 -9.63
N THR A 199 -24.61 -3.30 -10.14
CA THR A 199 -24.18 -4.55 -10.79
C THR A 199 -22.95 -4.44 -11.69
N GLU A 200 -22.90 -3.43 -12.54
CA GLU A 200 -21.77 -3.28 -13.45
C GLU A 200 -20.77 -2.18 -13.11
N VAL A 201 -20.87 -1.64 -11.90
CA VAL A 201 -19.94 -0.60 -11.48
C VAL A 201 -18.63 -1.26 -11.07
N PRO A 202 -17.50 -0.79 -11.62
CA PRO A 202 -16.21 -1.38 -11.27
C PRO A 202 -15.89 -1.19 -9.79
N LEU A 203 -15.00 -2.04 -9.26
CA LEU A 203 -14.63 -2.00 -7.86
C LEU A 203 -13.22 -1.46 -7.62
N ILE A 204 -13.08 -0.60 -6.61
CA ILE A 204 -11.76 -0.13 -6.25
C ILE A 204 -11.38 -1.17 -5.20
N GLU A 205 -10.15 -1.64 -5.24
CA GLU A 205 -9.71 -2.65 -4.28
C GLU A 205 -8.41 -2.20 -3.65
N TYR A 206 -8.29 -2.41 -2.34
CA TYR A 206 -7.08 -2.04 -1.62
C TYR A 206 -7.00 -2.87 -0.34
N SER A 207 -5.79 -3.01 0.19
CA SER A 207 -5.58 -3.80 1.39
C SER A 207 -5.89 -3.06 2.68
N PHE A 208 -6.34 -3.82 3.68
CA PHE A 208 -6.60 -3.30 5.01
C PHE A 208 -5.85 -4.27 5.87
N TYR A 209 -4.88 -3.77 6.63
CA TYR A 209 -4.04 -4.62 7.45
C TYR A 209 -4.61 -4.98 8.81
N SER A 210 -5.44 -4.10 9.36
CA SER A 210 -6.09 -4.35 10.65
C SER A 210 -5.05 -4.52 11.77
N ASP A 211 -5.51 -4.99 12.93
CA ASP A 211 -4.60 -5.21 14.04
C ASP A 211 -3.51 -6.20 13.66
N GLU A 212 -2.37 -6.06 14.33
CA GLU A 212 -1.22 -6.90 14.12
C GLU A 212 -1.56 -8.39 14.11
N SER A 213 -2.61 -8.75 14.86
CA SER A 213 -3.04 -10.15 14.95
C SER A 213 -3.58 -10.75 13.66
N LEU A 214 -4.02 -9.92 12.71
CA LEU A 214 -4.53 -10.48 11.46
C LEU A 214 -3.35 -10.99 10.64
N GLN A 215 -3.33 -12.30 10.39
CA GLN A 215 -2.22 -12.89 9.64
C GLN A 215 -2.21 -12.52 8.16
N TYR A 216 -3.38 -12.55 7.51
CA TYR A 216 -3.47 -12.19 6.09
C TYR A 216 -4.21 -10.88 5.92
N PRO A 217 -3.64 -9.95 5.14
CA PRO A 217 -4.32 -8.68 4.93
C PRO A 217 -5.68 -8.89 4.27
N LYS A 218 -6.63 -8.03 4.60
CA LYS A 218 -7.95 -8.12 4.02
C LYS A 218 -8.01 -7.22 2.79
N THR A 219 -8.74 -7.66 1.76
CA THR A 219 -8.88 -6.83 0.59
C THR A 219 -10.25 -6.19 0.60
N VAL A 220 -10.27 -4.87 0.77
CA VAL A 220 -11.52 -4.14 0.77
C VAL A 220 -11.91 -3.87 -0.68
N ARG A 221 -13.16 -4.13 -1.01
CA ARG A 221 -13.67 -3.95 -2.36
C ARG A 221 -14.90 -3.06 -2.32
N VAL A 222 -14.91 -2.00 -3.12
CA VAL A 222 -16.01 -1.06 -3.12
C VAL A 222 -16.46 -0.64 -4.51
N PRO A 223 -17.78 -0.76 -4.81
CA PRO A 223 -18.32 -0.37 -6.11
C PRO A 223 -18.06 1.14 -6.17
N TYR A 224 -17.18 1.54 -7.08
CA TYR A 224 -16.79 2.93 -7.19
C TYR A 224 -16.51 3.25 -8.65
N PRO A 225 -17.36 4.08 -9.27
CA PRO A 225 -17.17 4.44 -10.66
C PRO A 225 -16.19 5.60 -10.82
N LYS A 226 -15.06 5.36 -11.47
CA LYS A 226 -14.08 6.41 -11.70
C LYS A 226 -14.55 7.17 -12.94
N ALA A 227 -13.88 8.26 -13.29
CA ALA A 227 -14.29 9.06 -14.43
C ALA A 227 -14.50 8.28 -15.73
N GLY A 228 -15.70 8.38 -16.28
CA GLY A 228 -16.01 7.70 -17.52
C GLY A 228 -16.41 6.24 -17.40
N ALA A 229 -16.40 5.68 -16.19
CA ALA A 229 -16.76 4.29 -16.00
C ALA A 229 -18.28 4.09 -15.91
N VAL A 230 -18.70 2.84 -15.78
CA VAL A 230 -20.13 2.54 -15.66
C VAL A 230 -20.65 3.02 -14.31
N ASN A 231 -21.70 3.83 -14.36
CA ASN A 231 -22.33 4.38 -13.16
C ASN A 231 -23.44 3.48 -12.66
N PRO A 232 -23.85 3.65 -11.40
CA PRO A 232 -24.94 2.80 -10.91
C PRO A 232 -26.20 3.38 -11.56
N THR A 233 -27.24 2.56 -11.67
CA THR A 233 -28.50 3.04 -12.22
C THR A 233 -29.39 3.23 -11.00
N VAL A 234 -30.46 3.99 -11.16
CA VAL A 234 -31.34 4.26 -10.02
C VAL A 234 -32.81 4.20 -10.38
N LYS A 235 -33.63 3.84 -9.39
CA LYS A 235 -35.08 3.79 -9.55
C LYS A 235 -35.68 4.46 -8.32
N PHE A 236 -36.90 4.98 -8.45
CA PHE A 236 -37.56 5.66 -7.33
C PHE A 236 -38.94 5.04 -7.07
N PHE A 237 -39.25 4.85 -5.79
CA PHE A 237 -40.51 4.23 -5.40
C PHE A 237 -41.17 4.92 -4.24
N VAL A 238 -42.48 4.75 -4.12
CA VAL A 238 -43.24 5.31 -3.01
C VAL A 238 -44.19 4.24 -2.52
N VAL A 239 -44.19 3.97 -1.22
CA VAL A 239 -45.10 2.98 -0.67
C VAL A 239 -45.99 3.61 0.41
N ASN A 240 -47.24 3.17 0.48
CA ASN A 240 -48.20 3.69 1.45
C ASN A 240 -48.09 2.84 2.73
N THR A 241 -47.43 3.37 3.76
CA THR A 241 -47.25 2.64 5.00
C THR A 241 -48.55 2.41 5.78
N ASP A 242 -49.56 3.24 5.54
CA ASP A 242 -50.83 3.09 6.23
C ASP A 242 -51.58 1.83 5.77
N SER A 243 -51.19 1.27 4.63
CA SER A 243 -51.85 0.08 4.11
C SER A 243 -51.13 -1.20 4.49
N LEU A 244 -49.97 -1.08 5.11
CA LEU A 244 -49.17 -2.25 5.47
C LEU A 244 -49.91 -3.29 6.30
N SER A 245 -50.63 -2.84 7.33
CA SER A 245 -51.34 -3.76 8.20
C SER A 245 -52.63 -4.29 7.60
N SER A 246 -52.98 -3.82 6.40
CA SER A 246 -54.21 -4.25 5.72
C SER A 246 -53.96 -5.17 4.54
N VAL A 247 -52.78 -5.10 3.95
CA VAL A 247 -52.45 -5.96 2.83
C VAL A 247 -51.20 -6.76 3.18
N THR A 248 -51.09 -7.96 2.60
CA THR A 248 -49.96 -8.83 2.88
C THR A 248 -48.65 -8.26 2.38
N ASN A 249 -48.69 -7.57 1.25
CA ASN A 249 -47.48 -7.04 0.64
C ASN A 249 -47.77 -5.72 -0.10
N ALA A 250 -47.71 -4.61 0.64
CA ALA A 250 -47.99 -3.29 0.05
C ALA A 250 -47.10 -3.01 -1.17
N THR A 251 -47.72 -2.56 -2.24
CA THR A 251 -47.01 -2.26 -3.48
C THR A 251 -46.20 -0.97 -3.44
N SER A 252 -44.97 -1.05 -3.94
CA SER A 252 -44.11 0.12 -4.02
C SER A 252 -44.37 0.65 -5.43
N ILE A 253 -45.01 1.81 -5.51
CA ILE A 253 -45.32 2.41 -6.80
C ILE A 253 -44.08 3.13 -7.31
N GLN A 254 -43.63 2.79 -8.51
CA GLN A 254 -42.45 3.43 -9.07
C GLN A 254 -42.79 4.72 -9.81
N ILE A 255 -41.92 5.72 -9.67
CA ILE A 255 -42.08 6.97 -10.39
C ILE A 255 -40.87 7.00 -11.32
N THR A 256 -41.12 6.80 -12.61
CA THR A 256 -40.04 6.78 -13.58
C THR A 256 -39.54 8.17 -13.93
N ALA A 257 -38.26 8.25 -14.28
CA ALA A 257 -37.62 9.49 -14.65
C ALA A 257 -38.16 9.99 -15.99
N PRO A 258 -38.03 11.30 -16.26
CA PRO A 258 -38.49 11.93 -17.50
C PRO A 258 -37.82 11.31 -18.70
N ALA A 259 -38.45 11.41 -19.86
CA ALA A 259 -37.87 10.85 -21.09
C ALA A 259 -36.58 11.60 -21.41
N SER A 260 -36.53 12.87 -21.01
CA SER A 260 -35.35 13.70 -21.25
C SER A 260 -34.13 13.13 -20.52
N MET A 261 -34.39 12.27 -19.53
CA MET A 261 -33.34 11.65 -18.73
C MET A 261 -33.07 10.23 -19.18
N LEU A 262 -34.14 9.49 -19.46
CA LEU A 262 -34.04 8.10 -19.88
C LEU A 262 -33.23 7.89 -21.16
N ILE A 263 -33.05 8.93 -21.96
CA ILE A 263 -32.29 8.81 -23.21
C ILE A 263 -30.82 8.45 -22.96
N GLY A 264 -30.37 8.64 -21.72
CA GLY A 264 -28.99 8.31 -21.39
C GLY A 264 -28.73 8.17 -19.90
N ASP A 265 -27.46 8.13 -19.52
CA ASP A 265 -27.10 8.01 -18.12
C ASP A 265 -27.64 9.24 -17.39
N HIS A 266 -28.08 9.06 -16.16
CA HIS A 266 -28.61 10.17 -15.37
C HIS A 266 -28.52 9.86 -13.89
N TYR A 267 -28.88 10.85 -13.07
CA TYR A 267 -28.87 10.71 -11.62
C TYR A 267 -30.16 11.25 -11.02
N LEU A 268 -30.50 10.73 -9.85
CA LEU A 268 -31.65 11.23 -9.10
C LEU A 268 -30.85 12.13 -8.16
N CYS A 269 -31.09 13.45 -8.20
CA CYS A 269 -30.31 14.36 -7.37
C CYS A 269 -31.02 15.07 -6.22
N ASP A 270 -32.35 15.01 -6.20
CA ASP A 270 -33.10 15.64 -5.11
C ASP A 270 -34.47 15.01 -4.95
N VAL A 271 -34.90 14.93 -3.70
CA VAL A 271 -36.20 14.39 -3.34
C VAL A 271 -36.73 15.31 -2.25
N THR A 272 -37.90 15.88 -2.47
CA THR A 272 -38.49 16.79 -1.50
C THR A 272 -40.01 16.75 -1.60
N TRP A 273 -40.66 16.43 -0.49
CA TRP A 273 -42.11 16.38 -0.45
C TRP A 273 -42.66 17.80 -0.38
N ALA A 274 -43.81 18.03 -1.03
CA ALA A 274 -44.43 19.35 -1.03
C ALA A 274 -45.63 19.32 -0.08
N THR A 275 -46.45 18.28 -0.18
CA THR A 275 -47.63 18.11 0.66
C THR A 275 -47.76 16.63 1.01
N GLN A 276 -48.88 16.26 1.64
CA GLN A 276 -49.13 14.88 2.01
C GLN A 276 -49.30 13.99 0.78
N GLU A 277 -49.64 14.60 -0.35
CA GLU A 277 -49.87 13.83 -1.57
C GLU A 277 -49.17 14.37 -2.80
N ARG A 278 -48.09 15.11 -2.59
CA ARG A 278 -47.33 15.69 -3.70
C ARG A 278 -45.84 15.65 -3.37
N ILE A 279 -45.07 15.04 -4.25
CA ILE A 279 -43.63 14.93 -4.05
C ILE A 279 -42.90 15.44 -5.28
N SER A 280 -41.80 16.17 -5.06
CA SER A 280 -41.02 16.69 -6.16
C SER A 280 -39.72 15.92 -6.24
N LEU A 281 -39.27 15.66 -7.46
CA LEU A 281 -38.03 14.94 -7.71
C LEU A 281 -37.24 15.70 -8.74
N GLN A 282 -35.92 15.73 -8.57
CA GLN A 282 -35.07 16.39 -9.54
C GLN A 282 -34.10 15.36 -10.09
N TRP A 283 -33.96 15.33 -11.41
CA TRP A 283 -33.07 14.40 -12.06
C TRP A 283 -31.97 15.21 -12.76
N LEU A 284 -30.80 14.60 -12.90
CA LEU A 284 -29.66 15.25 -13.54
C LEU A 284 -29.00 14.31 -14.57
N ARG A 285 -28.69 14.84 -15.74
CA ARG A 285 -28.03 14.05 -16.79
C ARG A 285 -26.58 13.82 -16.40
N ARG A 286 -26.00 12.70 -16.84
CA ARG A 286 -24.61 12.44 -16.51
C ARG A 286 -23.79 13.66 -16.92
N ILE A 287 -24.24 14.34 -17.98
CA ILE A 287 -23.60 15.58 -18.43
C ILE A 287 -24.38 16.61 -17.62
N GLN A 288 -23.83 16.91 -16.45
CA GLN A 288 -24.45 17.78 -15.44
C GLN A 288 -24.81 19.24 -15.71
N ASN A 289 -25.21 19.59 -16.92
CA ASN A 289 -25.61 20.96 -17.19
C ASN A 289 -27.08 21.01 -17.60
N TYR A 290 -27.82 19.97 -17.22
CA TYR A 290 -29.24 19.89 -17.54
C TYR A 290 -29.97 19.05 -16.49
N SER A 291 -30.90 19.68 -15.76
CA SER A 291 -31.67 19.00 -14.74
C SER A 291 -33.16 19.22 -14.94
N VAL A 292 -33.95 18.24 -14.54
CA VAL A 292 -35.39 18.30 -14.69
C VAL A 292 -36.07 18.00 -13.35
N MET A 293 -37.01 18.85 -12.95
CA MET A 293 -37.73 18.64 -11.71
C MET A 293 -39.16 18.24 -12.03
N ASP A 294 -39.58 17.09 -11.52
CA ASP A 294 -40.95 16.63 -11.70
C ASP A 294 -41.69 16.86 -10.40
N ILE A 295 -42.97 17.21 -10.49
CA ILE A 295 -43.80 17.44 -9.31
C ILE A 295 -44.96 16.46 -9.51
N CYS A 296 -45.00 15.45 -8.66
CA CYS A 296 -46.00 14.38 -8.78
C CYS A 296 -47.04 14.26 -7.67
N ASP A 297 -48.29 14.09 -8.09
CA ASP A 297 -49.43 13.97 -7.19
C ASP A 297 -49.98 12.55 -7.11
N TYR A 298 -50.47 12.19 -5.94
CA TYR A 298 -51.04 10.87 -5.73
C TYR A 298 -52.44 10.86 -6.36
N ASP A 299 -52.72 9.83 -7.16
CA ASP A 299 -54.02 9.68 -7.80
C ASP A 299 -54.76 8.61 -7.01
N GLU A 300 -55.64 9.07 -6.12
CA GLU A 300 -56.41 8.16 -5.26
C GLU A 300 -57.24 7.12 -6.00
N SER A 301 -57.62 7.41 -7.24
CA SER A 301 -58.43 6.47 -8.01
C SER A 301 -57.62 5.36 -8.66
N SER A 302 -56.40 5.67 -9.09
CA SER A 302 -55.55 4.68 -9.73
C SER A 302 -54.44 4.19 -8.81
N GLY A 303 -54.27 4.86 -7.68
CA GLY A 303 -53.23 4.47 -6.75
C GLY A 303 -51.85 4.76 -7.30
N ARG A 304 -51.79 5.48 -8.41
CA ARG A 304 -50.52 5.82 -9.05
C ARG A 304 -50.09 7.27 -8.79
N TRP A 305 -48.82 7.56 -9.07
CA TRP A 305 -48.29 8.91 -8.90
C TRP A 305 -48.03 9.50 -10.29
N ASN A 306 -48.70 10.59 -10.61
CA ASN A 306 -48.53 11.22 -11.91
C ASN A 306 -47.82 12.56 -11.82
N CYS A 307 -46.89 12.79 -12.73
CA CYS A 307 -46.14 14.04 -12.76
C CYS A 307 -46.51 14.81 -14.04
N LEU A 308 -47.36 15.82 -13.90
CA LEU A 308 -47.79 16.61 -15.05
C LEU A 308 -46.66 17.43 -15.66
N VAL A 309 -46.52 17.33 -16.99
CA VAL A 309 -45.48 18.05 -17.70
C VAL A 309 -45.64 19.55 -17.48
N ALA A 310 -46.87 20.00 -17.27
CA ALA A 310 -47.13 21.42 -17.03
C ALA A 310 -46.51 21.86 -15.71
N ARG A 311 -46.09 20.89 -14.90
CA ARG A 311 -45.47 21.16 -13.60
C ARG A 311 -44.01 20.73 -13.58
N GLN A 312 -43.47 20.48 -14.76
CA GLN A 312 -42.08 20.05 -14.89
C GLN A 312 -41.23 21.29 -15.12
N HIS A 313 -40.16 21.43 -14.34
CA HIS A 313 -39.27 22.58 -14.45
C HIS A 313 -37.87 22.18 -14.88
N ILE A 314 -37.35 22.88 -15.89
CA ILE A 314 -36.01 22.61 -16.39
C ILE A 314 -35.01 23.64 -15.89
N GLU A 315 -33.83 23.17 -15.53
CA GLU A 315 -32.78 24.05 -15.04
C GLU A 315 -31.48 23.64 -15.71
N MET A 316 -30.94 24.51 -16.56
CA MET A 316 -29.71 24.21 -17.26
C MET A 316 -28.68 25.34 -17.10
N SER A 317 -27.47 25.10 -17.58
CA SER A 317 -26.42 26.10 -17.49
C SER A 317 -25.63 26.09 -18.78
N THR A 318 -25.27 27.28 -19.25
CA THR A 318 -24.50 27.39 -20.48
C THR A 318 -23.03 27.63 -20.20
N THR A 319 -22.73 28.19 -19.04
CA THR A 319 -21.35 28.49 -18.64
C THR A 319 -20.67 27.40 -17.82
N GLY A 320 -21.46 26.52 -17.20
CA GLY A 320 -20.86 25.46 -16.41
C GLY A 320 -21.84 24.35 -16.08
N TRP A 321 -21.76 23.87 -14.84
CA TRP A 321 -22.63 22.81 -14.38
C TRP A 321 -23.83 23.47 -13.68
N VAL A 322 -24.78 22.66 -13.22
CA VAL A 322 -25.96 23.18 -12.54
C VAL A 322 -25.79 23.15 -11.03
N GLY A 323 -26.00 24.29 -10.37
CA GLY A 323 -25.88 24.36 -8.93
C GLY A 323 -24.45 24.53 -8.46
N ARG A 324 -24.25 24.75 -7.16
CA ARG A 324 -22.90 24.90 -6.64
C ARG A 324 -22.21 23.54 -6.71
N PHE A 325 -22.85 22.53 -6.13
CA PHE A 325 -22.33 21.16 -6.15
C PHE A 325 -23.41 20.23 -6.71
N ARG A 326 -24.61 20.78 -6.87
CA ARG A 326 -25.76 20.05 -7.41
C ARG A 326 -26.97 20.96 -7.45
N PRO A 327 -27.99 20.60 -8.23
CA PRO A 327 -29.21 21.42 -8.33
C PRO A 327 -29.75 21.67 -6.93
N SER A 328 -30.09 22.93 -6.64
CA SER A 328 -30.60 23.32 -5.33
C SER A 328 -31.96 22.71 -5.01
N GLU A 329 -32.24 22.58 -3.72
CA GLU A 329 -33.51 22.01 -3.27
C GLU A 329 -34.61 23.06 -3.24
N PRO A 330 -35.85 22.64 -3.50
CA PRO A 330 -36.98 23.56 -3.49
C PRO A 330 -37.53 23.67 -2.08
N HIS A 331 -38.08 24.82 -1.75
CA HIS A 331 -38.67 25.07 -0.44
C HIS A 331 -40.11 25.48 -0.72
N PHE A 332 -41.03 24.53 -0.50
CA PHE A 332 -42.44 24.74 -0.77
C PHE A 332 -43.27 25.52 0.23
N THR A 333 -44.24 26.25 -0.32
CA THR A 333 -45.19 27.02 0.48
C THR A 333 -46.04 25.92 1.11
N LEU A 334 -46.62 26.20 2.27
CA LEU A 334 -47.45 25.22 2.97
C LEU A 334 -48.42 24.45 2.08
N ASP A 335 -49.13 25.15 1.22
CA ASP A 335 -50.11 24.52 0.33
C ASP A 335 -49.48 23.73 -0.82
N GLY A 336 -48.16 23.84 -0.96
CA GLY A 336 -47.48 23.12 -2.02
C GLY A 336 -47.76 23.58 -3.45
N ASN A 337 -48.30 24.78 -3.61
CA ASN A 337 -48.60 25.29 -4.95
C ASN A 337 -47.53 26.22 -5.50
N SER A 338 -46.51 26.48 -4.70
CA SER A 338 -45.41 27.32 -5.13
C SER A 338 -44.19 26.98 -4.29
N PHE A 339 -43.00 27.29 -4.81
CA PHE A 339 -41.79 27.02 -4.06
C PHE A 339 -40.71 28.04 -4.34
N TYR A 340 -39.69 28.06 -3.49
CA TYR A 340 -38.58 28.98 -3.65
C TYR A 340 -37.35 28.14 -3.93
N LYS A 341 -36.48 28.63 -4.79
CA LYS A 341 -35.29 27.89 -5.15
C LYS A 341 -34.15 28.85 -5.45
N ILE A 342 -32.96 28.53 -4.95
CA ILE A 342 -31.80 29.37 -5.21
C ILE A 342 -31.26 28.99 -6.57
N ILE A 343 -31.24 29.93 -7.50
CA ILE A 343 -30.72 29.65 -8.83
C ILE A 343 -29.90 30.83 -9.31
N SER A 344 -29.01 30.57 -10.25
CA SER A 344 -28.14 31.61 -10.79
C SER A 344 -28.96 32.51 -11.72
N ASN A 345 -28.92 33.81 -11.49
CA ASN A 345 -29.67 34.73 -12.36
C ASN A 345 -28.89 35.02 -13.64
N GLU A 346 -29.42 35.93 -14.45
CA GLU A 346 -28.78 36.29 -15.71
C GLU A 346 -27.38 36.85 -15.52
N GLU A 347 -27.13 37.48 -14.37
CA GLU A 347 -25.82 38.05 -14.08
C GLU A 347 -24.85 36.99 -13.55
N GLY A 348 -25.37 35.79 -13.31
CA GLY A 348 -24.52 34.72 -12.82
C GLY A 348 -24.43 34.66 -11.30
N TYR A 349 -25.29 35.40 -10.61
CA TYR A 349 -25.30 35.39 -9.15
C TYR A 349 -26.50 34.59 -8.66
N ARG A 350 -26.26 33.71 -7.70
CA ARG A 350 -27.30 32.86 -7.15
C ARG A 350 -28.23 33.58 -6.19
N HIS A 351 -29.50 33.63 -6.57
CA HIS A 351 -30.53 34.29 -5.80
C HIS A 351 -31.80 33.45 -5.70
N ILE A 352 -32.69 33.85 -4.80
CA ILE A 352 -33.93 33.14 -4.59
C ILE A 352 -34.97 33.49 -5.65
N CYS A 353 -35.50 32.47 -6.32
CA CYS A 353 -36.51 32.68 -7.34
C CYS A 353 -37.78 32.00 -6.86
N TYR A 354 -38.92 32.66 -7.06
CA TYR A 354 -40.22 32.14 -6.62
C TYR A 354 -40.95 31.48 -7.80
N PHE A 355 -41.33 30.22 -7.62
CA PHE A 355 -42.02 29.44 -8.65
C PHE A 355 -43.45 29.05 -8.30
N GLN A 356 -44.33 29.07 -9.31
CA GLN A 356 -45.70 28.60 -9.14
C GLN A 356 -45.48 27.22 -9.76
N ILE A 357 -45.98 26.16 -9.14
CA ILE A 357 -45.70 24.84 -9.70
C ILE A 357 -46.07 24.61 -11.15
N ASP A 358 -47.06 25.34 -11.67
CA ASP A 358 -47.46 25.15 -13.05
C ASP A 358 -47.13 26.30 -14.00
N LYS A 359 -46.09 27.06 -13.66
CA LYS A 359 -45.63 28.16 -14.49
C LYS A 359 -44.12 28.01 -14.58
N LYS A 360 -43.60 27.97 -15.80
CA LYS A 360 -42.17 27.76 -16.02
C LYS A 360 -41.24 28.93 -15.72
N ASP A 361 -41.77 30.16 -15.72
CA ASP A 361 -40.94 31.32 -15.44
C ASP A 361 -41.07 31.73 -13.98
N CYS A 362 -39.94 31.78 -13.27
CA CYS A 362 -39.95 32.15 -11.86
C CYS A 362 -39.64 33.62 -11.70
N THR A 363 -39.86 34.13 -10.48
CA THR A 363 -39.60 35.53 -10.19
C THR A 363 -38.55 35.66 -9.10
N PHE A 364 -37.44 36.31 -9.42
CA PHE A 364 -36.38 36.51 -8.46
C PHE A 364 -36.83 37.47 -7.38
N ILE A 365 -36.65 37.09 -6.11
CA ILE A 365 -37.07 37.96 -5.02
C ILE A 365 -35.90 38.67 -4.37
N THR A 366 -34.68 38.29 -4.76
CA THR A 366 -33.47 38.93 -4.27
C THR A 366 -32.57 39.11 -5.48
N LYS A 367 -31.62 40.04 -5.40
CA LYS A 367 -30.69 40.27 -6.50
C LYS A 367 -29.55 41.17 -6.04
N GLY A 368 -28.51 41.24 -6.84
CA GLY A 368 -27.36 42.05 -6.49
C GLY A 368 -26.05 41.31 -6.74
N THR A 369 -24.94 41.99 -6.54
CA THR A 369 -23.64 41.37 -6.76
C THR A 369 -23.13 40.70 -5.49
N TRP A 370 -23.90 39.71 -5.04
CA TRP A 370 -23.59 38.92 -3.86
C TRP A 370 -24.45 37.67 -4.02
N GLU A 371 -24.35 36.72 -3.09
CA GLU A 371 -25.14 35.52 -3.25
C GLU A 371 -25.87 34.99 -2.03
N VAL A 372 -27.02 34.36 -2.29
CA VAL A 372 -27.78 33.75 -1.22
C VAL A 372 -27.09 32.41 -0.98
N ILE A 373 -26.75 32.13 0.27
CA ILE A 373 -26.07 30.88 0.62
C ILE A 373 -27.08 29.76 0.79
N GLY A 374 -28.17 30.05 1.48
CA GLY A 374 -29.20 29.05 1.70
C GLY A 374 -30.49 29.61 2.28
N ILE A 375 -31.58 28.87 2.08
CA ILE A 375 -32.89 29.23 2.59
C ILE A 375 -33.02 28.44 3.89
N GLU A 376 -33.16 29.14 5.00
CA GLU A 376 -33.25 28.52 6.32
C GLU A 376 -34.64 28.21 6.86
N ALA A 377 -35.63 29.04 6.53
CA ALA A 377 -36.97 28.81 7.01
C ALA A 377 -37.97 29.59 6.19
N LEU A 378 -39.21 29.15 6.20
CA LEU A 378 -40.27 29.79 5.43
C LEU A 378 -41.57 29.72 6.22
N THR A 379 -42.17 30.88 6.47
CA THR A 379 -43.44 30.94 7.18
C THR A 379 -44.43 31.55 6.21
N SER A 380 -45.67 31.70 6.64
CA SER A 380 -46.71 32.26 5.78
C SER A 380 -46.44 33.72 5.45
N ASP A 381 -45.59 34.38 6.25
CA ASP A 381 -45.29 35.78 6.03
C ASP A 381 -43.83 36.11 5.74
N TYR A 382 -42.92 35.21 6.08
CA TYR A 382 -41.50 35.47 5.87
C TYR A 382 -40.65 34.30 5.42
N LEU A 383 -39.58 34.63 4.71
CA LEU A 383 -38.61 33.63 4.26
C LEU A 383 -37.29 34.12 4.84
N TYR A 384 -36.60 33.25 5.58
CA TYR A 384 -35.32 33.60 6.19
C TYR A 384 -34.21 32.91 5.43
N TYR A 385 -33.16 33.67 5.09
CA TYR A 385 -32.05 33.11 4.33
C TYR A 385 -30.70 33.65 4.79
N ILE A 386 -29.63 32.97 4.39
CA ILE A 386 -28.27 33.38 4.74
C ILE A 386 -27.61 33.85 3.44
N SER A 387 -26.82 34.91 3.52
CA SER A 387 -26.13 35.42 2.33
C SER A 387 -24.87 36.15 2.74
N ASN A 388 -24.06 36.52 1.76
CA ASN A 388 -22.82 37.25 2.03
C ASN A 388 -22.92 38.69 1.51
N GLU A 389 -24.13 39.25 1.56
CA GLU A 389 -24.35 40.63 1.08
C GLU A 389 -23.69 41.69 1.95
N TYR A 390 -23.77 41.51 3.26
CA TYR A 390 -23.23 42.50 4.20
C TYR A 390 -21.81 42.96 3.89
N LYS A 391 -21.67 44.27 3.68
CA LYS A 391 -20.39 44.88 3.40
C LYS A 391 -19.68 44.32 2.17
N GLY A 392 -20.43 43.64 1.30
CA GLY A 392 -19.83 43.09 0.10
C GLY A 392 -18.70 42.12 0.41
N MET A 393 -18.79 41.42 1.53
CA MET A 393 -17.77 40.46 1.94
C MET A 393 -18.24 39.04 1.62
N PRO A 394 -17.74 38.44 0.53
CA PRO A 394 -18.10 37.10 0.10
C PRO A 394 -17.85 36.03 1.15
N GLY A 395 -16.92 36.32 2.06
CA GLY A 395 -16.57 35.39 3.12
C GLY A 395 -17.31 35.62 4.43
N GLY A 396 -18.34 36.46 4.39
CA GLY A 396 -19.14 36.71 5.57
C GLY A 396 -20.49 36.06 5.41
N ARG A 397 -21.20 35.80 6.52
CA ARG A 397 -22.51 35.15 6.47
C ARG A 397 -23.47 35.80 7.47
N ASN A 398 -24.64 36.22 7.01
CA ASN A 398 -25.63 36.82 7.89
C ASN A 398 -27.05 36.34 7.58
N LEU A 399 -27.89 36.34 8.62
CA LEU A 399 -29.28 35.90 8.48
C LEU A 399 -30.17 37.08 8.10
N TYR A 400 -31.00 36.88 7.09
CA TYR A 400 -31.91 37.92 6.63
C TYR A 400 -33.36 37.43 6.61
N LYS A 401 -34.28 38.38 6.73
CA LYS A 401 -35.70 38.12 6.71
C LYS A 401 -36.36 38.99 5.64
N ILE A 402 -37.08 38.37 4.71
CA ILE A 402 -37.73 39.13 3.66
C ILE A 402 -39.24 38.93 3.69
N GLN A 403 -39.98 40.03 3.64
CA GLN A 403 -41.44 40.00 3.68
C GLN A 403 -42.00 39.48 2.37
N LEU A 404 -42.74 38.38 2.45
CA LEU A 404 -43.32 37.77 1.26
C LEU A 404 -44.35 38.67 0.56
N SER A 405 -45.01 39.53 1.31
CA SER A 405 -46.01 40.42 0.72
C SER A 405 -45.39 41.73 0.21
N ASP A 406 -44.10 41.92 0.45
CA ASP A 406 -43.40 43.13 0.00
C ASP A 406 -41.90 42.85 -0.01
N TYR A 407 -41.40 42.38 -1.15
CA TYR A 407 -39.99 42.04 -1.30
C TYR A 407 -38.98 43.17 -1.00
N THR A 408 -39.46 44.41 -0.97
CA THR A 408 -38.57 45.55 -0.70
C THR A 408 -38.25 45.60 0.78
N LYS A 409 -39.00 44.83 1.57
CA LYS A 409 -38.80 44.78 3.01
C LYS A 409 -37.87 43.62 3.38
N VAL A 410 -36.60 43.94 3.52
CA VAL A 410 -35.57 42.97 3.87
C VAL A 410 -34.82 43.44 5.10
N THR A 411 -34.85 42.62 6.16
CA THR A 411 -34.17 42.98 7.40
C THR A 411 -33.03 42.01 7.66
N CYS A 412 -31.86 42.55 8.03
CA CYS A 412 -30.75 41.67 8.37
C CYS A 412 -30.88 41.46 9.87
N LEU A 413 -31.12 40.23 10.28
CA LEU A 413 -31.31 39.89 11.68
C LEU A 413 -30.04 39.64 12.48
N SER A 414 -28.88 39.65 11.84
CA SER A 414 -27.66 39.37 12.57
C SER A 414 -26.50 40.34 12.32
N CYS A 415 -26.56 41.06 11.21
CA CYS A 415 -25.52 42.00 10.81
C CYS A 415 -24.95 42.89 11.92
N GLU A 416 -25.83 43.56 12.66
CA GLU A 416 -25.40 44.48 13.71
C GLU A 416 -25.42 43.95 15.15
N LEU A 417 -25.65 42.65 15.33
CA LEU A 417 -25.69 42.10 16.68
C LEU A 417 -24.35 42.37 17.38
N ASN A 418 -23.26 42.13 16.66
CA ASN A 418 -21.92 42.37 17.17
C ASN A 418 -21.02 42.30 15.95
N PRO A 419 -21.01 43.38 15.16
CA PRO A 419 -20.25 43.57 13.93
C PRO A 419 -18.75 43.29 14.01
N GLU A 420 -18.13 43.61 15.14
CA GLU A 420 -16.68 43.39 15.26
C GLU A 420 -16.35 41.95 15.58
N ARG A 421 -17.18 41.32 16.41
CA ARG A 421 -16.95 39.95 16.81
C ARG A 421 -17.62 38.91 15.90
N CYS A 422 -18.76 39.28 15.32
CA CYS A 422 -19.51 38.36 14.49
C CYS A 422 -19.85 38.79 13.09
N GLN A 423 -19.30 38.06 12.12
CA GLN A 423 -19.52 38.34 10.71
C GLN A 423 -19.83 37.05 9.94
N TYR A 424 -19.92 35.94 10.65
CA TYR A 424 -20.21 34.64 10.02
C TYR A 424 -21.24 33.90 10.86
N TYR A 425 -22.45 33.79 10.35
CA TYR A 425 -23.51 33.11 11.09
C TYR A 425 -24.12 31.90 10.41
N SER A 426 -24.70 31.02 11.23
CA SER A 426 -25.42 29.83 10.77
C SER A 426 -26.59 29.92 11.74
N VAL A 427 -27.74 29.37 11.37
CA VAL A 427 -28.91 29.47 12.23
C VAL A 427 -29.70 28.16 12.39
N SER A 428 -30.45 28.06 13.47
CA SER A 428 -31.27 26.90 13.75
C SER A 428 -32.65 27.31 14.26
N PHE A 429 -33.66 27.22 13.39
CA PHE A 429 -35.03 27.59 13.75
C PHE A 429 -35.78 26.47 14.44
N SER A 430 -36.75 26.84 15.28
CA SER A 430 -37.57 25.86 15.98
C SER A 430 -38.53 25.26 14.96
N LYS A 431 -39.32 24.28 15.37
CA LYS A 431 -40.25 23.60 14.46
C LYS A 431 -41.04 24.50 13.50
N GLU A 432 -41.69 25.53 14.02
CA GLU A 432 -42.45 26.46 13.17
C GLU A 432 -41.80 27.83 13.10
N ALA A 433 -40.48 27.85 13.27
CA ALA A 433 -39.71 29.10 13.23
C ALA A 433 -40.13 30.13 14.27
N LYS A 434 -40.67 29.67 15.39
CA LYS A 434 -41.09 30.59 16.44
C LYS A 434 -39.85 31.15 17.15
N TYR A 435 -38.77 30.38 17.15
CA TYR A 435 -37.52 30.82 17.76
C TYR A 435 -36.36 30.39 16.89
N TYR A 436 -35.22 31.04 17.06
CA TYR A 436 -34.04 30.67 16.30
C TYR A 436 -32.76 30.90 17.08
N GLN A 437 -31.85 29.94 16.99
CA GLN A 437 -30.56 30.03 17.65
C GLN A 437 -29.57 30.50 16.61
N LEU A 438 -28.81 31.52 16.95
CA LEU A 438 -27.80 32.03 16.03
C LEU A 438 -26.43 31.54 16.47
N ARG A 439 -25.64 31.08 15.51
CA ARG A 439 -24.30 30.60 15.80
C ARG A 439 -23.26 31.47 15.10
N CYS A 440 -22.59 32.30 15.88
CA CYS A 440 -21.55 33.17 15.37
C CYS A 440 -20.25 32.39 15.45
N SER A 441 -19.51 32.31 14.36
CA SER A 441 -18.26 31.55 14.37
C SER A 441 -17.00 32.35 14.07
N GLY A 442 -17.12 33.67 14.01
CA GLY A 442 -15.96 34.51 13.73
C GLY A 442 -16.33 35.91 13.29
N PRO A 443 -15.35 36.82 13.13
CA PRO A 443 -13.92 36.62 13.34
C PRO A 443 -13.49 36.43 14.80
N GLY A 444 -14.38 36.73 15.73
CA GLY A 444 -14.07 36.56 17.13
C GLY A 444 -14.42 35.16 17.58
N LEU A 445 -14.39 34.93 18.89
CA LEU A 445 -14.72 33.61 19.41
C LEU A 445 -16.19 33.31 19.16
N PRO A 446 -16.53 32.02 18.96
CA PRO A 446 -17.92 31.62 18.72
C PRO A 446 -18.87 32.10 19.81
N LEU A 447 -20.00 32.66 19.38
CA LEU A 447 -21.02 33.15 20.29
C LEU A 447 -22.36 32.54 19.89
N TYR A 448 -23.03 31.92 20.85
CA TYR A 448 -24.32 31.28 20.61
C TYR A 448 -25.42 32.06 21.32
N THR A 449 -26.48 32.40 20.58
CA THR A 449 -27.58 33.16 21.16
C THR A 449 -28.95 32.62 20.73
N LEU A 450 -29.96 32.90 21.56
CA LEU A 450 -31.32 32.47 21.28
C LEU A 450 -32.18 33.70 21.01
N HIS A 451 -33.07 33.60 20.03
CA HIS A 451 -33.92 34.73 19.66
C HIS A 451 -35.37 34.32 19.41
N SER A 452 -36.30 35.26 19.59
CA SER A 452 -37.71 34.98 19.35
C SER A 452 -38.10 35.68 18.04
N SER A 453 -38.71 34.93 17.14
CA SER A 453 -39.10 35.45 15.83
C SER A 453 -40.23 36.49 15.83
N VAL A 454 -41.15 36.37 16.77
CA VAL A 454 -42.29 37.29 16.83
C VAL A 454 -41.89 38.76 16.89
N ASN A 455 -40.74 39.05 17.49
CA ASN A 455 -40.27 40.42 17.62
C ASN A 455 -38.78 40.56 17.31
N ASP A 456 -38.16 39.44 16.94
CA ASP A 456 -36.74 39.42 16.61
C ASP A 456 -35.87 39.96 17.74
N LYS A 457 -36.29 39.73 18.98
CA LYS A 457 -35.52 40.18 20.12
C LYS A 457 -34.62 39.05 20.63
N GLY A 458 -33.44 39.41 21.11
CA GLY A 458 -32.53 38.43 21.63
C GLY A 458 -33.05 37.97 22.97
N LEU A 459 -33.23 36.67 23.15
CA LEU A 459 -33.73 36.14 24.40
C LEU A 459 -32.62 36.00 25.45
N ARG A 460 -31.49 35.45 25.04
CA ARG A 460 -30.37 35.25 25.96
C ARG A 460 -29.14 34.71 25.25
N VAL A 461 -28.02 34.75 25.96
CA VAL A 461 -26.76 34.24 25.43
C VAL A 461 -26.69 32.80 25.92
N LEU A 462 -26.47 31.87 24.99
CA LEU A 462 -26.40 30.46 25.35
C LEU A 462 -24.98 30.05 25.71
N GLU A 463 -24.01 30.61 25.01
CA GLU A 463 -22.59 30.31 25.25
C GLU A 463 -21.77 31.38 24.56
N ASP A 464 -20.92 32.06 25.34
CA ASP A 464 -20.08 33.11 24.79
C ASP A 464 -18.60 32.79 24.79
N ASN A 465 -18.24 31.60 25.27
CA ASN A 465 -16.84 31.19 25.32
C ASN A 465 -15.99 32.15 26.14
N SER A 466 -16.52 32.60 27.27
CA SER A 466 -15.81 33.53 28.12
C SER A 466 -14.59 32.82 28.73
N ALA A 467 -14.80 31.58 29.17
CA ALA A 467 -13.72 30.80 29.76
C ALA A 467 -12.52 30.76 28.82
N LEU A 468 -12.73 30.30 27.60
CA LEU A 468 -11.66 30.22 26.61
C LEU A 468 -11.03 31.58 26.37
N ASP A 469 -11.86 32.62 26.28
CA ASP A 469 -11.35 33.97 26.06
C ASP A 469 -10.33 34.33 27.14
N LYS A 470 -10.64 33.98 28.38
CA LYS A 470 -9.75 34.27 29.49
C LYS A 470 -8.40 33.59 29.24
N MET A 471 -8.44 32.29 28.95
CA MET A 471 -7.23 31.52 28.69
C MET A 471 -6.37 32.13 27.58
N LEU A 472 -6.98 32.41 26.44
CA LEU A 472 -6.27 32.98 25.30
C LEU A 472 -5.59 34.31 25.60
N GLN A 473 -5.95 34.92 26.73
CA GLN A 473 -5.36 36.20 27.13
C GLN A 473 -3.89 36.02 27.48
N ASN A 474 -3.57 34.89 28.12
CA ASN A 474 -2.20 34.60 28.52
C ASN A 474 -1.40 33.97 27.39
N VAL A 475 -1.86 34.15 26.15
CA VAL A 475 -1.18 33.57 25.00
C VAL A 475 -0.99 34.57 23.86
N GLN A 476 0.17 34.51 23.22
CA GLN A 476 0.47 35.39 22.10
C GLN A 476 -0.19 34.86 20.83
N MET A 477 -1.50 35.05 20.73
CA MET A 477 -2.24 34.57 19.58
C MET A 477 -1.96 35.37 18.31
N PRO A 478 -2.06 34.70 17.15
CA PRO A 478 -1.83 35.35 15.86
C PRO A 478 -3.06 36.18 15.52
N SER A 479 -2.95 36.99 14.49
CA SER A 479 -4.09 37.80 14.08
C SER A 479 -4.43 37.37 12.67
N LYS A 480 -5.63 37.70 12.22
CA LYS A 480 -6.05 37.34 10.88
C LYS A 480 -6.38 38.57 10.07
N LYS A 481 -5.83 38.64 8.87
CA LYS A 481 -6.08 39.76 7.97
C LYS A 481 -6.88 39.24 6.78
N LEU A 482 -8.05 39.83 6.57
CA LEU A 482 -8.91 39.44 5.47
C LEU A 482 -9.06 40.64 4.54
N ASP A 483 -8.59 40.49 3.31
CA ASP A 483 -8.67 41.58 2.35
C ASP A 483 -8.74 41.03 0.93
N PHE A 484 -8.44 41.88 -0.05
CA PHE A 484 -8.49 41.45 -1.43
C PHE A 484 -7.46 42.15 -2.29
N ILE A 485 -7.17 41.57 -3.45
CA ILE A 485 -6.24 42.14 -4.41
C ILE A 485 -6.97 42.16 -5.74
N ILE A 486 -6.70 43.18 -6.55
CA ILE A 486 -7.37 43.29 -7.83
C ILE A 486 -6.54 42.73 -8.97
N LEU A 487 -7.14 41.83 -9.74
CA LEU A 487 -6.48 41.22 -10.88
C LEU A 487 -7.43 41.31 -12.06
N ASN A 488 -6.96 41.93 -13.14
CA ASN A 488 -7.78 42.10 -14.34
C ASN A 488 -9.09 42.78 -13.97
N GLU A 489 -8.98 43.81 -13.14
CA GLU A 489 -10.12 44.59 -12.67
C GLU A 489 -11.13 43.77 -11.89
N THR A 490 -10.75 42.55 -11.52
CA THR A 490 -11.62 41.69 -10.73
C THR A 490 -11.03 41.55 -9.34
N LYS A 491 -11.89 41.59 -8.33
CA LYS A 491 -11.49 41.49 -6.95
C LYS A 491 -11.38 40.04 -6.46
N PHE A 492 -10.24 39.69 -5.89
CA PHE A 492 -9.99 38.35 -5.37
C PHE A 492 -9.53 38.43 -3.93
N TRP A 493 -10.28 37.77 -3.05
CA TRP A 493 -9.98 37.79 -1.62
C TRP A 493 -8.90 36.83 -1.14
N TYR A 494 -8.33 37.15 0.02
CA TYR A 494 -7.29 36.33 0.61
C TYR A 494 -7.25 36.64 2.09
N GLN A 495 -6.62 35.75 2.85
CA GLN A 495 -6.48 35.94 4.28
C GLN A 495 -5.08 35.53 4.67
N MET A 496 -4.58 36.09 5.77
CA MET A 496 -3.26 35.75 6.24
C MET A 496 -3.29 35.61 7.75
N ILE A 497 -2.82 34.48 8.25
CA ILE A 497 -2.75 34.30 9.69
C ILE A 497 -1.38 34.88 10.00
N LEU A 498 -1.37 36.08 10.55
CA LEU A 498 -0.12 36.77 10.88
C LEU A 498 0.36 36.48 12.29
N PRO A 499 1.67 36.23 12.44
CA PRO A 499 2.22 35.95 13.77
C PRO A 499 2.07 37.15 14.69
N PRO A 500 2.18 36.93 16.01
CA PRO A 500 2.06 38.03 16.98
C PRO A 500 3.06 39.15 16.69
N HIS A 501 2.65 40.38 16.95
CA HIS A 501 3.51 41.53 16.73
C HIS A 501 3.98 41.62 15.29
N PHE A 502 3.08 41.33 14.35
CA PHE A 502 3.42 41.38 12.94
C PHE A 502 4.04 42.72 12.58
N ASP A 503 5.27 42.68 12.07
CA ASP A 503 5.97 43.89 11.69
C ASP A 503 6.18 43.96 10.18
N LYS A 504 5.48 44.88 9.52
CA LYS A 504 5.58 45.01 8.07
C LYS A 504 6.97 45.38 7.56
N SER A 505 7.86 45.80 8.47
CA SER A 505 9.21 46.16 8.06
C SER A 505 10.13 44.94 8.08
N LYS A 506 9.59 43.82 8.52
CA LYS A 506 10.36 42.58 8.59
C LYS A 506 9.97 41.61 7.47
N LYS A 507 10.80 40.59 7.28
CA LYS A 507 10.55 39.59 6.25
C LYS A 507 10.23 38.25 6.91
N TYR A 508 9.00 37.78 6.73
CA TYR A 508 8.59 36.51 7.32
C TYR A 508 8.46 35.42 6.26
N PRO A 509 8.72 34.17 6.65
CA PRO A 509 8.60 33.08 5.67
C PRO A 509 7.10 32.92 5.50
N LEU A 510 6.66 32.47 4.32
CA LEU A 510 5.23 32.31 4.10
C LEU A 510 4.83 30.92 3.61
N LEU A 511 3.74 30.41 4.18
CA LEU A 511 3.19 29.12 3.82
C LEU A 511 1.84 29.35 3.16
N LEU A 512 1.69 28.84 1.94
CA LEU A 512 0.43 29.01 1.22
C LEU A 512 -0.49 27.81 1.49
N ASP A 513 -1.52 28.04 2.31
CA ASP A 513 -2.51 27.02 2.65
C ASP A 513 -3.52 27.02 1.52
N VAL A 514 -3.52 25.97 0.71
CA VAL A 514 -4.42 25.93 -0.44
C VAL A 514 -5.40 24.77 -0.50
N TYR A 515 -6.54 25.03 -1.13
CA TYR A 515 -7.56 24.01 -1.37
C TYR A 515 -7.94 24.28 -2.83
N ALA A 516 -8.57 25.42 -3.07
CA ALA A 516 -8.91 25.87 -4.42
C ALA A 516 -9.81 25.01 -5.32
N GLY A 517 -10.62 24.14 -4.73
CA GLY A 517 -11.52 23.33 -5.55
C GLY A 517 -12.64 24.20 -6.06
N PRO A 518 -13.48 23.69 -7.00
CA PRO A 518 -14.60 24.44 -7.56
C PRO A 518 -15.59 24.87 -6.46
N CYS A 519 -15.94 26.15 -6.46
CA CYS A 519 -16.85 26.72 -5.47
C CYS A 519 -16.28 26.69 -4.06
N SER A 520 -14.96 26.60 -3.93
CA SER A 520 -14.33 26.59 -2.61
C SER A 520 -14.18 28.03 -2.10
N GLN A 521 -13.91 28.16 -0.80
CA GLN A 521 -13.71 29.45 -0.17
C GLN A 521 -12.75 29.29 1.00
N LYS A 522 -11.52 29.77 0.83
CA LYS A 522 -10.52 29.65 1.89
C LYS A 522 -10.23 31.00 2.55
N ALA A 523 -10.90 32.05 2.08
CA ALA A 523 -10.74 33.37 2.65
C ALA A 523 -12.07 33.76 3.27
N ASP A 524 -12.18 33.66 4.59
CA ASP A 524 -13.42 34.01 5.26
C ASP A 524 -13.21 34.64 6.63
N THR A 525 -14.32 34.86 7.33
CA THR A 525 -14.29 35.48 8.65
C THR A 525 -14.42 34.49 9.80
N VAL A 526 -14.19 33.20 9.54
CA VAL A 526 -14.30 32.20 10.59
C VAL A 526 -13.05 32.13 11.48
N PHE A 527 -13.27 31.96 12.78
CA PHE A 527 -12.16 31.86 13.72
C PHE A 527 -11.81 30.41 13.91
N ARG A 528 -10.53 30.09 13.73
CA ARG A 528 -10.08 28.71 13.86
C ARG A 528 -8.83 28.55 14.71
N LEU A 529 -8.75 27.41 15.40
CA LEU A 529 -7.61 27.05 16.20
C LEU A 529 -7.09 25.81 15.49
N ASN A 530 -6.11 26.00 14.63
CA ASN A 530 -5.56 24.87 13.87
C ASN A 530 -4.04 24.93 13.74
N TRP A 531 -3.51 24.11 12.84
CA TRP A 531 -2.06 24.04 12.61
C TRP A 531 -1.49 25.41 12.26
N ALA A 532 -2.22 26.16 11.44
CA ALA A 532 -1.78 27.49 11.04
C ALA A 532 -1.61 28.39 12.25
N THR A 533 -2.48 28.23 13.24
CA THR A 533 -2.41 29.03 14.45
C THR A 533 -1.01 28.87 15.06
N TYR A 534 -0.61 27.63 15.27
CA TYR A 534 0.70 27.34 15.83
C TYR A 534 1.85 27.85 14.95
N LEU A 535 1.76 27.62 13.65
CA LEU A 535 2.80 28.07 12.73
C LEU A 535 3.02 29.58 12.82
N ALA A 536 1.93 30.34 12.87
CA ALA A 536 2.04 31.79 12.96
C ALA A 536 2.49 32.20 14.37
N SER A 537 1.78 31.68 15.37
CA SER A 537 2.08 31.98 16.76
C SER A 537 3.49 31.59 17.23
N THR A 538 3.79 30.30 17.17
CA THR A 538 5.08 29.79 17.61
C THR A 538 6.26 29.89 16.64
N GLU A 539 6.04 29.60 15.36
CA GLU A 539 7.13 29.65 14.39
C GLU A 539 7.21 30.95 13.62
N ASN A 540 6.34 31.89 13.94
CA ASN A 540 6.31 33.19 13.27
C ASN A 540 6.23 33.05 11.76
N ILE A 541 5.43 32.11 11.30
CA ILE A 541 5.23 31.90 9.88
C ILE A 541 3.90 32.51 9.48
N ILE A 542 3.87 33.15 8.32
CA ILE A 542 2.63 33.73 7.82
C ILE A 542 1.94 32.67 6.97
N VAL A 543 0.73 32.29 7.37
CA VAL A 543 -0.04 31.29 6.63
C VAL A 543 -1.15 31.98 5.85
N ALA A 544 -1.00 31.99 4.53
CA ALA A 544 -1.96 32.64 3.68
C ALA A 544 -2.79 31.67 2.84
N SER A 545 -3.97 32.14 2.42
CA SER A 545 -4.87 31.38 1.57
C SER A 545 -5.47 32.38 0.60
N PHE A 546 -5.77 31.92 -0.61
CA PHE A 546 -6.29 32.80 -1.64
C PHE A 546 -7.42 32.16 -2.45
N ASP A 547 -8.47 32.92 -2.72
CA ASP A 547 -9.59 32.42 -3.53
C ASP A 547 -9.52 33.02 -4.92
N GLY A 548 -9.00 32.24 -5.87
CA GLY A 548 -8.88 32.72 -7.24
C GLY A 548 -10.03 32.22 -8.11
N ARG A 549 -9.78 32.14 -9.41
CA ARG A 549 -10.80 31.66 -10.33
C ARG A 549 -11.22 30.25 -9.91
N GLY A 550 -12.52 29.96 -10.01
CA GLY A 550 -13.02 28.67 -9.61
C GLY A 550 -13.66 28.71 -8.22
N SER A 551 -13.30 29.71 -7.42
CA SER A 551 -13.85 29.82 -6.06
C SER A 551 -15.33 30.22 -6.12
N GLY A 552 -16.09 29.86 -5.09
CA GLY A 552 -17.51 30.18 -5.11
C GLY A 552 -18.00 31.36 -4.31
N TYR A 553 -19.33 31.52 -4.32
CA TYR A 553 -20.01 32.58 -3.59
C TYR A 553 -19.76 33.99 -4.13
N GLN A 554 -19.20 34.08 -5.34
CA GLN A 554 -18.89 35.36 -5.96
C GLN A 554 -19.44 35.46 -7.37
N GLY A 555 -20.36 34.57 -7.71
CA GLY A 555 -20.94 34.59 -9.05
C GLY A 555 -20.31 33.57 -9.97
N ASP A 556 -21.05 33.18 -11.00
CA ASP A 556 -20.61 32.18 -11.96
C ASP A 556 -19.42 32.58 -12.83
N LYS A 557 -19.19 33.88 -13.02
CA LYS A 557 -18.07 34.27 -13.85
C LYS A 557 -16.77 33.75 -13.23
N ILE A 558 -16.66 33.85 -11.91
CA ILE A 558 -15.48 33.37 -11.21
C ILE A 558 -15.52 31.85 -11.02
N MET A 559 -16.64 31.34 -10.53
CA MET A 559 -16.76 29.92 -10.27
C MET A 559 -16.64 29.02 -11.50
N HIS A 560 -17.31 29.39 -12.58
CA HIS A 560 -17.25 28.59 -13.80
C HIS A 560 -16.02 28.86 -14.65
N ALA A 561 -15.11 29.71 -14.16
CA ALA A 561 -13.91 30.02 -14.92
C ALA A 561 -13.07 28.78 -15.23
N ILE A 562 -13.12 27.77 -14.35
CA ILE A 562 -12.34 26.55 -14.59
C ILE A 562 -13.17 25.40 -15.16
N ASN A 563 -14.34 25.71 -15.71
CA ASN A 563 -15.20 24.69 -16.30
C ASN A 563 -14.44 23.90 -17.37
N ARG A 564 -14.53 22.58 -17.30
CA ARG A 564 -13.86 21.68 -18.24
C ARG A 564 -12.34 21.88 -18.26
N ARG A 565 -11.83 22.61 -17.27
CA ARG A 565 -10.40 22.88 -17.21
C ARG A 565 -9.80 22.89 -15.81
N LEU A 566 -10.01 21.83 -15.05
CA LEU A 566 -9.43 21.76 -13.71
C LEU A 566 -7.92 21.66 -13.91
N GLY A 567 -7.15 22.17 -12.95
CA GLY A 567 -5.72 22.11 -13.07
C GLY A 567 -5.10 23.24 -13.87
N THR A 568 -5.83 24.34 -14.04
CA THR A 568 -5.30 25.47 -14.79
C THR A 568 -5.38 26.79 -14.01
N PHE A 569 -6.42 27.57 -14.29
CA PHE A 569 -6.61 28.87 -13.64
C PHE A 569 -6.52 28.89 -12.12
N GLU A 570 -7.09 27.88 -11.45
CA GLU A 570 -7.03 27.86 -10.00
C GLU A 570 -5.61 27.61 -9.53
N VAL A 571 -4.83 26.92 -10.35
CA VAL A 571 -3.44 26.62 -10.04
C VAL A 571 -2.58 27.86 -10.31
N GLU A 572 -2.75 28.43 -11.50
CA GLU A 572 -2.02 29.61 -11.91
C GLU A 572 -2.26 30.75 -10.92
N ASP A 573 -3.52 30.96 -10.53
CA ASP A 573 -3.84 32.04 -9.60
C ASP A 573 -3.18 31.92 -8.23
N GLN A 574 -3.01 30.70 -7.73
CA GLN A 574 -2.36 30.51 -6.43
C GLN A 574 -0.91 30.98 -6.54
N ILE A 575 -0.30 30.71 -7.69
CA ILE A 575 1.09 31.11 -7.93
C ILE A 575 1.16 32.62 -7.99
N GLU A 576 0.24 33.22 -8.75
CA GLU A 576 0.19 34.67 -8.89
C GLU A 576 -0.03 35.29 -7.52
N ALA A 577 -0.87 34.66 -6.70
CA ALA A 577 -1.15 35.16 -5.35
C ALA A 577 0.13 35.19 -4.53
N ALA A 578 1.00 34.20 -4.76
CA ALA A 578 2.26 34.13 -4.02
C ALA A 578 3.14 35.30 -4.43
N ARG A 579 3.17 35.61 -5.72
CA ARG A 579 3.96 36.72 -6.21
C ARG A 579 3.43 38.02 -5.62
N GLN A 580 2.11 38.17 -5.63
CA GLN A 580 1.46 39.36 -5.10
C GLN A 580 1.85 39.62 -3.66
N PHE A 581 1.77 38.58 -2.83
CA PHE A 581 2.13 38.73 -1.42
C PHE A 581 3.59 39.15 -1.29
N SER A 582 4.41 38.74 -2.25
CA SER A 582 5.83 39.10 -2.23
C SER A 582 5.93 40.61 -2.38
N LYS A 583 5.25 41.14 -3.39
CA LYS A 583 5.24 42.57 -3.66
C LYS A 583 4.87 43.38 -2.42
N MET A 584 4.12 42.76 -1.51
CA MET A 584 3.69 43.44 -0.29
C MET A 584 4.87 43.87 0.58
N GLY A 585 6.03 43.28 0.34
CA GLY A 585 7.22 43.67 1.08
C GLY A 585 7.59 42.99 2.40
N PHE A 586 6.64 42.36 3.06
CA PHE A 586 6.93 41.71 4.34
C PHE A 586 7.08 40.20 4.23
N VAL A 587 7.49 39.72 3.05
CA VAL A 587 7.66 38.29 2.85
C VAL A 587 9.04 37.92 2.33
N ASP A 588 9.67 36.96 3.01
CA ASP A 588 10.99 36.49 2.62
C ASP A 588 10.80 35.59 1.40
N ASN A 589 10.98 36.17 0.21
CA ASN A 589 10.81 35.44 -1.04
C ASN A 589 11.61 34.15 -1.15
N LYS A 590 12.63 33.99 -0.32
CA LYS A 590 13.44 32.79 -0.37
C LYS A 590 12.83 31.66 0.46
N ARG A 591 11.82 31.99 1.25
CA ARG A 591 11.16 30.98 2.08
C ARG A 591 9.64 30.96 1.92
N ILE A 592 9.18 30.55 0.75
CA ILE A 592 7.75 30.45 0.50
C ILE A 592 7.41 28.99 0.24
N ALA A 593 6.51 28.44 1.05
CA ALA A 593 6.10 27.05 0.92
C ALA A 593 4.63 26.98 0.58
N ILE A 594 4.16 25.78 0.25
CA ILE A 594 2.76 25.58 -0.11
C ILE A 594 2.31 24.19 0.34
N TRP A 595 1.08 24.09 0.81
CA TRP A 595 0.56 22.80 1.25
C TRP A 595 -0.96 22.75 1.13
N GLY A 596 -1.47 21.53 1.00
CA GLY A 596 -2.91 21.34 0.87
C GLY A 596 -3.30 19.88 1.01
N TRP A 597 -4.58 19.65 1.27
CA TRP A 597 -5.11 18.31 1.45
C TRP A 597 -6.13 18.02 0.35
N SER A 598 -6.04 16.83 -0.25
CA SER A 598 -6.96 16.41 -1.30
C SER A 598 -6.89 17.30 -2.54
N TYR A 599 -7.93 18.07 -2.82
CA TYR A 599 -7.88 18.96 -3.98
C TYR A 599 -6.73 19.93 -3.70
N GLY A 600 -6.55 20.27 -2.44
CA GLY A 600 -5.45 21.15 -2.06
C GLY A 600 -4.11 20.48 -2.33
N GLY A 601 -4.07 19.16 -2.20
CA GLY A 601 -2.83 18.42 -2.45
C GLY A 601 -2.54 18.39 -3.94
N TYR A 602 -3.60 18.35 -4.73
CA TYR A 602 -3.50 18.34 -6.18
C TYR A 602 -2.94 19.68 -6.65
N VAL A 603 -3.56 20.77 -6.21
CA VAL A 603 -3.11 22.09 -6.60
C VAL A 603 -1.69 22.32 -6.12
N THR A 604 -1.40 21.89 -4.90
CA THR A 604 -0.06 22.02 -4.35
C THR A 604 0.95 21.33 -5.25
N SER A 605 0.64 20.11 -5.66
CA SER A 605 1.53 19.33 -6.52
C SER A 605 1.65 19.96 -7.91
N MET A 606 0.53 20.43 -8.45
CA MET A 606 0.55 21.05 -9.76
C MET A 606 1.42 22.32 -9.72
N VAL A 607 1.32 23.07 -8.63
CA VAL A 607 2.12 24.27 -8.45
C VAL A 607 3.61 23.93 -8.28
N LEU A 608 3.90 22.95 -7.44
CA LEU A 608 5.28 22.55 -7.22
C LEU A 608 5.94 22.01 -8.49
N GLY A 609 5.12 21.52 -9.42
CA GLY A 609 5.66 20.99 -10.66
C GLY A 609 5.51 21.92 -11.84
N SER A 610 5.14 23.18 -11.58
CA SER A 610 4.95 24.17 -12.63
C SER A 610 6.27 24.78 -13.10
N GLY A 611 7.27 24.76 -12.23
CA GLY A 611 8.56 25.33 -12.59
C GLY A 611 8.59 26.83 -12.41
N SER A 612 7.65 27.36 -11.61
CA SER A 612 7.56 28.79 -11.39
C SER A 612 8.75 29.33 -10.61
N GLY A 613 9.35 28.49 -9.77
CA GLY A 613 10.50 28.92 -8.98
C GLY A 613 10.10 29.75 -7.78
N VAL A 614 8.80 29.98 -7.61
CA VAL A 614 8.32 30.79 -6.49
C VAL A 614 8.35 30.08 -5.16
N PHE A 615 8.08 28.78 -5.18
CA PHE A 615 8.04 28.00 -3.96
C PHE A 615 9.30 27.18 -3.70
N LYS A 616 9.71 27.13 -2.44
CA LYS A 616 10.89 26.39 -2.03
C LYS A 616 10.56 24.93 -1.73
N CYS A 617 9.44 24.71 -1.03
CA CYS A 617 9.02 23.37 -0.66
C CYS A 617 7.50 23.28 -0.59
N GLY A 618 6.98 22.06 -0.51
CA GLY A 618 5.55 21.88 -0.44
C GLY A 618 5.16 20.53 0.11
N ILE A 619 3.95 20.44 0.66
CA ILE A 619 3.44 19.20 1.24
C ILE A 619 2.06 18.86 0.68
N ALA A 620 1.93 17.67 0.08
CA ALA A 620 0.65 17.24 -0.47
C ALA A 620 0.12 16.06 0.33
N VAL A 621 -1.07 16.21 0.90
CA VAL A 621 -1.70 15.15 1.68
C VAL A 621 -2.89 14.57 0.91
N ALA A 622 -2.84 13.26 0.67
CA ALA A 622 -3.90 12.55 -0.06
C ALA A 622 -4.36 13.32 -1.28
N PRO A 623 -3.42 13.74 -2.13
CA PRO A 623 -3.79 14.49 -3.32
C PRO A 623 -4.39 13.68 -4.47
N VAL A 624 -5.16 14.37 -5.30
CA VAL A 624 -5.69 13.76 -6.50
C VAL A 624 -4.49 13.98 -7.42
N SER A 625 -4.21 13.07 -8.34
CA SER A 625 -3.07 13.25 -9.22
C SER A 625 -3.45 13.10 -10.70
N ARG A 626 -4.59 12.45 -10.93
CA ARG A 626 -5.08 12.23 -12.28
C ARG A 626 -6.59 12.09 -12.18
N TRP A 627 -7.31 12.99 -12.86
CA TRP A 627 -8.76 13.00 -12.80
C TRP A 627 -9.48 11.71 -13.19
N GLU A 628 -8.86 10.91 -14.04
CA GLU A 628 -9.49 9.64 -14.40
C GLU A 628 -9.46 8.68 -13.21
N TYR A 629 -8.73 9.04 -12.14
CA TYR A 629 -8.69 8.20 -10.95
C TYR A 629 -9.80 8.57 -9.95
N TYR A 630 -10.36 9.77 -10.07
CA TYR A 630 -11.40 10.19 -9.14
C TYR A 630 -12.79 9.76 -9.62
N ASP A 631 -13.81 9.90 -8.76
CA ASP A 631 -15.14 9.45 -9.15
C ASP A 631 -15.87 10.25 -10.23
N SER A 632 -16.80 9.59 -10.90
CA SER A 632 -17.57 10.16 -11.99
C SER A 632 -18.42 11.39 -11.69
N VAL A 633 -19.27 11.29 -10.68
CA VAL A 633 -20.17 12.40 -10.34
C VAL A 633 -19.45 13.72 -10.12
N TYR A 634 -18.42 13.71 -9.27
CA TYR A 634 -17.68 14.92 -8.99
C TYR A 634 -16.85 15.37 -10.20
N THR A 635 -15.99 14.49 -10.69
CA THR A 635 -15.09 14.81 -11.80
C THR A 635 -15.75 15.27 -13.10
N GLU A 636 -16.73 14.50 -13.56
CA GLU A 636 -17.42 14.82 -14.80
C GLU A 636 -18.23 16.11 -14.73
N ARG A 637 -18.63 16.49 -13.53
CA ARG A 637 -19.40 17.71 -13.34
C ARG A 637 -18.60 18.89 -13.86
N TYR A 638 -17.29 18.88 -13.59
CA TYR A 638 -16.44 19.98 -14.02
C TYR A 638 -15.61 19.64 -15.24
N MET A 639 -15.39 18.34 -15.47
CA MET A 639 -14.54 17.92 -16.58
C MET A 639 -15.22 17.23 -17.75
N GLY A 640 -16.50 16.93 -17.63
CA GLY A 640 -17.16 16.24 -18.72
C GLY A 640 -16.62 14.81 -18.80
N LEU A 641 -16.69 14.20 -19.96
CA LEU A 641 -16.21 12.83 -20.12
C LEU A 641 -14.81 12.71 -20.71
N PRO A 642 -14.01 11.77 -20.20
CA PRO A 642 -12.63 11.53 -20.67
C PRO A 642 -12.58 10.73 -21.97
N THR A 643 -13.22 11.26 -23.01
CA THR A 643 -13.24 10.61 -24.32
C THR A 643 -12.75 11.57 -25.38
N PRO A 644 -12.24 11.02 -26.50
CA PRO A 644 -11.72 11.83 -27.61
C PRO A 644 -12.73 12.87 -28.09
N GLU A 645 -13.99 12.46 -28.19
CA GLU A 645 -15.05 13.35 -28.65
C GLU A 645 -15.45 14.40 -27.62
N ASP A 646 -15.03 14.23 -26.37
CA ASP A 646 -15.40 15.21 -25.36
C ASP A 646 -14.21 15.98 -24.79
N ASN A 647 -13.70 15.55 -23.65
CA ASN A 647 -12.60 16.29 -23.03
C ASN A 647 -11.38 15.47 -22.61
N LEU A 648 -11.13 14.35 -23.29
CA LEU A 648 -10.00 13.49 -22.94
C LEU A 648 -8.66 14.21 -22.93
N ASP A 649 -8.42 15.09 -23.91
CA ASP A 649 -7.16 15.80 -23.97
C ASP A 649 -6.80 16.56 -22.68
N HIS A 650 -7.74 17.32 -22.13
CA HIS A 650 -7.41 18.04 -20.91
C HIS A 650 -7.29 17.10 -19.71
N TYR A 651 -7.99 15.97 -19.78
CA TYR A 651 -7.92 14.98 -18.71
C TYR A 651 -6.48 14.49 -18.64
N ARG A 652 -5.92 14.19 -19.80
CA ARG A 652 -4.55 13.68 -19.90
C ARG A 652 -3.48 14.76 -19.75
N ASN A 653 -3.86 16.02 -19.86
CA ASN A 653 -2.91 17.12 -19.75
C ASN A 653 -2.86 17.78 -18.37
N SER A 654 -3.80 17.41 -17.50
CA SER A 654 -3.86 18.00 -16.16
C SER A 654 -3.42 17.07 -15.02
N THR A 655 -2.54 16.13 -15.31
CA THR A 655 -2.07 15.20 -14.29
C THR A 655 -0.83 15.74 -13.60
N VAL A 656 -0.60 15.30 -12.38
CA VAL A 656 0.56 15.71 -11.61
C VAL A 656 1.78 15.01 -12.19
N MET A 657 1.62 13.75 -12.55
CA MET A 657 2.70 12.93 -13.10
C MET A 657 3.48 13.55 -14.26
N SER A 658 2.79 14.22 -15.18
CA SER A 658 3.47 14.82 -16.33
C SER A 658 4.42 15.96 -15.98
N ARG A 659 4.33 16.47 -14.76
CA ARG A 659 5.19 17.55 -14.30
C ARG A 659 6.32 17.07 -13.40
N ALA A 660 6.49 15.75 -13.32
CA ALA A 660 7.49 15.12 -12.47
C ALA A 660 8.90 15.72 -12.54
N GLU A 661 9.37 15.98 -13.76
CA GLU A 661 10.69 16.54 -13.99
C GLU A 661 10.91 17.86 -13.25
N ASN A 662 9.88 18.69 -13.15
CA ASN A 662 10.02 19.97 -12.47
C ASN A 662 10.16 19.89 -10.95
N PHE A 663 9.85 18.73 -10.38
CA PHE A 663 9.99 18.58 -8.92
C PHE A 663 11.45 18.58 -8.50
N LYS A 664 12.38 18.56 -9.46
CA LYS A 664 13.79 18.59 -9.11
C LYS A 664 14.17 19.94 -8.52
N GLN A 665 13.34 20.94 -8.75
CA GLN A 665 13.60 22.30 -8.26
C GLN A 665 13.04 22.56 -6.85
N VAL A 666 12.32 21.59 -6.29
CA VAL A 666 11.71 21.80 -4.98
C VAL A 666 11.84 20.62 -4.01
N GLU A 667 11.55 20.89 -2.75
CA GLU A 667 11.55 19.87 -1.70
C GLU A 667 10.07 19.50 -1.56
N TYR A 668 9.77 18.21 -1.67
CA TYR A 668 8.40 17.73 -1.64
C TYR A 668 8.14 16.62 -0.62
N LEU A 669 7.00 16.70 0.07
CA LEU A 669 6.61 15.70 1.04
C LEU A 669 5.24 15.21 0.60
N LEU A 670 5.14 13.91 0.31
CA LEU A 670 3.90 13.29 -0.15
C LEU A 670 3.38 12.36 0.95
N ILE A 671 2.14 12.58 1.35
CA ILE A 671 1.51 11.81 2.43
C ILE A 671 0.18 11.23 1.98
N HIS A 672 -0.14 10.01 2.42
CA HIS A 672 -1.42 9.39 2.03
C HIS A 672 -1.79 8.19 2.90
N GLY A 673 -3.07 8.06 3.25
CA GLY A 673 -3.52 6.93 4.05
C GLY A 673 -3.76 5.76 3.12
N THR A 674 -3.29 4.58 3.48
CA THR A 674 -3.45 3.40 2.63
C THR A 674 -4.89 2.92 2.44
N ALA A 675 -5.77 3.25 3.38
CA ALA A 675 -7.16 2.83 3.29
C ALA A 675 -8.09 3.96 2.87
N ASP A 676 -7.57 4.87 2.05
CA ASP A 676 -8.34 6.01 1.57
C ASP A 676 -9.31 5.52 0.49
N ASP A 677 -10.60 5.54 0.81
CA ASP A 677 -11.67 5.08 -0.08
C ASP A 677 -12.14 6.18 -1.02
N ASN A 678 -11.80 7.41 -0.67
CA ASN A 678 -12.21 8.60 -1.43
C ASN A 678 -11.16 8.89 -2.51
N VAL A 679 -10.01 9.40 -2.11
CA VAL A 679 -8.91 9.66 -3.03
C VAL A 679 -7.99 8.48 -2.78
N HIS A 680 -8.10 7.46 -3.62
CA HIS A 680 -7.33 6.23 -3.48
C HIS A 680 -5.83 6.40 -3.41
N PHE A 681 -5.21 5.58 -2.57
CA PHE A 681 -3.76 5.61 -2.39
C PHE A 681 -3.10 5.54 -3.76
N GLN A 682 -3.79 4.89 -4.70
CA GLN A 682 -3.33 4.75 -6.07
C GLN A 682 -2.83 6.08 -6.63
N GLN A 683 -3.55 7.16 -6.33
CA GLN A 683 -3.21 8.49 -6.81
C GLN A 683 -1.80 8.93 -6.41
N SER A 684 -1.42 8.71 -5.16
CA SER A 684 -0.07 9.07 -4.70
C SER A 684 0.94 8.01 -5.13
N ALA A 685 0.48 6.77 -5.26
CA ALA A 685 1.36 5.69 -5.69
C ALA A 685 1.87 6.02 -7.10
N GLN A 686 1.03 6.63 -7.93
CA GLN A 686 1.44 6.99 -9.29
C GLN A 686 2.36 8.22 -9.28
N ILE A 687 2.14 9.14 -8.36
CA ILE A 687 2.98 10.32 -8.27
C ILE A 687 4.39 9.88 -7.90
N SER A 688 4.50 9.06 -6.85
CA SER A 688 5.79 8.59 -6.39
C SER A 688 6.53 7.83 -7.51
N LYS A 689 5.83 6.94 -8.19
CA LYS A 689 6.48 6.18 -9.27
C LYS A 689 6.99 7.11 -10.37
N ALA A 690 6.22 8.16 -10.67
CA ALA A 690 6.61 9.12 -11.69
C ALA A 690 7.87 9.87 -11.26
N LEU A 691 7.93 10.24 -9.99
CA LEU A 691 9.09 10.96 -9.47
C LEU A 691 10.31 10.04 -9.45
N VAL A 692 10.11 8.78 -9.11
CA VAL A 692 11.21 7.83 -9.09
C VAL A 692 11.76 7.63 -10.51
N ASP A 693 10.86 7.55 -11.49
CA ASP A 693 11.27 7.36 -12.87
C ASP A 693 12.08 8.51 -13.48
N VAL A 694 11.94 9.73 -12.97
CA VAL A 694 12.74 10.82 -13.52
C VAL A 694 13.89 11.15 -12.59
N GLY A 695 14.07 10.32 -11.56
CA GLY A 695 15.17 10.53 -10.63
C GLY A 695 15.03 11.74 -9.73
N VAL A 696 13.85 11.94 -9.17
CA VAL A 696 13.60 13.05 -8.27
C VAL A 696 13.50 12.55 -6.83
N ASP A 697 14.31 13.11 -5.93
CA ASP A 697 14.25 12.71 -4.54
C ASP A 697 13.16 13.52 -3.87
N PHE A 698 12.52 12.93 -2.86
CA PHE A 698 11.44 13.59 -2.14
C PHE A 698 11.18 12.84 -0.85
N GLN A 699 10.33 13.38 0.00
CA GLN A 699 9.99 12.75 1.27
C GLN A 699 8.61 12.13 1.11
N ALA A 700 8.39 11.01 1.81
CA ALA A 700 7.10 10.34 1.72
C ALA A 700 6.67 9.79 3.05
N MET A 701 5.37 9.55 3.20
CA MET A 701 4.82 8.98 4.42
C MET A 701 3.45 8.39 4.12
N TRP A 702 3.29 7.12 4.45
CA TRP A 702 2.02 6.44 4.27
C TRP A 702 1.48 6.25 5.68
N TYR A 703 0.16 6.24 5.82
CA TYR A 703 -0.46 6.02 7.13
C TYR A 703 -1.33 4.78 7.01
N THR A 704 -0.81 3.68 7.54
CA THR A 704 -1.47 2.40 7.51
C THR A 704 -2.91 2.45 8.02
N ASP A 705 -3.82 1.94 7.21
CA ASP A 705 -5.24 1.87 7.54
C ASP A 705 -5.95 3.18 7.83
N GLU A 706 -5.36 4.30 7.46
CA GLU A 706 -6.01 5.59 7.66
C GLU A 706 -6.75 5.92 6.36
N ASP A 707 -7.88 6.61 6.47
CA ASP A 707 -8.61 6.96 5.26
C ASP A 707 -8.34 8.40 4.87
N HIS A 708 -9.17 8.96 4.01
CA HIS A 708 -8.96 10.32 3.53
C HIS A 708 -8.81 11.37 4.64
N GLY A 709 -9.37 11.09 5.81
CA GLY A 709 -9.28 12.06 6.89
C GLY A 709 -8.03 11.96 7.75
N ILE A 710 -7.36 10.81 7.74
CA ILE A 710 -6.17 10.60 8.56
C ILE A 710 -6.47 11.29 9.89
N ALA A 711 -7.65 10.99 10.44
CA ALA A 711 -8.11 11.62 11.66
C ALA A 711 -8.12 10.78 12.93
N SER A 712 -7.56 9.58 12.91
CA SER A 712 -7.54 8.80 14.15
C SER A 712 -6.66 9.66 15.08
N SER A 713 -6.91 9.57 16.37
CA SER A 713 -6.15 10.37 17.33
C SER A 713 -4.63 10.31 17.16
N THR A 714 -4.09 9.10 17.04
CA THR A 714 -2.65 8.93 16.89
C THR A 714 -2.11 9.38 15.54
N ALA A 715 -2.82 9.06 14.47
CA ALA A 715 -2.37 9.44 13.12
C ALA A 715 -2.41 10.95 12.95
N HIS A 716 -3.45 11.57 13.50
CA HIS A 716 -3.59 13.02 13.42
C HIS A 716 -2.37 13.71 14.05
N GLN A 717 -2.02 13.28 15.25
CA GLN A 717 -0.88 13.86 15.93
C GLN A 717 0.41 13.57 15.18
N HIS A 718 0.53 12.36 14.63
CA HIS A 718 1.73 11.98 13.90
C HIS A 718 1.95 12.74 12.60
N ILE A 719 0.90 12.93 11.81
CA ILE A 719 1.06 13.65 10.55
C ILE A 719 1.41 15.13 10.72
N TYR A 720 0.72 15.82 11.61
CA TYR A 720 1.02 17.22 11.82
C TYR A 720 2.42 17.38 12.43
N THR A 721 2.82 16.43 13.25
CA THR A 721 4.15 16.47 13.84
C THR A 721 5.16 16.31 12.70
N HIS A 722 4.92 15.33 11.84
CA HIS A 722 5.83 15.08 10.72
C HIS A 722 5.91 16.28 9.80
N MET A 723 4.77 16.89 9.51
CA MET A 723 4.75 18.05 8.63
C MET A 723 5.44 19.26 9.25
N SER A 724 5.31 19.41 10.57
CA SER A 724 5.94 20.53 11.27
C SER A 724 7.45 20.46 11.09
N HIS A 725 8.03 19.27 11.30
CA HIS A 725 9.47 19.07 11.14
C HIS A 725 9.91 19.47 9.74
N PHE A 726 9.13 19.04 8.75
CA PHE A 726 9.43 19.34 7.36
C PHE A 726 9.40 20.83 7.04
N ILE A 727 8.39 21.52 7.56
CA ILE A 727 8.27 22.96 7.33
C ILE A 727 9.40 23.71 8.02
N LYS A 728 9.65 23.37 9.28
CA LYS A 728 10.72 24.01 10.05
C LYS A 728 12.07 23.80 9.38
N GLN A 729 12.27 22.60 8.83
CA GLN A 729 13.51 22.24 8.15
C GLN A 729 13.66 23.06 6.87
N CYS A 730 12.58 23.18 6.11
CA CYS A 730 12.58 23.92 4.87
C CYS A 730 12.81 25.42 5.07
N PHE A 731 12.35 25.95 6.20
CA PHE A 731 12.52 27.36 6.49
C PHE A 731 13.73 27.67 7.36
N SER A 732 14.36 26.63 7.91
CA SER A 732 15.53 26.83 8.77
C SER A 732 16.57 27.68 8.06
N LEU A 733 17.07 28.70 8.76
CA LEU A 733 18.08 29.61 8.20
C LEU A 733 19.48 29.28 8.70
N PRO A 734 20.50 29.56 7.88
CA PRO A 734 21.89 29.31 8.22
C PRO A 734 22.38 30.20 9.35
N ASP B 6 46.20 12.89 -1.71
CA ASP B 6 45.87 12.06 -2.90
C ASP B 6 44.94 12.85 -3.81
N SER B 7 45.32 13.00 -5.08
CA SER B 7 44.49 13.74 -6.02
C SER B 7 43.56 12.86 -6.84
N ARG B 8 43.66 11.54 -6.66
CA ARG B 8 42.80 10.63 -7.40
C ARG B 8 41.35 10.77 -6.96
N LYS B 9 40.43 10.41 -7.85
CA LYS B 9 39.00 10.46 -7.54
C LYS B 9 38.70 9.33 -6.57
N THR B 10 37.53 9.37 -5.96
CA THR B 10 37.11 8.32 -5.03
C THR B 10 36.04 7.54 -5.75
N TYR B 11 35.58 6.45 -5.14
CA TYR B 11 34.52 5.63 -5.73
C TYR B 11 33.23 6.30 -5.26
N THR B 12 32.56 7.00 -6.17
CA THR B 12 31.35 7.74 -5.84
C THR B 12 30.05 6.95 -5.88
N LEU B 13 28.95 7.60 -5.50
CA LEU B 13 27.65 6.96 -5.52
C LEU B 13 27.28 6.69 -6.97
N THR B 14 27.57 7.66 -7.84
CA THR B 14 27.26 7.51 -9.26
C THR B 14 28.05 6.35 -9.87
N ASP B 15 29.29 6.18 -9.44
CA ASP B 15 30.09 5.07 -9.95
C ASP B 15 29.36 3.76 -9.66
N TYR B 16 28.83 3.64 -8.44
CA TYR B 16 28.10 2.45 -8.06
C TYR B 16 26.82 2.31 -8.87
N LEU B 17 26.01 3.36 -8.87
CA LEU B 17 24.74 3.35 -9.60
C LEU B 17 24.88 3.17 -11.10
N LYS B 18 25.93 3.72 -11.69
CA LYS B 18 26.13 3.62 -13.13
C LYS B 18 27.02 2.46 -13.55
N ASN B 19 27.44 1.63 -12.58
CA ASN B 19 28.29 0.49 -12.92
C ASN B 19 29.54 0.91 -13.68
N THR B 20 30.11 2.07 -13.32
CA THR B 20 31.30 2.56 -14.01
C THR B 20 32.45 1.58 -13.94
N TYR B 21 32.60 0.91 -12.80
CA TYR B 21 33.67 -0.07 -12.63
C TYR B 21 33.09 -1.47 -12.62
N ARG B 22 33.20 -2.15 -13.75
CA ARG B 22 32.63 -3.48 -13.90
C ARG B 22 33.59 -4.65 -13.81
N LEU B 23 33.15 -5.69 -13.12
CA LEU B 23 33.93 -6.90 -12.97
C LEU B 23 33.65 -7.71 -14.22
N LYS B 24 34.68 -8.26 -14.83
CA LYS B 24 34.49 -9.10 -16.00
C LYS B 24 34.29 -10.53 -15.51
N LEU B 25 33.44 -11.27 -16.20
CA LEU B 25 33.16 -12.64 -15.84
C LEU B 25 33.61 -13.56 -16.97
N TYR B 26 33.41 -14.86 -16.77
CA TYR B 26 33.76 -15.83 -17.78
C TYR B 26 32.87 -17.03 -17.52
N SER B 27 31.61 -16.89 -17.93
CA SER B 27 30.63 -17.93 -17.77
C SER B 27 30.70 -18.87 -18.95
N LEU B 28 31.08 -20.11 -18.68
CA LEU B 28 31.20 -21.11 -19.72
C LEU B 28 30.21 -22.24 -19.47
N ARG B 29 29.90 -23.00 -20.52
CA ARG B 29 28.98 -24.11 -20.39
C ARG B 29 29.64 -25.38 -20.92
N TRP B 30 29.90 -26.32 -20.03
CA TRP B 30 30.52 -27.58 -20.44
C TRP B 30 29.52 -28.40 -21.25
N ILE B 31 29.93 -28.86 -22.42
CA ILE B 31 29.05 -29.67 -23.25
C ILE B 31 29.55 -31.11 -23.30
N SER B 32 30.74 -31.32 -22.75
CA SER B 32 31.32 -32.65 -22.72
C SER B 32 32.44 -32.66 -21.71
N ASP B 33 33.28 -33.68 -21.76
CA ASP B 33 34.39 -33.78 -20.83
C ASP B 33 35.61 -33.10 -21.42
N HIS B 34 35.47 -32.56 -22.63
CA HIS B 34 36.58 -31.91 -23.33
C HIS B 34 36.30 -30.49 -23.83
N GLU B 35 35.03 -30.15 -24.03
CA GLU B 35 34.69 -28.84 -24.56
C GLU B 35 33.63 -28.04 -23.80
N TYR B 36 33.64 -26.73 -24.03
CA TYR B 36 32.66 -25.85 -23.40
C TYR B 36 32.25 -24.73 -24.34
N LEU B 37 31.07 -24.17 -24.09
CA LEU B 37 30.55 -23.08 -24.89
C LEU B 37 30.77 -21.77 -24.14
N TYR B 38 31.05 -20.71 -24.88
CA TYR B 38 31.30 -19.41 -24.28
C TYR B 38 30.81 -18.34 -25.24
N LYS B 39 29.93 -17.46 -24.75
CA LYS B 39 29.43 -16.39 -25.60
C LYS B 39 30.41 -15.21 -25.61
N GLN B 40 30.95 -14.92 -26.79
CA GLN B 40 31.89 -13.81 -26.94
C GLN B 40 31.41 -12.86 -28.03
N GLU B 41 30.94 -11.69 -27.63
CA GLU B 41 30.46 -10.69 -28.58
C GLU B 41 29.20 -11.15 -29.29
N ASN B 42 28.31 -11.81 -28.55
CA ASN B 42 27.05 -12.32 -29.08
C ASN B 42 27.17 -13.60 -29.89
N ASN B 43 28.38 -13.93 -30.32
CA ASN B 43 28.58 -15.17 -31.06
C ASN B 43 29.02 -16.28 -30.12
N ILE B 44 28.39 -17.44 -30.25
CA ILE B 44 28.69 -18.59 -29.40
C ILE B 44 29.90 -19.36 -29.92
N LEU B 45 30.93 -19.44 -29.10
CA LEU B 45 32.15 -20.15 -29.49
C LEU B 45 32.30 -21.44 -28.69
N VAL B 46 32.96 -22.42 -29.29
CA VAL B 46 33.21 -23.71 -28.65
C VAL B 46 34.70 -23.80 -28.38
N PHE B 47 35.07 -24.08 -27.13
CA PHE B 47 36.47 -24.18 -26.77
C PHE B 47 36.94 -25.58 -26.41
N ASN B 48 38.18 -25.86 -26.79
CA ASN B 48 38.83 -27.13 -26.49
C ASN B 48 39.62 -26.80 -25.22
N ALA B 49 39.27 -27.46 -24.12
CA ALA B 49 39.92 -27.20 -22.84
C ALA B 49 41.42 -27.47 -22.80
N GLU B 50 41.86 -28.54 -23.45
CA GLU B 50 43.27 -28.90 -23.42
C GLU B 50 44.20 -27.90 -24.10
N TYR B 51 43.78 -27.36 -25.25
CA TYR B 51 44.61 -26.41 -25.98
C TYR B 51 44.16 -24.97 -25.93
N GLY B 52 42.87 -24.74 -25.71
CA GLY B 52 42.37 -23.39 -25.64
C GLY B 52 41.93 -22.84 -26.99
N ASN B 53 42.10 -23.63 -28.04
CA ASN B 53 41.69 -23.18 -29.37
C ASN B 53 40.17 -23.24 -29.44
N SER B 54 39.57 -22.48 -30.35
CA SER B 54 38.12 -22.47 -30.47
C SER B 54 37.62 -22.34 -31.90
N SER B 55 36.30 -22.44 -32.04
CA SER B 55 35.62 -22.33 -33.32
C SER B 55 34.27 -21.67 -33.04
N VAL B 56 33.69 -21.06 -34.06
CA VAL B 56 32.40 -20.40 -33.91
C VAL B 56 31.28 -21.44 -34.02
N PHE B 57 30.47 -21.53 -32.98
CA PHE B 57 29.36 -22.48 -32.97
C PHE B 57 28.09 -21.84 -33.52
N LEU B 58 27.93 -20.55 -33.26
CA LEU B 58 26.75 -19.83 -33.74
C LEU B 58 27.09 -18.38 -34.04
N GLU B 59 26.90 -17.98 -35.30
CA GLU B 59 27.17 -16.62 -35.74
C GLU B 59 26.24 -15.64 -35.01
N ASN B 60 26.79 -14.53 -34.56
CA ASN B 60 26.01 -13.53 -33.86
C ASN B 60 25.00 -12.85 -34.78
N SER B 61 25.18 -13.03 -36.08
CA SER B 61 24.30 -12.43 -37.07
C SER B 61 23.28 -13.43 -37.61
N THR B 62 23.37 -14.68 -37.15
CA THR B 62 22.47 -15.73 -37.60
C THR B 62 20.98 -15.39 -37.53
N PHE B 63 20.56 -14.69 -36.47
CA PHE B 63 19.15 -14.34 -36.33
C PHE B 63 18.86 -12.85 -36.44
N ASP B 64 19.60 -12.15 -37.30
CA ASP B 64 19.39 -10.72 -37.48
C ASP B 64 17.96 -10.38 -37.85
N GLU B 65 17.33 -11.25 -38.63
CA GLU B 65 15.96 -11.03 -39.06
C GLU B 65 14.96 -11.88 -38.28
N PHE B 66 15.33 -12.27 -37.06
CA PHE B 66 14.47 -13.09 -36.23
C PHE B 66 13.19 -12.35 -35.82
N GLY B 67 13.30 -11.03 -35.68
CA GLY B 67 12.13 -10.24 -35.32
C GLY B 67 11.85 -10.14 -33.82
N HIS B 68 12.67 -10.82 -33.03
CA HIS B 68 12.50 -10.81 -31.58
C HIS B 68 13.85 -10.72 -30.89
N SER B 69 13.93 -9.93 -29.83
CA SER B 69 15.16 -9.81 -29.08
C SER B 69 15.28 -11.10 -28.28
N ILE B 70 16.31 -11.89 -28.57
CA ILE B 70 16.51 -13.15 -27.89
C ILE B 70 17.03 -12.95 -26.48
N ASN B 71 16.35 -13.56 -25.52
CA ASN B 71 16.73 -13.43 -24.11
C ASN B 71 17.85 -14.39 -23.70
N ASP B 72 17.81 -15.60 -24.24
CA ASP B 72 18.81 -16.60 -23.89
C ASP B 72 18.78 -17.74 -24.90
N TYR B 73 19.84 -18.55 -24.87
CA TYR B 73 19.96 -19.69 -25.77
C TYR B 73 20.17 -20.95 -24.95
N SER B 74 19.73 -22.08 -25.49
CA SER B 74 19.91 -23.37 -24.83
C SER B 74 20.17 -24.44 -25.88
N ILE B 75 21.45 -24.74 -26.10
CA ILE B 75 21.87 -25.74 -27.08
C ILE B 75 21.59 -27.15 -26.56
N SER B 76 20.95 -27.98 -27.38
CA SER B 76 20.66 -29.34 -26.98
C SER B 76 21.99 -30.04 -26.68
N PRO B 77 21.96 -31.07 -25.82
CA PRO B 77 23.14 -31.84 -25.43
C PRO B 77 23.97 -32.35 -26.61
N ASP B 78 23.30 -32.71 -27.71
CA ASP B 78 24.01 -33.21 -28.89
C ASP B 78 24.45 -32.10 -29.82
N GLY B 79 24.10 -30.86 -29.49
CA GLY B 79 24.48 -29.72 -30.31
C GLY B 79 23.76 -29.62 -31.64
N GLN B 80 22.72 -30.41 -31.83
CA GLN B 80 21.98 -30.40 -33.08
C GLN B 80 20.93 -29.31 -33.15
N PHE B 81 20.46 -28.86 -31.99
CA PHE B 81 19.45 -27.81 -31.94
C PHE B 81 19.75 -26.74 -30.90
N ILE B 82 19.08 -25.60 -31.03
CA ILE B 82 19.24 -24.52 -30.09
C ILE B 82 17.90 -23.86 -29.80
N LEU B 83 17.55 -23.85 -28.52
CA LEU B 83 16.30 -23.26 -28.07
C LEU B 83 16.47 -21.76 -27.93
N LEU B 84 15.61 -20.99 -28.59
CA LEU B 84 15.68 -19.54 -28.52
C LEU B 84 14.57 -19.03 -27.61
N GLU B 85 14.96 -18.38 -26.52
CA GLU B 85 14.02 -17.85 -25.55
C GLU B 85 13.79 -16.35 -25.75
N TYR B 86 12.51 -15.95 -25.83
CA TYR B 86 12.17 -14.54 -25.99
C TYR B 86 10.83 -14.23 -25.34
N ASN B 87 10.44 -12.95 -25.35
CA ASN B 87 9.19 -12.54 -24.71
C ASN B 87 9.24 -12.94 -23.24
N TYR B 88 10.42 -12.82 -22.66
CA TYR B 88 10.65 -13.15 -21.26
C TYR B 88 9.83 -12.27 -20.32
N VAL B 89 9.03 -12.89 -19.46
CA VAL B 89 8.24 -12.14 -18.47
C VAL B 89 8.51 -12.78 -17.11
N LYS B 90 9.24 -12.06 -16.27
CA LYS B 90 9.59 -12.53 -14.94
C LYS B 90 8.38 -12.66 -14.02
N GLN B 91 8.40 -13.70 -13.19
CA GLN B 91 7.35 -13.84 -12.20
C GLN B 91 8.02 -13.66 -10.83
N TRP B 92 8.40 -14.75 -10.16
CA TRP B 92 9.05 -14.61 -8.85
C TRP B 92 10.57 -14.63 -8.95
N ARG B 93 11.24 -15.15 -7.93
CA ARG B 93 12.70 -15.19 -7.94
C ARG B 93 13.31 -16.03 -9.06
N HIS B 94 12.68 -17.17 -9.37
CA HIS B 94 13.19 -18.05 -10.41
C HIS B 94 12.21 -18.23 -11.58
N SER B 95 10.91 -18.19 -11.27
CA SER B 95 9.88 -18.39 -12.28
C SER B 95 9.69 -17.23 -13.26
N TYR B 96 9.23 -17.58 -14.45
CA TYR B 96 8.98 -16.62 -15.52
C TYR B 96 8.40 -17.42 -16.70
N THR B 97 7.73 -16.73 -17.62
CA THR B 97 7.20 -17.40 -18.80
C THR B 97 7.87 -16.77 -20.00
N ALA B 98 7.81 -17.46 -21.13
CA ALA B 98 8.42 -16.93 -22.34
C ALA B 98 7.95 -17.71 -23.57
N SER B 99 8.42 -17.27 -24.73
CA SER B 99 8.09 -17.92 -25.99
C SER B 99 9.37 -18.58 -26.45
N TYR B 100 9.23 -19.72 -27.13
CA TYR B 100 10.40 -20.45 -27.61
C TYR B 100 10.28 -20.90 -29.06
N ASP B 101 11.39 -20.84 -29.76
CA ASP B 101 11.48 -21.29 -31.13
C ASP B 101 12.73 -22.16 -31.16
N ILE B 102 12.71 -23.21 -31.96
CA ILE B 102 13.84 -24.11 -32.06
C ILE B 102 14.52 -24.01 -33.41
N TYR B 103 15.83 -23.80 -33.38
CA TYR B 103 16.61 -23.68 -34.59
C TYR B 103 17.37 -24.97 -34.85
N ASP B 104 17.21 -25.52 -36.03
CA ASP B 104 17.88 -26.76 -36.41
C ASP B 104 19.25 -26.38 -36.98
N LEU B 105 20.31 -26.72 -36.24
CA LEU B 105 21.65 -26.40 -36.66
C LEU B 105 22.09 -27.24 -37.86
N ASN B 106 21.39 -28.34 -38.09
CA ASN B 106 21.71 -29.21 -39.22
C ASN B 106 21.13 -28.60 -40.49
N LYS B 107 19.83 -28.35 -40.48
CA LYS B 107 19.14 -27.77 -41.62
C LYS B 107 19.34 -26.26 -41.68
N ARG B 108 20.04 -25.72 -40.68
CA ARG B 108 20.28 -24.28 -40.62
C ARG B 108 18.99 -23.50 -40.79
N GLN B 109 17.93 -23.96 -40.15
CA GLN B 109 16.63 -23.31 -40.24
C GLN B 109 15.82 -23.51 -38.96
N LEU B 110 14.95 -22.55 -38.66
CA LEU B 110 14.12 -22.63 -37.47
C LEU B 110 12.84 -23.43 -37.75
N ILE B 111 12.55 -24.37 -36.86
CA ILE B 111 11.38 -25.21 -37.00
C ILE B 111 10.08 -24.41 -36.87
N THR B 112 9.18 -24.59 -37.83
CA THR B 112 7.91 -23.88 -37.83
C THR B 112 6.75 -24.81 -37.54
N GLU B 113 7.03 -26.11 -37.51
CA GLU B 113 6.00 -27.10 -37.26
C GLU B 113 5.97 -27.51 -35.78
N GLU B 114 4.77 -27.60 -35.22
CA GLU B 114 4.60 -27.99 -33.82
C GLU B 114 5.48 -27.17 -32.88
N ARG B 115 5.38 -25.86 -32.96
CA ARG B 115 6.18 -24.99 -32.11
C ARG B 115 5.72 -24.98 -30.66
N ILE B 116 6.67 -24.80 -29.75
CA ILE B 116 6.36 -24.73 -28.34
C ILE B 116 5.39 -23.55 -28.20
N PRO B 117 4.34 -23.70 -27.39
CA PRO B 117 3.35 -22.64 -27.20
C PRO B 117 3.88 -21.40 -26.48
N ASN B 118 3.18 -20.28 -26.65
CA ASN B 118 3.57 -19.04 -25.97
C ASN B 118 3.20 -19.20 -24.51
N ASN B 119 3.73 -18.32 -23.67
CA ASN B 119 3.45 -18.36 -22.25
C ASN B 119 3.86 -19.71 -21.62
N THR B 120 4.92 -20.31 -22.16
CA THR B 120 5.40 -21.58 -21.61
C THR B 120 6.08 -21.24 -20.29
N GLN B 121 5.77 -22.02 -19.26
CA GLN B 121 6.29 -21.80 -17.92
C GLN B 121 7.67 -22.39 -17.66
N TRP B 122 8.03 -23.43 -18.40
CA TRP B 122 9.33 -24.05 -18.23
C TRP B 122 9.60 -25.01 -19.38
N VAL B 123 10.87 -25.10 -19.77
CA VAL B 123 11.26 -25.99 -20.84
C VAL B 123 12.67 -26.46 -20.55
N THR B 124 12.95 -27.71 -20.89
CA THR B 124 14.27 -28.28 -20.67
C THR B 124 14.57 -29.46 -21.58
N TRP B 125 15.79 -29.49 -22.11
CA TRP B 125 16.20 -30.60 -22.98
C TRP B 125 16.43 -31.80 -22.07
N SER B 126 16.50 -32.98 -22.68
CA SER B 126 16.78 -34.19 -21.93
C SER B 126 18.28 -34.08 -21.69
N PRO B 127 18.83 -34.84 -20.73
CA PRO B 127 20.27 -34.79 -20.42
C PRO B 127 21.14 -35.10 -21.63
N VAL B 128 20.70 -36.07 -22.44
CA VAL B 128 21.42 -36.45 -23.65
C VAL B 128 20.44 -36.42 -24.82
N GLY B 129 20.96 -36.30 -26.03
CA GLY B 129 20.10 -36.25 -27.20
C GLY B 129 19.43 -34.90 -27.39
N HIS B 130 18.15 -34.94 -27.74
CA HIS B 130 17.41 -33.70 -27.97
C HIS B 130 15.91 -33.78 -27.75
N LYS B 131 15.49 -34.57 -26.76
CA LYS B 131 14.06 -34.64 -26.45
C LYS B 131 13.78 -33.35 -25.69
N LEU B 132 12.51 -32.98 -25.58
CA LEU B 132 12.13 -31.78 -24.86
C LEU B 132 11.00 -32.09 -23.89
N ALA B 133 10.92 -31.29 -22.84
CA ALA B 133 9.87 -31.41 -21.84
C ALA B 133 9.57 -29.97 -21.43
N TYR B 134 8.30 -29.59 -21.52
CA TYR B 134 7.93 -28.24 -21.15
C TYR B 134 6.60 -28.23 -20.44
N VAL B 135 6.38 -27.16 -19.68
CA VAL B 135 5.14 -26.99 -18.94
C VAL B 135 4.40 -25.81 -19.53
N TRP B 136 3.10 -25.98 -19.72
CA TRP B 136 2.27 -24.93 -20.29
C TRP B 136 0.92 -25.03 -19.61
N ASN B 137 0.43 -23.91 -19.10
CA ASN B 137 -0.83 -23.89 -18.39
C ASN B 137 -0.87 -24.91 -17.27
N ASN B 138 0.27 -25.09 -16.60
CA ASN B 138 0.39 -26.01 -15.48
C ASN B 138 0.40 -27.51 -15.81
N ASP B 139 0.54 -27.84 -17.09
CA ASP B 139 0.59 -29.24 -17.51
C ASP B 139 1.88 -29.54 -18.23
N ILE B 140 2.33 -30.79 -18.12
CA ILE B 140 3.58 -31.22 -18.73
C ILE B 140 3.40 -31.81 -20.13
N TYR B 141 4.32 -31.47 -21.04
CA TYR B 141 4.30 -31.97 -22.42
C TYR B 141 5.69 -32.46 -22.79
N VAL B 142 5.77 -33.45 -23.66
CA VAL B 142 7.05 -33.99 -24.10
C VAL B 142 7.14 -34.04 -25.62
N LYS B 143 8.32 -33.74 -26.15
CA LYS B 143 8.56 -33.79 -27.59
C LYS B 143 9.80 -34.63 -27.85
N ILE B 144 9.61 -35.81 -28.44
CA ILE B 144 10.73 -36.70 -28.75
C ILE B 144 11.61 -36.05 -29.81
N GLU B 145 10.99 -35.25 -30.67
CA GLU B 145 11.71 -34.57 -31.74
C GLU B 145 11.15 -33.15 -31.82
N PRO B 146 12.05 -32.16 -31.92
CA PRO B 146 11.70 -30.74 -32.00
C PRO B 146 10.63 -30.33 -33.00
N ASN B 147 10.55 -31.01 -34.14
CA ASN B 147 9.55 -30.68 -35.14
C ASN B 147 8.32 -31.58 -35.08
N LEU B 148 8.24 -32.44 -34.08
CA LEU B 148 7.09 -33.35 -33.96
C LEU B 148 6.08 -32.91 -32.91
N PRO B 149 4.84 -33.41 -33.04
CA PRO B 149 3.73 -33.09 -32.12
C PRO B 149 4.12 -33.48 -30.70
N SER B 150 3.62 -32.74 -29.72
CA SER B 150 3.91 -33.00 -28.32
C SER B 150 2.92 -33.99 -27.71
N TYR B 151 3.39 -34.80 -26.77
CA TYR B 151 2.51 -35.73 -26.07
C TYR B 151 2.15 -35.05 -24.77
N ARG B 152 0.86 -34.95 -24.47
CA ARG B 152 0.43 -34.33 -23.23
C ARG B 152 0.56 -35.35 -22.11
N ILE B 153 1.35 -35.02 -21.09
CA ILE B 153 1.57 -35.93 -19.96
C ILE B 153 0.55 -35.81 -18.84
N THR B 154 0.16 -34.58 -18.51
CA THR B 154 -0.81 -34.36 -17.45
C THR B 154 -2.00 -33.56 -17.95
N TRP B 155 -3.16 -33.77 -17.35
CA TRP B 155 -4.38 -33.07 -17.76
C TRP B 155 -5.06 -32.38 -16.58
N THR B 156 -4.41 -32.35 -15.43
CA THR B 156 -4.98 -31.73 -14.24
C THR B 156 -4.53 -30.30 -13.97
N GLY B 157 -3.63 -29.78 -14.80
CA GLY B 157 -3.15 -28.43 -14.61
C GLY B 157 -4.24 -27.39 -14.40
N LYS B 158 -4.07 -26.55 -13.39
CA LYS B 158 -5.06 -25.50 -13.09
C LYS B 158 -4.40 -24.33 -12.35
N GLU B 159 -4.40 -23.17 -12.99
CA GLU B 159 -3.78 -21.98 -12.42
C GLU B 159 -4.07 -21.78 -10.94
N ASP B 160 -2.98 -21.56 -10.18
CA ASP B 160 -3.06 -21.32 -8.73
C ASP B 160 -3.66 -22.47 -7.93
N ILE B 161 -3.82 -23.63 -8.53
CA ILE B 161 -4.41 -24.76 -7.81
C ILE B 161 -3.58 -26.04 -7.94
N ILE B 162 -3.43 -26.52 -9.16
CA ILE B 162 -2.68 -27.74 -9.43
C ILE B 162 -1.46 -27.42 -10.31
N TYR B 163 -0.27 -27.74 -9.81
CA TYR B 163 0.95 -27.47 -10.56
C TYR B 163 1.67 -28.77 -10.96
N ASN B 164 1.77 -29.04 -12.25
CA ASN B 164 2.46 -30.24 -12.73
C ASN B 164 3.79 -29.83 -13.37
N GLY B 165 4.89 -30.34 -12.84
CA GLY B 165 6.19 -30.02 -13.42
C GLY B 165 6.79 -28.68 -13.04
N ILE B 166 6.05 -27.88 -12.27
CA ILE B 166 6.52 -26.58 -11.81
C ILE B 166 6.14 -26.43 -10.34
N THR B 167 6.87 -25.58 -9.63
CA THR B 167 6.61 -25.36 -8.21
C THR B 167 5.65 -24.20 -7.97
N ASP B 168 5.01 -24.21 -6.81
CA ASP B 168 4.11 -23.12 -6.44
C ASP B 168 5.03 -22.07 -5.81
N TRP B 169 4.45 -20.99 -5.27
CA TRP B 169 5.28 -19.94 -4.70
C TRP B 169 6.29 -20.40 -3.63
N VAL B 170 5.81 -21.07 -2.60
CA VAL B 170 6.69 -21.50 -1.51
C VAL B 170 7.71 -22.57 -1.89
N TYR B 171 7.34 -23.53 -2.73
CA TYR B 171 8.30 -24.55 -3.13
C TYR B 171 9.39 -23.92 -4.01
N GLU B 172 9.01 -22.94 -4.83
CA GLU B 172 9.98 -22.27 -5.69
C GLU B 172 11.03 -21.54 -4.86
N GLU B 173 10.53 -20.74 -3.92
CA GLU B 173 11.38 -19.92 -3.07
C GLU B 173 12.13 -20.63 -1.95
N GLU B 174 11.44 -21.47 -1.20
CA GLU B 174 12.03 -22.13 -0.04
C GLU B 174 12.52 -23.56 -0.13
N VAL B 175 12.11 -24.33 -1.15
CA VAL B 175 12.55 -25.72 -1.22
C VAL B 175 13.51 -26.03 -2.36
N PHE B 176 13.07 -25.85 -3.60
CA PHE B 176 13.91 -26.14 -4.74
C PHE B 176 14.70 -24.97 -5.31
N SER B 177 14.36 -23.74 -4.92
CA SER B 177 15.07 -22.57 -5.45
C SER B 177 15.03 -22.68 -6.98
N ALA B 178 13.89 -23.09 -7.49
CA ALA B 178 13.71 -23.26 -8.92
C ALA B 178 12.22 -23.38 -9.21
N TYR B 179 11.82 -22.99 -10.43
CA TYR B 179 10.43 -23.05 -10.87
C TYR B 179 10.14 -24.46 -11.36
N SER B 180 11.16 -25.11 -11.91
CA SER B 180 10.97 -26.45 -12.44
C SER B 180 10.83 -27.51 -11.35
N ALA B 181 9.96 -28.48 -11.65
CA ALA B 181 9.70 -29.60 -10.78
C ALA B 181 9.72 -30.83 -11.70
N LEU B 182 10.67 -30.83 -12.63
CA LEU B 182 10.87 -31.91 -13.60
C LEU B 182 12.30 -32.44 -13.47
N TRP B 183 12.45 -33.76 -13.55
CA TRP B 183 13.76 -34.38 -13.44
C TRP B 183 13.95 -35.54 -14.43
N TRP B 184 14.71 -35.29 -15.49
CA TRP B 184 15.00 -36.31 -16.50
C TRP B 184 15.94 -37.36 -15.93
N SER B 185 15.81 -38.61 -16.42
CA SER B 185 16.71 -39.67 -15.98
C SER B 185 17.99 -39.41 -16.77
N PRO B 186 19.13 -39.94 -16.31
CA PRO B 186 20.42 -39.77 -16.98
C PRO B 186 20.46 -39.82 -18.51
N ASN B 187 19.82 -40.82 -19.11
CA ASN B 187 19.84 -40.92 -20.57
C ASN B 187 18.55 -40.45 -21.22
N GLY B 188 17.65 -39.86 -20.43
CA GLY B 188 16.41 -39.36 -20.98
C GLY B 188 15.22 -40.30 -21.10
N THR B 189 15.40 -41.55 -20.71
CA THR B 189 14.30 -42.50 -20.81
C THR B 189 13.11 -42.07 -19.96
N PHE B 190 13.34 -41.86 -18.67
CA PHE B 190 12.27 -41.46 -17.78
C PHE B 190 12.26 -39.96 -17.49
N LEU B 191 11.06 -39.43 -17.26
CA LEU B 191 10.89 -38.04 -16.91
C LEU B 191 10.13 -38.09 -15.60
N ALA B 192 10.79 -37.69 -14.51
CA ALA B 192 10.16 -37.67 -13.20
C ALA B 192 9.65 -36.26 -12.95
N TYR B 193 8.57 -36.13 -12.18
CA TYR B 193 8.02 -34.83 -11.87
C TYR B 193 7.19 -34.86 -10.60
N ALA B 194 6.99 -33.68 -10.03
CA ALA B 194 6.20 -33.54 -8.82
C ALA B 194 4.95 -32.78 -9.17
N GLN B 195 3.91 -32.96 -8.37
CA GLN B 195 2.65 -32.27 -8.59
C GLN B 195 2.26 -31.60 -7.28
N PHE B 196 2.01 -30.30 -7.33
CA PHE B 196 1.63 -29.60 -6.11
C PHE B 196 0.16 -29.20 -6.13
N ASN B 197 -0.50 -29.39 -4.99
CA ASN B 197 -1.91 -29.05 -4.86
C ASN B 197 -2.05 -27.96 -3.80
N ASP B 198 -2.36 -26.74 -4.23
CA ASP B 198 -2.52 -25.61 -3.32
C ASP B 198 -3.98 -25.27 -3.04
N THR B 199 -4.88 -26.16 -3.44
CA THR B 199 -6.31 -25.92 -3.25
C THR B 199 -6.71 -25.16 -1.98
N GLU B 200 -6.22 -25.58 -0.83
CA GLU B 200 -6.60 -24.92 0.42
C GLU B 200 -5.60 -23.92 0.99
N VAL B 201 -4.61 -23.53 0.19
CA VAL B 201 -3.61 -22.56 0.65
C VAL B 201 -4.18 -21.15 0.54
N PRO B 202 -4.16 -20.39 1.65
CA PRO B 202 -4.70 -19.03 1.58
C PRO B 202 -3.89 -18.20 0.59
N LEU B 203 -4.49 -17.11 0.11
CA LEU B 203 -3.84 -16.24 -0.84
C LEU B 203 -3.42 -14.92 -0.22
N ILE B 204 -2.22 -14.47 -0.56
CA ILE B 204 -1.78 -13.16 -0.11
C ILE B 204 -2.31 -12.24 -1.21
N GLU B 205 -2.89 -11.11 -0.83
CA GLU B 205 -3.42 -10.19 -1.82
C GLU B 205 -2.83 -8.80 -1.62
N TYR B 206 -2.45 -8.16 -2.71
CA TYR B 206 -1.90 -6.81 -2.65
C TYR B 206 -2.16 -6.12 -3.98
N SER B 207 -2.18 -4.80 -3.97
CA SER B 207 -2.45 -4.03 -5.17
C SER B 207 -1.24 -3.83 -6.08
N PHE B 208 -1.51 -3.77 -7.37
CA PHE B 208 -0.47 -3.50 -8.36
C PHE B 208 -1.09 -2.34 -9.13
N TYR B 209 -0.37 -1.23 -9.19
CA TYR B 209 -0.89 -0.04 -9.86
C TYR B 209 -0.64 0.02 -11.36
N SER B 210 0.48 -0.55 -11.80
CA SER B 210 0.81 -0.58 -13.21
C SER B 210 1.04 0.82 -13.78
N ASP B 211 1.05 0.93 -15.10
CA ASP B 211 1.25 2.21 -15.75
C ASP B 211 0.11 3.18 -15.40
N GLU B 212 0.41 4.45 -15.53
CA GLU B 212 -0.53 5.53 -15.24
C GLU B 212 -1.89 5.33 -15.92
N SER B 213 -1.86 4.73 -17.11
CA SER B 213 -3.06 4.51 -17.88
C SER B 213 -4.07 3.54 -17.24
N LEU B 214 -3.62 2.70 -16.32
CA LEU B 214 -4.54 1.77 -15.68
C LEU B 214 -5.42 2.55 -14.71
N GLN B 215 -6.71 2.66 -15.04
CA GLN B 215 -7.63 3.42 -14.21
C GLN B 215 -7.92 2.80 -12.85
N TYR B 216 -8.06 1.48 -12.81
CA TYR B 216 -8.32 0.77 -11.57
C TYR B 216 -7.15 -0.13 -11.23
N PRO B 217 -6.60 0.00 -10.01
CA PRO B 217 -5.47 -0.86 -9.67
C PRO B 217 -5.87 -2.34 -9.68
N LYS B 218 -4.92 -3.19 -10.02
CA LYS B 218 -5.14 -4.61 -10.07
C LYS B 218 -4.83 -5.22 -8.71
N THR B 219 -5.52 -6.31 -8.37
CA THR B 219 -5.27 -7.01 -7.11
C THR B 219 -4.59 -8.33 -7.42
N VAL B 220 -3.32 -8.44 -7.06
CA VAL B 220 -2.57 -9.68 -7.29
C VAL B 220 -2.93 -10.65 -6.16
N ARG B 221 -3.07 -11.92 -6.52
CA ARG B 221 -3.42 -12.96 -5.54
C ARG B 221 -2.48 -14.13 -5.75
N VAL B 222 -1.76 -14.50 -4.70
CA VAL B 222 -0.80 -15.59 -4.79
C VAL B 222 -0.95 -16.60 -3.66
N PRO B 223 -1.10 -17.89 -4.00
CA PRO B 223 -1.24 -18.90 -2.95
C PRO B 223 0.07 -18.83 -2.16
N TYR B 224 -0.04 -18.45 -0.90
CA TYR B 224 1.14 -18.27 -0.05
C TYR B 224 0.81 -18.71 1.35
N PRO B 225 1.41 -19.82 1.81
CA PRO B 225 1.13 -20.26 3.18
C PRO B 225 1.99 -19.54 4.21
N LYS B 226 1.36 -18.74 5.06
CA LYS B 226 2.11 -18.04 6.10
C LYS B 226 2.29 -19.06 7.24
N ALA B 227 3.16 -18.75 8.20
CA ALA B 227 3.43 -19.67 9.30
C ALA B 227 2.16 -20.28 9.93
N GLY B 228 2.15 -21.61 10.03
CA GLY B 228 1.03 -22.31 10.62
C GLY B 228 -0.19 -22.52 9.73
N ALA B 229 -0.21 -21.89 8.56
CA ALA B 229 -1.34 -22.02 7.65
C ALA B 229 -1.30 -23.33 6.87
N VAL B 230 -2.39 -23.62 6.16
CA VAL B 230 -2.48 -24.83 5.36
C VAL B 230 -1.44 -24.79 4.23
N ASN B 231 -0.65 -25.84 4.15
CA ASN B 231 0.41 -25.97 3.16
C ASN B 231 -0.06 -26.73 1.92
N PRO B 232 0.65 -26.57 0.80
CA PRO B 232 0.30 -27.28 -0.42
C PRO B 232 0.65 -28.75 -0.22
N THR B 233 -0.05 -29.65 -0.89
CA THR B 233 0.26 -31.07 -0.76
C THR B 233 1.11 -31.44 -1.97
N VAL B 234 1.82 -32.56 -1.90
CA VAL B 234 2.67 -32.94 -3.01
C VAL B 234 2.63 -34.43 -3.35
N LYS B 235 2.79 -34.72 -4.64
CA LYS B 235 2.82 -36.09 -5.14
C LYS B 235 3.96 -36.18 -6.14
N PHE B 236 4.56 -37.38 -6.23
CA PHE B 236 5.68 -37.58 -7.14
C PHE B 236 5.33 -38.63 -8.19
N PHE B 237 5.72 -38.37 -9.44
CA PHE B 237 5.43 -39.29 -10.53
C PHE B 237 6.63 -39.51 -11.45
N VAL B 238 6.63 -40.64 -12.14
CA VAL B 238 7.68 -40.98 -13.09
C VAL B 238 6.99 -41.54 -14.32
N VAL B 239 7.37 -41.03 -15.49
CA VAL B 239 6.78 -41.51 -16.74
C VAL B 239 7.86 -41.92 -17.72
N ASN B 240 7.59 -42.97 -18.49
CA ASN B 240 8.53 -43.47 -19.49
C ASN B 240 8.25 -42.71 -20.78
N THR B 241 9.23 -41.94 -21.25
CA THR B 241 9.05 -41.17 -22.48
C THR B 241 9.37 -41.97 -23.75
N ASP B 242 9.86 -43.19 -23.58
CA ASP B 242 10.19 -44.03 -24.73
C ASP B 242 8.96 -44.81 -25.19
N SER B 243 7.96 -44.90 -24.32
CA SER B 243 6.76 -45.63 -24.64
C SER B 243 5.51 -44.74 -24.67
N LEU B 244 5.63 -43.59 -25.31
CA LEU B 244 4.51 -42.65 -25.42
C LEU B 244 3.74 -42.94 -26.71
N SER B 245 2.42 -42.77 -26.66
CA SER B 245 1.60 -43.01 -27.83
C SER B 245 0.72 -41.81 -28.19
N SER B 246 0.36 -41.72 -29.47
CA SER B 246 -0.48 -40.62 -29.94
C SER B 246 -1.94 -41.01 -29.86
N VAL B 247 -2.20 -42.28 -29.55
CA VAL B 247 -3.57 -42.77 -29.47
C VAL B 247 -4.08 -42.89 -28.03
N THR B 248 -3.19 -43.20 -27.10
CA THR B 248 -3.58 -43.33 -25.70
C THR B 248 -2.77 -42.37 -24.82
N ASN B 249 -3.34 -41.98 -23.69
CA ASN B 249 -2.66 -41.06 -22.78
C ASN B 249 -1.55 -41.76 -22.02
N ALA B 250 -0.42 -41.09 -21.90
CA ALA B 250 0.73 -41.64 -21.18
C ALA B 250 0.33 -42.06 -19.78
N THR B 251 1.03 -43.04 -19.24
CA THR B 251 0.74 -43.54 -17.90
C THR B 251 1.84 -43.10 -16.93
N SER B 252 1.46 -42.33 -15.93
CA SER B 252 2.44 -41.88 -14.94
C SER B 252 2.38 -42.77 -13.71
N ILE B 253 3.52 -43.31 -13.32
CA ILE B 253 3.59 -44.16 -12.14
C ILE B 253 3.97 -43.31 -10.94
N GLN B 254 3.15 -43.38 -9.90
CA GLN B 254 3.40 -42.60 -8.70
C GLN B 254 4.28 -43.33 -7.69
N ILE B 255 5.12 -42.55 -7.01
CA ILE B 255 6.00 -43.06 -5.97
C ILE B 255 5.54 -42.33 -4.72
N THR B 256 4.83 -43.04 -3.85
CA THR B 256 4.32 -42.44 -2.63
C THR B 256 5.41 -42.23 -1.59
N ALA B 257 5.17 -41.27 -0.69
CA ALA B 257 6.14 -40.95 0.34
C ALA B 257 6.12 -42.01 1.43
N PRO B 258 7.20 -42.09 2.23
CA PRO B 258 7.31 -43.06 3.33
C PRO B 258 6.19 -42.84 4.34
N ALA B 259 5.79 -43.92 5.02
CA ALA B 259 4.72 -43.84 6.01
C ALA B 259 5.05 -42.87 7.13
N SER B 260 6.34 -42.76 7.45
CA SER B 260 6.76 -41.85 8.52
C SER B 260 6.49 -40.39 8.11
N MET B 261 6.22 -40.19 6.82
CA MET B 261 5.93 -38.85 6.30
C MET B 261 4.43 -38.66 6.16
N LEU B 262 3.75 -39.65 5.60
CA LEU B 262 2.31 -39.60 5.39
C LEU B 262 1.48 -39.43 6.66
N ILE B 263 2.09 -39.65 7.83
CA ILE B 263 1.35 -39.51 9.08
C ILE B 263 0.99 -38.05 9.36
N GLY B 264 1.49 -37.14 8.54
CA GLY B 264 1.20 -35.73 8.72
C GLY B 264 1.71 -34.88 7.58
N ASP B 265 1.70 -33.56 7.77
CA ASP B 265 2.17 -32.66 6.73
C ASP B 265 3.66 -32.90 6.49
N HIS B 266 4.07 -32.84 5.22
CA HIS B 266 5.46 -33.06 4.86
C HIS B 266 5.77 -32.35 3.55
N TYR B 267 7.04 -32.45 3.15
CA TYR B 267 7.50 -31.83 1.91
C TYR B 267 8.38 -32.81 1.17
N LEU B 268 8.50 -32.58 -0.14
CA LEU B 268 9.40 -33.36 -0.98
C LEU B 268 10.54 -32.34 -1.02
N CYS B 269 11.73 -32.72 -0.58
CA CYS B 269 12.82 -31.74 -0.57
C CYS B 269 14.00 -32.00 -1.49
N ASP B 270 14.06 -33.18 -2.09
CA ASP B 270 15.16 -33.49 -2.98
C ASP B 270 14.86 -34.64 -3.93
N VAL B 271 15.30 -34.49 -5.17
CA VAL B 271 15.14 -35.53 -6.18
C VAL B 271 16.45 -35.64 -6.92
N THR B 272 17.04 -36.83 -6.89
CA THR B 272 18.32 -37.05 -7.56
C THR B 272 18.40 -38.45 -8.15
N TRP B 273 18.61 -38.53 -9.46
CA TRP B 273 18.73 -39.83 -10.11
C TRP B 273 20.08 -40.45 -9.78
N ALA B 274 20.09 -41.75 -9.52
CA ALA B 274 21.32 -42.47 -9.20
C ALA B 274 21.83 -43.17 -10.45
N THR B 275 20.92 -43.84 -11.16
CA THR B 275 21.26 -44.56 -12.39
C THR B 275 20.09 -44.45 -13.37
N GLN B 276 20.21 -45.15 -14.49
CA GLN B 276 19.15 -45.14 -15.50
C GLN B 276 17.83 -45.65 -14.93
N GLU B 277 17.90 -46.50 -13.92
CA GLU B 277 16.69 -47.08 -13.35
C GLU B 277 16.58 -46.97 -11.83
N ARG B 278 17.30 -46.02 -11.25
CA ARG B 278 17.27 -45.81 -9.81
C ARG B 278 17.18 -44.32 -9.49
N ILE B 279 16.18 -43.95 -8.70
CA ILE B 279 15.98 -42.57 -8.31
C ILE B 279 15.87 -42.44 -6.79
N SER B 280 16.47 -41.37 -6.25
CA SER B 280 16.41 -41.15 -4.82
C SER B 280 15.61 -39.88 -4.55
N LEU B 281 14.83 -39.90 -3.47
CA LEU B 281 14.01 -38.78 -3.08
C LEU B 281 14.13 -38.61 -1.59
N GLN B 282 14.14 -37.37 -1.13
CA GLN B 282 14.19 -37.10 0.30
C GLN B 282 12.92 -36.35 0.65
N TRP B 283 12.29 -36.78 1.75
CA TRP B 283 11.06 -36.17 2.22
C TRP B 283 11.35 -35.51 3.57
N LEU B 284 10.67 -34.41 3.84
CA LEU B 284 10.88 -33.68 5.08
C LEU B 284 9.56 -33.43 5.80
N ARG B 285 9.52 -33.71 7.10
CA ARG B 285 8.30 -33.47 7.87
C ARG B 285 8.11 -31.98 8.01
N ARG B 286 6.87 -31.54 8.25
CA ARG B 286 6.63 -30.11 8.40
C ARG B 286 7.48 -29.63 9.57
N ILE B 287 7.66 -30.49 10.58
CA ILE B 287 8.53 -30.16 11.70
C ILE B 287 9.84 -30.65 11.12
N GLN B 288 10.59 -29.72 10.55
CA GLN B 288 11.83 -29.98 9.83
C GLN B 288 13.10 -30.50 10.50
N ASN B 289 12.95 -31.35 11.51
CA ASN B 289 14.13 -31.92 12.14
C ASN B 289 14.16 -33.43 11.91
N TYR B 290 13.42 -33.87 10.89
CA TYR B 290 13.36 -35.28 10.56
C TYR B 290 13.08 -35.46 9.06
N SER B 291 14.04 -36.05 8.35
CA SER B 291 13.89 -36.28 6.92
C SER B 291 14.23 -37.74 6.61
N VAL B 292 13.74 -38.22 5.47
CA VAL B 292 13.98 -39.60 5.07
C VAL B 292 14.30 -39.71 3.58
N MET B 293 15.29 -40.51 3.25
CA MET B 293 15.64 -40.71 1.84
C MET B 293 15.17 -42.09 1.36
N ASP B 294 14.46 -42.08 0.25
CA ASP B 294 13.97 -43.31 -0.36
C ASP B 294 14.80 -43.56 -1.60
N ILE B 295 15.15 -44.81 -1.83
CA ILE B 295 15.92 -45.18 -3.01
C ILE B 295 15.06 -46.18 -3.76
N CYS B 296 14.53 -45.75 -4.90
CA CYS B 296 13.63 -46.57 -5.69
C CYS B 296 14.21 -47.09 -7.01
N ASP B 297 13.97 -48.37 -7.28
CA ASP B 297 14.43 -49.02 -8.50
C ASP B 297 13.28 -49.38 -9.41
N TYR B 298 13.50 -49.22 -10.71
CA TYR B 298 12.48 -49.55 -11.69
C TYR B 298 12.38 -51.07 -11.83
N ASP B 299 11.16 -51.58 -11.78
CA ASP B 299 10.92 -53.02 -11.92
C ASP B 299 10.42 -53.26 -13.34
N GLU B 300 11.33 -53.69 -14.20
CA GLU B 300 11.00 -53.93 -15.61
C GLU B 300 9.86 -54.93 -15.78
N SER B 301 9.71 -55.84 -14.82
CA SER B 301 8.66 -56.85 -14.89
C SER B 301 7.28 -56.22 -14.76
N SER B 302 7.08 -55.48 -13.68
CA SER B 302 5.80 -54.82 -13.41
C SER B 302 5.74 -53.40 -13.97
N GLY B 303 6.89 -52.88 -14.39
CA GLY B 303 6.94 -51.53 -14.93
C GLY B 303 6.66 -50.51 -13.86
N ARG B 304 6.86 -50.88 -12.60
CA ARG B 304 6.63 -49.98 -11.49
C ARG B 304 7.93 -49.66 -10.75
N TRP B 305 7.86 -48.71 -9.82
CA TRP B 305 9.02 -48.31 -9.05
C TRP B 305 8.89 -48.73 -7.59
N ASN B 306 9.87 -49.47 -7.10
CA ASN B 306 9.84 -49.94 -5.72
C ASN B 306 10.97 -49.33 -4.90
N CYS B 307 10.65 -48.93 -3.69
CA CYS B 307 11.64 -48.34 -2.80
C CYS B 307 11.77 -49.22 -1.56
N LEU B 308 12.76 -50.11 -1.57
CA LEU B 308 12.97 -51.03 -0.45
C LEU B 308 13.24 -50.28 0.86
N VAL B 309 12.53 -50.70 1.91
CA VAL B 309 12.69 -50.10 3.22
C VAL B 309 14.13 -50.24 3.74
N ALA B 310 14.80 -51.31 3.30
CA ALA B 310 16.17 -51.55 3.72
C ALA B 310 17.10 -50.50 3.12
N ARG B 311 16.65 -49.85 2.06
CA ARG B 311 17.44 -48.82 1.40
C ARG B 311 16.97 -47.44 1.83
N GLN B 312 16.30 -47.38 2.98
CA GLN B 312 15.79 -46.12 3.50
C GLN B 312 16.80 -45.51 4.47
N HIS B 313 17.04 -44.21 4.33
CA HIS B 313 18.00 -43.53 5.17
C HIS B 313 17.38 -42.35 5.91
N ILE B 314 17.50 -42.38 7.23
CA ILE B 314 16.94 -41.34 8.06
C ILE B 314 18.00 -40.30 8.44
N GLU B 315 17.59 -39.03 8.40
CA GLU B 315 18.47 -37.93 8.78
C GLU B 315 17.68 -37.01 9.70
N MET B 316 18.10 -36.93 10.96
CA MET B 316 17.42 -36.09 11.93
C MET B 316 18.41 -35.19 12.66
N SER B 317 17.88 -34.27 13.45
CA SER B 317 18.71 -33.35 14.21
C SER B 317 18.04 -33.14 15.56
N THR B 318 18.83 -33.16 16.63
CA THR B 318 18.31 -32.96 17.96
C THR B 318 18.52 -31.54 18.46
N THR B 319 19.38 -30.78 17.77
CA THR B 319 19.67 -29.42 18.17
C THR B 319 18.96 -28.35 17.34
N GLY B 320 18.50 -28.73 16.16
CA GLY B 320 17.81 -27.80 15.31
C GLY B 320 17.11 -28.49 14.15
N TRP B 321 17.17 -27.86 12.98
CA TRP B 321 16.56 -28.41 11.77
C TRP B 321 17.59 -29.24 11.04
N VAL B 322 17.21 -29.86 9.93
CA VAL B 322 18.13 -30.69 9.15
C VAL B 322 18.71 -29.94 7.94
N GLY B 323 20.03 -29.95 7.81
CA GLY B 323 20.67 -29.27 6.70
C GLY B 323 20.81 -27.77 6.92
N ARG B 324 21.52 -27.08 6.04
CA ARG B 324 21.67 -25.63 6.18
C ARG B 324 20.31 -24.96 5.97
N PHE B 325 19.71 -25.19 4.81
CA PHE B 325 18.38 -24.65 4.53
C PHE B 325 17.47 -25.82 4.18
N ARG B 326 18.05 -27.01 4.08
CA ARG B 326 17.32 -28.23 3.78
C ARG B 326 18.29 -29.40 3.63
N PRO B 327 17.78 -30.65 3.70
CA PRO B 327 18.66 -31.82 3.57
C PRO B 327 19.51 -31.69 2.31
N SER B 328 20.79 -32.03 2.43
CA SER B 328 21.72 -31.95 1.31
C SER B 328 21.47 -32.99 0.22
N GLU B 329 21.98 -32.72 -0.97
CA GLU B 329 21.78 -33.64 -2.08
C GLU B 329 22.86 -34.71 -2.06
N PRO B 330 22.47 -35.95 -2.38
CA PRO B 330 23.41 -37.07 -2.40
C PRO B 330 24.15 -37.10 -3.73
N HIS B 331 25.39 -37.59 -3.71
CA HIS B 331 26.17 -37.70 -4.94
C HIS B 331 26.50 -39.18 -5.12
N PHE B 332 25.80 -39.81 -6.06
CA PHE B 332 25.99 -41.23 -6.32
C PHE B 332 27.20 -41.58 -7.16
N THR B 333 27.75 -42.76 -6.92
CA THR B 333 28.89 -43.28 -7.65
C THR B 333 28.40 -43.77 -9.00
N LEU B 334 29.31 -44.14 -9.89
CA LEU B 334 28.93 -44.61 -11.22
C LEU B 334 27.86 -45.71 -11.16
N ASP B 335 28.16 -46.81 -10.48
CA ASP B 335 27.19 -47.91 -10.38
C ASP B 335 25.96 -47.57 -9.56
N GLY B 336 26.00 -46.46 -8.83
CA GLY B 336 24.87 -46.07 -8.03
C GLY B 336 24.61 -46.94 -6.81
N ASN B 337 25.61 -47.71 -6.40
CA ASN B 337 25.46 -48.60 -5.25
C ASN B 337 25.76 -47.89 -3.93
N SER B 338 26.38 -46.71 -4.02
CA SER B 338 26.71 -45.93 -2.84
C SER B 338 26.73 -44.46 -3.18
N PHE B 339 26.78 -43.60 -2.16
CA PHE B 339 26.80 -42.17 -2.40
C PHE B 339 27.41 -41.39 -1.26
N TYR B 340 27.83 -40.16 -1.58
CA TYR B 340 28.43 -39.28 -0.59
C TYR B 340 27.44 -38.15 -0.32
N LYS B 341 27.36 -37.73 0.94
CA LYS B 341 26.42 -36.70 1.33
C LYS B 341 26.95 -35.92 2.52
N ILE B 342 26.75 -34.60 2.49
CA ILE B 342 27.19 -33.73 3.57
C ILE B 342 26.14 -33.74 4.66
N ILE B 343 26.54 -34.09 5.87
CA ILE B 343 25.63 -34.10 7.01
C ILE B 343 26.39 -33.65 8.26
N SER B 344 25.64 -33.17 9.24
CA SER B 344 26.23 -32.70 10.47
C SER B 344 26.72 -33.91 11.27
N ASN B 345 27.97 -33.86 11.72
CA ASN B 345 28.51 -34.97 12.49
C ASN B 345 28.21 -34.82 13.98
N GLU B 346 28.76 -35.71 14.79
CA GLU B 346 28.54 -35.68 16.23
C GLU B 346 29.02 -34.40 16.91
N GLU B 347 29.98 -33.72 16.28
CA GLU B 347 30.49 -32.47 16.83
C GLU B 347 29.66 -31.30 16.32
N GLY B 348 28.73 -31.59 15.42
CA GLY B 348 27.89 -30.53 14.89
C GLY B 348 28.50 -29.82 13.68
N TYR B 349 29.53 -30.42 13.11
CA TYR B 349 30.18 -29.84 11.94
C TYR B 349 29.79 -30.63 10.69
N ARG B 350 29.49 -29.91 9.62
CA ARG B 350 29.07 -30.55 8.38
C ARG B 350 30.21 -31.11 7.57
N HIS B 351 30.20 -32.43 7.44
CA HIS B 351 31.22 -33.17 6.73
C HIS B 351 30.64 -34.20 5.78
N ILE B 352 31.48 -34.74 4.90
CA ILE B 352 31.03 -35.73 3.93
C ILE B 352 30.97 -37.15 4.48
N CYS B 353 29.79 -37.76 4.41
CA CYS B 353 29.63 -39.13 4.89
C CYS B 353 29.43 -40.04 3.68
N TYR B 354 30.02 -41.23 3.73
CA TYR B 354 29.93 -42.21 2.64
C TYR B 354 28.87 -43.26 2.96
N PHE B 355 27.82 -43.31 2.13
CA PHE B 355 26.71 -44.25 2.33
C PHE B 355 26.71 -45.41 1.33
N GLN B 356 26.21 -46.56 1.79
CA GLN B 356 26.04 -47.76 0.96
C GLN B 356 24.52 -47.83 0.90
N ILE B 357 23.93 -47.89 -0.30
CA ILE B 357 22.47 -47.91 -0.38
C ILE B 357 21.80 -48.97 0.49
N ASP B 358 22.48 -50.09 0.73
CA ASP B 358 21.94 -51.17 1.53
C ASP B 358 22.50 -51.23 2.96
N LYS B 359 22.98 -50.09 3.47
CA LYS B 359 23.55 -50.03 4.82
C LYS B 359 23.06 -48.79 5.55
N LYS B 360 22.80 -48.92 6.85
CA LYS B 360 22.31 -47.79 7.64
C LYS B 360 23.36 -46.84 8.16
N ASP B 361 24.55 -47.34 8.47
CA ASP B 361 25.61 -46.48 8.99
C ASP B 361 26.52 -45.95 7.90
N CYS B 362 26.67 -44.63 7.84
CA CYS B 362 27.55 -44.02 6.85
C CYS B 362 28.89 -43.72 7.52
N THR B 363 29.93 -43.56 6.72
CA THR B 363 31.26 -43.29 7.25
C THR B 363 31.75 -41.90 6.84
N PHE B 364 32.06 -41.07 7.82
CA PHE B 364 32.56 -39.72 7.55
C PHE B 364 33.95 -39.82 6.95
N ILE B 365 34.19 -39.16 5.82
CA ILE B 365 35.50 -39.22 5.20
C ILE B 365 36.30 -37.95 5.45
N THR B 366 35.65 -36.93 6.01
CA THR B 366 36.32 -35.68 6.36
C THR B 366 35.89 -35.37 7.80
N LYS B 367 36.69 -34.57 8.50
CA LYS B 367 36.38 -34.21 9.87
C LYS B 367 37.20 -33.01 10.33
N GLY B 368 36.76 -32.36 11.41
CA GLY B 368 37.48 -31.22 11.92
C GLY B 368 36.60 -30.03 12.26
N THR B 369 37.17 -29.02 12.91
CA THR B 369 36.43 -27.83 13.28
C THR B 369 36.36 -26.84 12.13
N TRP B 370 35.73 -27.29 11.04
CA TRP B 370 35.52 -26.51 9.84
C TRP B 370 34.43 -27.27 9.07
N GLU B 371 33.93 -26.71 7.97
CA GLU B 371 32.89 -27.40 7.23
C GLU B 371 33.07 -27.52 5.72
N VAL B 372 32.50 -28.58 5.17
CA VAL B 372 32.51 -28.83 3.74
C VAL B 372 31.33 -28.00 3.23
N ILE B 373 31.58 -27.13 2.26
CA ILE B 373 30.53 -26.28 1.69
C ILE B 373 29.69 -27.08 0.70
N GLY B 374 30.36 -27.80 -0.20
CA GLY B 374 29.63 -28.61 -1.17
C GLY B 374 30.52 -29.62 -1.88
N ILE B 375 29.89 -30.69 -2.36
CA ILE B 375 30.59 -31.74 -3.11
C ILE B 375 30.49 -31.26 -4.55
N GLU B 376 31.63 -31.17 -5.24
CA GLU B 376 31.65 -30.63 -6.60
C GLU B 376 31.77 -31.63 -7.76
N ALA B 377 32.51 -32.71 -7.54
CA ALA B 377 32.70 -33.73 -8.57
C ALA B 377 33.16 -35.01 -7.90
N LEU B 378 32.90 -36.12 -8.58
CA LEU B 378 33.24 -37.43 -8.06
C LEU B 378 33.68 -38.37 -9.19
N THR B 379 34.84 -39.00 -9.02
CA THR B 379 35.35 -39.99 -9.98
C THR B 379 35.58 -41.23 -9.13
N SER B 380 36.06 -42.31 -9.73
CA SER B 380 36.30 -43.54 -8.98
C SER B 380 37.49 -43.42 -8.03
N ASP B 381 38.35 -42.45 -8.29
CA ASP B 381 39.52 -42.25 -7.44
C ASP B 381 39.42 -41.07 -6.49
N TYR B 382 38.70 -40.03 -6.89
CA TYR B 382 38.60 -38.81 -6.09
C TYR B 382 37.23 -38.17 -5.98
N LEU B 383 37.02 -37.48 -4.85
CA LEU B 383 35.80 -36.72 -4.62
C LEU B 383 36.34 -35.31 -4.42
N TYR B 384 35.82 -34.37 -5.18
CA TYR B 384 36.25 -32.97 -5.10
C TYR B 384 35.20 -32.15 -4.35
N TYR B 385 35.66 -31.31 -3.41
CA TYR B 385 34.73 -30.51 -2.65
C TYR B 385 35.31 -29.16 -2.26
N ILE B 386 34.43 -28.26 -1.83
CA ILE B 386 34.83 -26.92 -1.40
C ILE B 386 34.65 -26.86 0.12
N SER B 387 35.61 -26.27 0.83
CA SER B 387 35.50 -26.16 2.28
C SER B 387 36.21 -24.91 2.78
N ASN B 388 35.92 -24.52 4.01
CA ASN B 388 36.56 -23.36 4.61
C ASN B 388 37.60 -23.80 5.63
N GLU B 389 38.26 -24.93 5.36
CA GLU B 389 39.27 -25.43 6.27
C GLU B 389 40.57 -24.62 6.29
N TYR B 390 41.03 -24.19 5.13
CA TYR B 390 42.27 -23.45 5.04
C TYR B 390 42.39 -22.31 6.06
N LYS B 391 43.49 -22.34 6.81
CA LYS B 391 43.79 -21.33 7.81
C LYS B 391 42.68 -21.10 8.83
N GLY B 392 41.82 -22.10 9.03
CA GLY B 392 40.74 -21.94 9.98
C GLY B 392 39.87 -20.71 9.73
N MET B 393 39.82 -20.25 8.49
CA MET B 393 39.02 -19.08 8.12
C MET B 393 37.66 -19.50 7.56
N PRO B 394 36.59 -19.34 8.37
CA PRO B 394 35.20 -19.68 8.03
C PRO B 394 34.70 -18.97 6.78
N GLY B 395 35.17 -17.73 6.59
CA GLY B 395 34.76 -16.95 5.45
C GLY B 395 35.65 -17.11 4.23
N GLY B 396 36.44 -18.17 4.21
CA GLY B 396 37.31 -18.45 3.08
C GLY B 396 36.85 -19.75 2.44
N ARG B 397 37.21 -19.98 1.18
CA ARG B 397 36.80 -21.21 0.51
C ARG B 397 37.77 -21.69 -0.55
N ASN B 398 38.09 -22.98 -0.49
CA ASN B 398 39.02 -23.58 -1.41
C ASN B 398 38.56 -24.94 -1.91
N LEU B 399 39.13 -25.36 -3.03
CA LEU B 399 38.82 -26.64 -3.64
C LEU B 399 39.81 -27.70 -3.15
N TYR B 400 39.27 -28.85 -2.74
CA TYR B 400 40.08 -29.97 -2.27
C TYR B 400 39.63 -31.26 -2.96
N LYS B 401 40.51 -32.25 -2.99
CA LYS B 401 40.17 -33.56 -3.53
C LYS B 401 40.68 -34.53 -2.47
N ILE B 402 39.87 -35.54 -2.19
CA ILE B 402 40.24 -36.53 -1.19
C ILE B 402 40.29 -37.90 -1.87
N GLN B 403 41.40 -38.60 -1.68
CA GLN B 403 41.59 -39.92 -2.28
C GLN B 403 40.61 -40.88 -1.64
N LEU B 404 39.72 -41.45 -2.44
CA LEU B 404 38.71 -42.36 -1.92
C LEU B 404 39.26 -43.62 -1.27
N SER B 405 40.46 -44.05 -1.67
CA SER B 405 41.05 -45.25 -1.09
C SER B 405 41.84 -44.97 0.18
N ASP B 406 42.16 -43.71 0.43
CA ASP B 406 42.90 -43.33 1.63
C ASP B 406 42.49 -41.92 2.03
N TYR B 407 41.51 -41.82 2.91
CA TYR B 407 40.99 -40.54 3.37
C TYR B 407 42.02 -39.63 4.04
N THR B 408 43.17 -40.16 4.40
CA THR B 408 44.19 -39.34 5.05
C THR B 408 44.87 -38.47 4.00
N LYS B 409 44.69 -38.83 2.73
CA LYS B 409 45.29 -38.08 1.64
C LYS B 409 44.36 -37.04 1.04
N VAL B 410 44.39 -35.84 1.63
CA VAL B 410 43.58 -34.72 1.19
C VAL B 410 44.52 -33.68 0.60
N THR B 411 44.19 -33.20 -0.60
CA THR B 411 45.03 -32.21 -1.27
C THR B 411 44.24 -30.95 -1.60
N CYS B 412 44.75 -29.80 -1.22
CA CYS B 412 44.07 -28.56 -1.57
C CYS B 412 44.60 -28.17 -2.93
N LEU B 413 43.68 -27.88 -3.86
CA LEU B 413 44.06 -27.54 -5.22
C LEU B 413 44.04 -26.05 -5.54
N SER B 414 43.57 -25.22 -4.61
CA SER B 414 43.51 -23.78 -4.88
C SER B 414 44.19 -22.93 -3.81
N CYS B 415 44.38 -23.50 -2.63
CA CYS B 415 44.98 -22.79 -1.52
C CYS B 415 46.21 -21.95 -1.86
N GLU B 416 47.18 -22.55 -2.55
CA GLU B 416 48.41 -21.86 -2.87
C GLU B 416 48.54 -21.26 -4.27
N LEU B 417 47.46 -21.27 -5.05
CA LEU B 417 47.54 -20.70 -6.38
C LEU B 417 47.94 -19.23 -6.33
N ASN B 418 47.31 -18.49 -5.42
CA ASN B 418 47.59 -17.07 -5.23
C ASN B 418 46.91 -16.65 -3.94
N PRO B 419 47.52 -17.02 -2.80
CA PRO B 419 47.03 -16.73 -1.44
C PRO B 419 46.69 -15.28 -1.10
N GLU B 420 47.42 -14.32 -1.66
CA GLU B 420 47.16 -12.92 -1.38
C GLU B 420 45.89 -12.43 -2.08
N ARG B 421 45.71 -12.83 -3.31
CA ARG B 421 44.55 -12.41 -4.09
C ARG B 421 43.36 -13.35 -4.03
N CYS B 422 43.61 -14.62 -3.79
CA CYS B 422 42.55 -15.60 -3.81
C CYS B 422 42.39 -16.49 -2.60
N GLN B 423 41.30 -16.26 -1.87
CA GLN B 423 40.97 -16.99 -0.66
C GLN B 423 39.52 -17.48 -0.67
N TYR B 424 38.82 -17.24 -1.79
CA TYR B 424 37.43 -17.63 -1.93
C TYR B 424 37.19 -18.16 -3.35
N TYR B 425 36.95 -19.46 -3.48
CA TYR B 425 36.73 -20.08 -4.78
C TYR B 425 35.41 -20.83 -4.92
N SER B 426 34.99 -20.98 -6.17
CA SER B 426 33.81 -21.76 -6.56
C SER B 426 34.44 -22.46 -7.77
N VAL B 427 33.87 -23.59 -8.20
CA VAL B 427 34.46 -24.32 -9.31
C VAL B 427 33.42 -24.92 -10.26
N SER B 428 33.85 -25.25 -11.47
CA SER B 428 32.98 -25.85 -12.48
C SER B 428 33.74 -26.96 -13.20
N PHE B 429 33.36 -28.21 -12.93
CA PHE B 429 34.01 -29.37 -13.55
C PHE B 429 33.37 -29.78 -14.87
N SER B 430 34.19 -30.31 -15.78
CA SER B 430 33.69 -30.78 -17.07
C SER B 430 32.89 -32.07 -16.82
N LYS B 431 32.23 -32.57 -17.86
CA LYS B 431 31.42 -33.78 -17.75
C LYS B 431 31.96 -34.92 -16.89
N GLU B 432 33.20 -35.33 -17.12
CA GLU B 432 33.78 -36.42 -16.33
C GLU B 432 34.92 -35.97 -15.42
N ALA B 433 34.85 -34.73 -14.98
CA ALA B 433 35.87 -34.15 -14.10
C ALA B 433 37.26 -34.15 -14.70
N LYS B 434 37.35 -34.23 -16.02
CA LYS B 434 38.65 -34.22 -16.68
C LYS B 434 39.26 -32.82 -16.53
N TYR B 435 38.42 -31.79 -16.55
CA TYR B 435 38.88 -30.42 -16.40
C TYR B 435 37.99 -29.66 -15.43
N TYR B 436 38.53 -28.60 -14.84
CA TYR B 436 37.75 -27.76 -13.96
C TYR B 436 38.14 -26.30 -14.09
N GLN B 437 37.16 -25.43 -14.02
CA GLN B 437 37.40 -24.00 -14.09
C GLN B 437 37.31 -23.47 -12.67
N LEU B 438 38.32 -22.71 -12.25
CA LEU B 438 38.32 -22.11 -10.93
C LEU B 438 37.95 -20.65 -11.00
N ARG B 439 37.08 -20.24 -10.10
CA ARG B 439 36.64 -18.86 -10.05
C ARG B 439 37.02 -18.29 -8.69
N CYS B 440 38.02 -17.43 -8.70
CA CYS B 440 38.50 -16.77 -7.50
C CYS B 440 37.70 -15.46 -7.41
N SER B 441 37.06 -15.21 -6.27
CA SER B 441 36.27 -13.98 -6.14
C SER B 441 36.73 -13.02 -5.04
N GLY B 442 37.91 -13.26 -4.46
CA GLY B 442 38.40 -12.37 -3.42
C GLY B 442 39.56 -12.95 -2.63
N PRO B 443 40.23 -12.12 -1.80
CA PRO B 443 39.95 -10.69 -1.60
C PRO B 443 40.34 -9.76 -2.74
N GLY B 444 41.15 -10.24 -3.68
CA GLY B 444 41.55 -9.42 -4.80
C GLY B 444 40.51 -9.51 -5.90
N LEU B 445 40.78 -8.92 -7.06
CA LEU B 445 39.83 -8.96 -8.17
C LEU B 445 39.63 -10.39 -8.67
N PRO B 446 38.40 -10.70 -9.12
CA PRO B 446 38.07 -12.04 -9.63
C PRO B 446 39.06 -12.54 -10.67
N LEU B 447 39.42 -13.82 -10.56
CA LEU B 447 40.37 -14.45 -11.47
C LEU B 447 39.82 -15.81 -11.91
N TYR B 448 39.67 -15.99 -13.21
CA TYR B 448 39.15 -17.24 -13.76
C TYR B 448 40.28 -18.03 -14.42
N THR B 449 40.43 -19.28 -14.02
CA THR B 449 41.47 -20.16 -14.55
C THR B 449 40.93 -21.54 -14.91
N LEU B 450 41.63 -22.20 -15.83
CA LEU B 450 41.25 -23.54 -16.28
C LEU B 450 42.37 -24.52 -15.91
N HIS B 451 41.98 -25.68 -15.41
CA HIS B 451 42.93 -26.69 -14.96
C HIS B 451 42.56 -28.08 -15.48
N SER B 452 43.53 -29.00 -15.45
CA SER B 452 43.32 -30.38 -15.87
C SER B 452 43.47 -31.25 -14.61
N SER B 453 42.54 -32.16 -14.40
CA SER B 453 42.54 -33.01 -13.22
C SER B 453 43.61 -34.09 -13.08
N VAL B 454 44.06 -34.67 -14.19
CA VAL B 454 45.06 -35.73 -14.12
C VAL B 454 46.24 -35.36 -13.23
N ASN B 455 46.85 -34.21 -13.47
CA ASN B 455 47.98 -33.78 -12.64
C ASN B 455 47.74 -32.37 -12.09
N ASP B 456 46.47 -31.97 -12.03
CA ASP B 456 46.09 -30.66 -11.52
C ASP B 456 46.96 -29.54 -12.08
N LYS B 457 47.17 -29.56 -13.39
CA LYS B 457 47.96 -28.54 -14.05
C LYS B 457 47.13 -27.29 -14.24
N GLY B 458 47.77 -26.13 -14.17
CA GLY B 458 47.08 -24.88 -14.37
C GLY B 458 47.28 -24.58 -15.85
N LEU B 459 46.28 -24.90 -16.66
CA LEU B 459 46.35 -24.72 -18.10
C LEU B 459 46.49 -23.28 -18.56
N ARG B 460 45.54 -22.42 -18.18
CA ARG B 460 45.61 -21.03 -18.60
C ARG B 460 44.65 -20.13 -17.85
N VAL B 461 44.92 -18.83 -17.96
CA VAL B 461 44.09 -17.82 -17.32
C VAL B 461 43.02 -17.43 -18.34
N LEU B 462 41.76 -17.56 -17.96
CA LEU B 462 40.64 -17.24 -18.83
C LEU B 462 40.28 -15.75 -18.76
N GLU B 463 40.35 -15.19 -17.55
CA GLU B 463 40.04 -13.79 -17.33
C GLU B 463 40.69 -13.34 -16.03
N ASP B 464 41.53 -12.31 -16.09
CA ASP B 464 42.22 -11.83 -14.90
C ASP B 464 41.81 -10.43 -14.45
N ASN B 465 40.81 -9.85 -15.12
CA ASN B 465 40.35 -8.51 -14.77
C ASN B 465 41.43 -7.43 -14.73
N SER B 466 42.45 -7.57 -15.56
CA SER B 466 43.52 -6.60 -15.60
C SER B 466 43.02 -5.22 -16.06
N ALA B 467 41.96 -5.21 -16.86
CA ALA B 467 41.42 -3.94 -17.33
C ALA B 467 40.85 -3.16 -16.14
N LEU B 468 40.07 -3.83 -15.30
CA LEU B 468 39.47 -3.18 -14.13
C LEU B 468 40.56 -2.73 -13.15
N ASP B 469 41.56 -3.57 -12.95
CA ASP B 469 42.66 -3.25 -12.05
C ASP B 469 43.32 -1.96 -12.51
N LYS B 470 43.48 -1.82 -13.83
CA LYS B 470 44.09 -0.62 -14.39
C LYS B 470 43.23 0.60 -14.04
N MET B 471 41.91 0.45 -14.12
CA MET B 471 41.02 1.55 -13.82
C MET B 471 41.00 1.90 -12.33
N LEU B 472 40.91 0.89 -11.48
CA LEU B 472 40.87 1.10 -10.04
C LEU B 472 42.13 1.74 -9.48
N GLN B 473 43.25 1.61 -10.18
CA GLN B 473 44.50 2.20 -9.71
C GLN B 473 44.39 3.72 -9.67
N ASN B 474 43.49 4.27 -10.46
CA ASN B 474 43.28 5.72 -10.48
C ASN B 474 42.16 6.13 -9.54
N VAL B 475 41.84 5.26 -8.58
CA VAL B 475 40.78 5.54 -7.62
C VAL B 475 41.22 5.25 -6.19
N GLN B 476 40.77 6.08 -5.25
CA GLN B 476 41.12 5.87 -3.85
C GLN B 476 40.16 4.82 -3.29
N MET B 477 40.49 3.56 -3.54
CA MET B 477 39.67 2.45 -3.09
C MET B 477 39.84 2.11 -1.62
N PRO B 478 38.77 1.64 -0.98
CA PRO B 478 38.80 1.27 0.43
C PRO B 478 39.43 -0.11 0.54
N SER B 479 39.81 -0.49 1.75
CA SER B 479 40.40 -1.79 1.97
C SER B 479 39.42 -2.58 2.83
N LYS B 480 39.72 -3.85 3.04
CA LYS B 480 38.84 -4.68 3.83
C LYS B 480 39.62 -5.42 4.92
N LYS B 481 39.15 -5.31 6.15
CA LYS B 481 39.79 -6.00 7.25
C LYS B 481 38.88 -7.12 7.71
N LEU B 482 39.41 -8.34 7.75
CA LEU B 482 38.66 -9.49 8.19
C LEU B 482 39.34 -10.00 9.46
N ASP B 483 38.62 -10.02 10.57
CA ASP B 483 39.20 -10.47 11.83
C ASP B 483 38.10 -11.06 12.72
N PHE B 484 38.41 -11.22 14.00
CA PHE B 484 37.43 -11.77 14.93
C PHE B 484 37.56 -11.21 16.34
N ILE B 485 36.51 -11.38 17.12
CA ILE B 485 36.47 -10.97 18.50
C ILE B 485 36.01 -12.22 19.22
N ILE B 486 36.31 -12.33 20.50
CA ILE B 486 35.92 -13.52 21.25
C ILE B 486 34.80 -13.24 22.24
N LEU B 487 33.69 -13.95 22.08
CA LEU B 487 32.55 -13.82 22.98
C LEU B 487 32.39 -15.15 23.69
N ASN B 488 32.41 -15.12 25.02
CA ASN B 488 32.27 -16.32 25.83
C ASN B 488 33.09 -17.49 25.30
N GLU B 489 34.40 -17.31 25.24
CA GLU B 489 35.30 -18.37 24.78
C GLU B 489 35.15 -18.73 23.31
N THR B 490 34.16 -18.14 22.63
CA THR B 490 33.96 -18.46 21.22
C THR B 490 34.36 -17.32 20.29
N LYS B 491 34.94 -17.70 19.16
CA LYS B 491 35.40 -16.76 18.15
C LYS B 491 34.29 -16.43 17.15
N PHE B 492 34.04 -15.14 16.95
CA PHE B 492 33.05 -14.68 15.98
C PHE B 492 33.72 -13.67 15.04
N TRP B 493 33.60 -13.92 13.74
CA TRP B 493 34.24 -13.08 12.74
C TRP B 493 33.48 -11.83 12.30
N TYR B 494 34.23 -10.82 11.88
CA TYR B 494 33.64 -9.58 11.41
C TYR B 494 34.53 -9.02 10.31
N GLN B 495 33.98 -8.10 9.52
CA GLN B 495 34.75 -7.45 8.49
C GLN B 495 34.43 -5.97 8.55
N MET B 496 35.37 -5.16 8.09
CA MET B 496 35.20 -3.73 8.08
C MET B 496 35.70 -3.21 6.76
N ILE B 497 34.85 -2.45 6.06
CA ILE B 497 35.27 -1.84 4.81
C ILE B 497 35.87 -0.54 5.34
N LEU B 498 37.18 -0.40 5.21
CA LEU B 498 37.86 0.80 5.71
C LEU B 498 38.13 1.82 4.62
N PRO B 499 37.89 3.10 4.91
CA PRO B 499 38.14 4.14 3.90
C PRO B 499 39.61 4.21 3.52
N PRO B 500 39.91 4.75 2.34
CA PRO B 500 41.32 4.84 1.93
C PRO B 500 42.16 5.63 2.94
N HIS B 501 43.44 5.34 3.00
CA HIS B 501 44.35 6.03 3.91
C HIS B 501 43.81 5.97 5.34
N PHE B 502 43.26 4.82 5.71
CA PHE B 502 42.72 4.64 7.04
C PHE B 502 43.74 5.04 8.09
N ASP B 503 43.34 5.90 9.01
CA ASP B 503 44.23 6.37 10.07
C ASP B 503 43.63 6.02 11.43
N LYS B 504 44.21 5.00 12.08
CA LYS B 504 43.70 4.55 13.36
C LYS B 504 43.77 5.61 14.45
N SER B 505 44.47 6.71 14.20
CA SER B 505 44.58 7.78 15.18
C SER B 505 43.43 8.77 15.00
N LYS B 506 42.52 8.44 14.08
CA LYS B 506 41.35 9.28 13.81
C LYS B 506 40.08 8.52 14.17
N LYS B 507 38.97 9.25 14.29
CA LYS B 507 37.69 8.64 14.61
C LYS B 507 36.76 8.69 13.40
N TYR B 508 36.22 7.54 13.04
CA TYR B 508 35.31 7.45 11.90
C TYR B 508 33.92 7.01 12.32
N PRO B 509 32.89 7.53 11.64
CA PRO B 509 31.54 7.10 12.00
C PRO B 509 31.49 5.65 11.51
N LEU B 510 30.59 4.84 12.05
CA LEU B 510 30.51 3.45 11.62
C LEU B 510 29.10 2.98 11.30
N LEU B 511 28.97 2.31 10.15
CA LEU B 511 27.68 1.76 9.73
C LEU B 511 27.75 0.25 9.81
N LEU B 512 26.87 -0.34 10.62
CA LEU B 512 26.83 -1.78 10.75
C LEU B 512 25.89 -2.34 9.68
N ASP B 513 26.48 -3.00 8.69
CA ASP B 513 25.74 -3.61 7.58
C ASP B 513 25.36 -5.00 8.08
N VAL B 514 24.08 -5.23 8.31
CA VAL B 514 23.66 -6.51 8.86
C VAL B 514 22.64 -7.32 8.06
N TYR B 515 22.74 -8.64 8.18
CA TYR B 515 21.78 -9.56 7.58
C TYR B 515 21.43 -10.46 8.77
N ALA B 516 22.41 -11.26 9.19
CA ALA B 516 22.29 -12.12 10.37
C ALA B 516 21.25 -13.24 10.36
N GLY B 517 20.78 -13.65 9.18
CA GLY B 517 19.80 -14.71 9.13
C GLY B 517 20.42 -16.05 9.49
N PRO B 518 19.59 -17.09 9.73
CA PRO B 518 20.13 -18.42 10.08
C PRO B 518 21.06 -18.88 8.95
N CYS B 519 22.25 -19.35 9.33
CA CYS B 519 23.26 -19.83 8.36
C CYS B 519 23.82 -18.71 7.46
N SER B 520 23.69 -17.46 7.89
CA SER B 520 24.21 -16.37 7.08
C SER B 520 25.71 -16.17 7.30
N GLN B 521 26.35 -15.45 6.37
CA GLN B 521 27.77 -15.14 6.48
C GLN B 521 27.98 -13.80 5.78
N LYS B 522 28.28 -12.78 6.58
CA LYS B 522 28.51 -11.43 6.08
C LYS B 522 29.96 -11.03 6.25
N ALA B 523 30.74 -11.91 6.87
CA ALA B 523 32.16 -11.67 7.05
C ALA B 523 32.89 -12.71 6.22
N ASP B 524 33.42 -12.29 5.07
CA ASP B 524 34.13 -13.20 4.20
C ASP B 524 35.25 -12.51 3.42
N THR B 525 35.88 -13.26 2.53
CA THR B 525 37.00 -12.73 1.75
C THR B 525 36.61 -12.33 0.32
N VAL B 526 35.32 -12.15 0.09
CA VAL B 526 34.85 -11.79 -1.25
C VAL B 526 35.02 -10.31 -1.59
N PHE B 527 35.43 -10.04 -2.82
CA PHE B 527 35.62 -8.68 -3.31
C PHE B 527 34.29 -8.16 -3.85
N ARG B 528 33.87 -7.00 -3.37
CA ARG B 528 32.61 -6.42 -3.82
C ARG B 528 32.69 -4.94 -4.11
N LEU B 529 31.90 -4.50 -5.09
CA LEU B 529 31.80 -3.09 -5.46
C LEU B 529 30.33 -2.82 -5.20
N ASN B 530 30.04 -2.17 -4.07
CA ASN B 530 28.66 -1.89 -3.70
C ASN B 530 28.51 -0.55 -2.98
N TRP B 531 27.35 -0.36 -2.36
CA TRP B 531 27.06 0.87 -1.63
C TRP B 531 28.13 1.15 -0.57
N ALA B 532 28.51 0.10 0.14
CA ALA B 532 29.52 0.20 1.18
C ALA B 532 30.85 0.73 0.62
N THR B 533 31.19 0.30 -0.59
CA THR B 533 32.42 0.74 -1.23
C THR B 533 32.42 2.26 -1.36
N TYR B 534 31.27 2.82 -1.73
CA TYR B 534 31.15 4.25 -1.88
C TYR B 534 31.14 4.96 -0.52
N LEU B 535 30.44 4.38 0.45
CA LEU B 535 30.38 4.98 1.78
C LEU B 535 31.76 5.11 2.42
N ALA B 536 32.61 4.11 2.20
CA ALA B 536 33.94 4.13 2.78
C ALA B 536 34.89 5.01 1.94
N SER B 537 34.85 4.83 0.62
CA SER B 537 35.72 5.58 -0.27
C SER B 537 35.44 7.09 -0.31
N THR B 538 34.18 7.46 -0.49
CA THR B 538 33.81 8.88 -0.58
C THR B 538 33.42 9.56 0.73
N GLU B 539 32.65 8.88 1.56
CA GLU B 539 32.19 9.49 2.81
C GLU B 539 33.05 9.18 4.01
N ASN B 540 34.07 8.35 3.83
CA ASN B 540 34.97 7.98 4.91
C ASN B 540 34.23 7.34 6.07
N ILE B 541 33.28 6.48 5.74
CA ILE B 541 32.50 5.76 6.71
C ILE B 541 32.98 4.32 6.81
N ILE B 542 33.13 3.83 8.02
CA ILE B 542 33.54 2.44 8.17
C ILE B 542 32.29 1.58 8.12
N VAL B 543 32.26 0.62 7.19
CA VAL B 543 31.11 -0.26 7.08
C VAL B 543 31.52 -1.63 7.57
N ALA B 544 30.96 -2.02 8.71
CA ALA B 544 31.29 -3.29 9.34
C ALA B 544 30.13 -4.28 9.31
N SER B 545 30.48 -5.56 9.35
CA SER B 545 29.51 -6.64 9.38
C SER B 545 30.02 -7.68 10.37
N PHE B 546 29.10 -8.33 11.06
CA PHE B 546 29.47 -9.31 12.08
C PHE B 546 28.63 -10.59 11.99
N ASP B 547 29.29 -11.74 12.13
CA ASP B 547 28.61 -13.03 12.11
C ASP B 547 28.56 -13.57 13.54
N GLY B 548 27.42 -13.42 14.19
CA GLY B 548 27.28 -13.90 15.56
C GLY B 548 26.53 -15.22 15.62
N ARG B 549 25.89 -15.48 16.75
CA ARG B 549 25.15 -16.72 16.88
C ARG B 549 24.09 -16.85 15.80
N GLY B 550 23.95 -18.06 15.26
CA GLY B 550 22.99 -18.27 14.20
C GLY B 550 23.66 -18.24 12.83
N SER B 551 24.87 -17.69 12.74
CA SER B 551 25.57 -17.62 11.46
C SER B 551 26.03 -19.02 11.02
N GLY B 552 26.32 -19.20 9.74
CA GLY B 552 26.69 -20.53 9.28
C GLY B 552 28.15 -20.86 9.04
N TYR B 553 28.36 -22.08 8.57
CA TYR B 553 29.69 -22.60 8.22
C TYR B 553 30.69 -22.70 9.39
N GLN B 554 30.19 -22.67 10.62
CA GLN B 554 31.04 -22.75 11.80
C GLN B 554 30.57 -23.82 12.79
N GLY B 555 29.70 -24.71 12.32
CA GLY B 555 29.17 -25.76 13.18
C GLY B 555 27.82 -25.41 13.76
N ASP B 556 27.05 -26.44 14.14
CA ASP B 556 25.72 -26.25 14.70
C ASP B 556 25.66 -25.56 16.07
N LYS B 557 26.73 -25.66 16.85
CA LYS B 557 26.72 -25.01 18.16
C LYS B 557 26.41 -23.54 17.95
N ILE B 558 27.02 -22.95 16.92
CA ILE B 558 26.78 -21.55 16.61
C ILE B 558 25.52 -21.37 15.79
N MET B 559 25.35 -22.17 14.73
CA MET B 559 24.18 -22.02 13.86
C MET B 559 22.84 -22.31 14.53
N HIS B 560 22.74 -23.40 15.30
CA HIS B 560 21.49 -23.76 15.97
C HIS B 560 21.21 -22.98 17.25
N ALA B 561 22.09 -22.07 17.61
CA ALA B 561 21.92 -21.28 18.82
C ALA B 561 20.59 -20.52 18.81
N ILE B 562 20.10 -20.15 17.63
CA ILE B 562 18.84 -19.42 17.54
C ILE B 562 17.64 -20.31 17.24
N ASN B 563 17.82 -21.61 17.36
CA ASN B 563 16.73 -22.54 17.11
C ASN B 563 15.50 -22.20 17.94
N ARG B 564 14.36 -22.03 17.28
CA ARG B 564 13.10 -21.71 17.94
C ARG B 564 13.18 -20.37 18.65
N ARG B 565 14.26 -19.64 18.42
CA ARG B 565 14.48 -18.36 19.07
C ARG B 565 14.93 -17.23 18.15
N LEU B 566 14.27 -17.07 17.00
CA LEU B 566 14.65 -15.99 16.09
C LEU B 566 14.42 -14.66 16.77
N GLY B 567 15.24 -13.67 16.44
CA GLY B 567 15.06 -12.36 17.05
C GLY B 567 15.62 -12.23 18.45
N THR B 568 16.55 -13.11 18.84
CA THR B 568 17.15 -13.01 20.16
C THR B 568 18.67 -12.87 20.12
N PHE B 569 19.37 -14.00 20.14
CA PHE B 569 20.83 -13.98 20.13
C PHE B 569 21.47 -13.31 18.92
N GLU B 570 20.89 -13.47 17.74
CA GLU B 570 21.49 -12.85 16.55
C GLU B 570 21.39 -11.33 16.68
N VAL B 571 20.32 -10.86 17.31
CA VAL B 571 20.09 -9.43 17.52
C VAL B 571 21.02 -8.92 18.63
N GLU B 572 21.08 -9.68 19.72
CA GLU B 572 21.92 -9.32 20.85
C GLU B 572 23.40 -9.26 20.43
N ASP B 573 23.83 -10.24 19.64
CA ASP B 573 25.22 -10.28 19.19
C ASP B 573 25.63 -9.12 18.28
N GLN B 574 24.70 -8.58 17.50
CA GLN B 574 25.02 -7.45 16.65
C GLN B 574 25.24 -6.22 17.55
N ILE B 575 24.44 -6.12 18.61
CA ILE B 575 24.58 -5.00 19.54
C ILE B 575 25.93 -5.11 20.25
N GLU B 576 26.28 -6.31 20.70
CA GLU B 576 27.54 -6.54 21.40
C GLU B 576 28.74 -6.21 20.50
N ALA B 577 28.67 -6.61 19.24
CA ALA B 577 29.74 -6.34 18.30
C ALA B 577 29.95 -4.84 18.11
N ALA B 578 28.85 -4.11 17.98
CA ALA B 578 28.90 -2.66 17.80
C ALA B 578 29.45 -2.00 19.07
N ARG B 579 29.01 -2.51 20.21
CA ARG B 579 29.44 -1.99 21.50
C ARG B 579 30.97 -2.14 21.57
N GLN B 580 31.49 -3.26 21.06
CA GLN B 580 32.92 -3.48 21.08
C GLN B 580 33.66 -2.67 20.02
N PHE B 581 33.02 -2.44 18.87
CA PHE B 581 33.65 -1.63 17.83
C PHE B 581 33.74 -0.20 18.32
N SER B 582 32.74 0.22 19.09
CA SER B 582 32.69 1.58 19.60
C SER B 582 33.81 1.88 20.59
N LYS B 583 34.30 0.84 21.26
CA LYS B 583 35.35 1.02 22.23
C LYS B 583 36.72 1.06 21.58
N MET B 584 36.77 0.78 20.28
CA MET B 584 38.02 0.84 19.56
C MET B 584 38.30 2.31 19.34
N GLY B 585 39.58 2.68 19.30
CA GLY B 585 39.94 4.07 19.14
C GLY B 585 39.57 4.77 17.86
N PHE B 586 39.48 4.04 16.75
CA PHE B 586 39.16 4.67 15.49
C PHE B 586 37.67 4.82 15.16
N VAL B 587 36.81 4.51 16.13
CA VAL B 587 35.37 4.61 15.92
C VAL B 587 34.70 5.70 16.74
N ASP B 588 33.96 6.58 16.07
CA ASP B 588 33.24 7.65 16.75
C ASP B 588 31.98 7.05 17.36
N ASN B 589 32.03 6.73 18.65
CA ASN B 589 30.88 6.11 19.33
C ASN B 589 29.62 6.94 19.25
N LYS B 590 29.76 8.21 18.89
CA LYS B 590 28.61 9.10 18.76
C LYS B 590 27.94 8.96 17.39
N ARG B 591 28.63 8.33 16.45
CA ARG B 591 28.08 8.17 15.12
C ARG B 591 28.13 6.73 14.63
N ILE B 592 27.26 5.91 15.18
CA ILE B 592 27.17 4.51 14.79
C ILE B 592 25.77 4.26 14.28
N ALA B 593 25.68 3.71 13.07
CA ALA B 593 24.38 3.43 12.48
C ALA B 593 24.28 1.95 12.14
N ILE B 594 23.08 1.54 11.71
CA ILE B 594 22.85 0.15 11.36
C ILE B 594 21.81 0.08 10.24
N TRP B 595 22.01 -0.83 9.30
CA TRP B 595 21.06 -0.99 8.21
C TRP B 595 21.09 -2.42 7.72
N GLY B 596 19.98 -2.86 7.14
CA GLY B 596 19.88 -4.21 6.64
C GLY B 596 18.68 -4.32 5.73
N TRP B 597 18.65 -5.38 4.94
CA TRP B 597 17.57 -5.61 3.99
C TRP B 597 16.94 -6.96 4.32
N SER B 598 15.60 -6.99 4.36
CA SER B 598 14.86 -8.21 4.64
C SER B 598 15.15 -8.78 6.03
N TYR B 599 15.83 -9.92 6.13
CA TYR B 599 16.12 -10.43 7.47
C TYR B 599 17.00 -9.37 8.13
N GLY B 600 17.84 -8.72 7.34
CA GLY B 600 18.70 -7.67 7.86
C GLY B 600 17.87 -6.49 8.35
N GLY B 601 16.73 -6.28 7.72
CA GLY B 601 15.85 -5.19 8.13
C GLY B 601 15.19 -5.52 9.45
N TYR B 602 14.85 -6.80 9.63
CA TYR B 602 14.22 -7.27 10.86
C TYR B 602 15.21 -7.03 12.00
N VAL B 603 16.42 -7.56 11.86
CA VAL B 603 17.45 -7.41 12.90
C VAL B 603 17.73 -5.94 13.16
N THR B 604 17.83 -5.16 12.08
CA THR B 604 18.09 -3.73 12.22
C THR B 604 16.98 -3.08 13.05
N SER B 605 15.74 -3.48 12.79
CA SER B 605 14.59 -2.94 13.51
C SER B 605 14.60 -3.42 14.96
N MET B 606 14.88 -4.69 15.17
CA MET B 606 14.91 -5.25 16.52
C MET B 606 16.02 -4.58 17.33
N VAL B 607 17.13 -4.27 16.67
CA VAL B 607 18.25 -3.62 17.35
C VAL B 607 17.90 -2.18 17.72
N LEU B 608 17.33 -1.44 16.77
CA LEU B 608 16.96 -0.05 17.02
C LEU B 608 15.89 0.08 18.08
N GLY B 609 15.12 -0.99 18.29
CA GLY B 609 14.06 -0.95 19.29
C GLY B 609 14.43 -1.71 20.56
N SER B 610 15.70 -2.05 20.72
CA SER B 610 16.16 -2.79 21.89
C SER B 610 16.42 -1.85 23.07
N GLY B 611 16.63 -0.58 22.77
CA GLY B 611 16.91 0.39 23.83
C GLY B 611 18.36 0.36 24.27
N SER B 612 19.24 -0.23 23.46
CA SER B 612 20.66 -0.31 23.80
C SER B 612 21.32 1.06 23.88
N GLY B 613 20.84 2.00 23.07
CA GLY B 613 21.40 3.33 23.07
C GLY B 613 22.70 3.44 22.30
N VAL B 614 23.13 2.32 21.70
CA VAL B 614 24.38 2.28 20.95
C VAL B 614 24.29 2.88 19.53
N PHE B 615 23.10 2.80 18.92
CA PHE B 615 22.93 3.31 17.56
C PHE B 615 22.16 4.61 17.47
N LYS B 616 22.69 5.56 16.70
CA LYS B 616 22.06 6.87 16.53
C LYS B 616 20.92 6.82 15.52
N CYS B 617 21.11 6.04 14.46
CA CYS B 617 20.12 5.92 13.40
C CYS B 617 20.19 4.56 12.72
N GLY B 618 19.19 4.27 11.88
CA GLY B 618 19.17 2.99 11.19
C GLY B 618 18.20 2.96 10.02
N ILE B 619 18.46 2.07 9.06
CA ILE B 619 17.61 1.91 7.89
C ILE B 619 17.19 0.46 7.71
N ALA B 620 15.89 0.22 7.61
CA ALA B 620 15.36 -1.13 7.41
C ALA B 620 14.64 -1.17 6.06
N VAL B 621 15.09 -2.04 5.16
CA VAL B 621 14.48 -2.18 3.84
C VAL B 621 13.73 -3.51 3.76
N ALA B 622 12.46 -3.44 3.38
CA ALA B 622 11.60 -4.63 3.27
C ALA B 622 11.83 -5.60 4.42
N PRO B 623 11.74 -5.10 5.66
CA PRO B 623 11.95 -5.99 6.82
C PRO B 623 10.81 -6.93 7.18
N VAL B 624 11.17 -8.06 7.77
CA VAL B 624 10.19 -8.98 8.29
C VAL B 624 9.90 -8.29 9.63
N SER B 625 8.66 -8.30 10.10
CA SER B 625 8.37 -7.64 11.37
C SER B 625 7.69 -8.54 12.38
N ARG B 626 7.10 -9.63 11.88
CA ARG B 626 6.40 -10.59 12.72
C ARG B 626 6.42 -11.91 11.94
N TRP B 627 7.01 -12.94 12.54
CA TRP B 627 7.13 -14.22 11.86
C TRP B 627 5.86 -14.89 11.36
N GLU B 628 4.73 -14.59 11.97
CA GLU B 628 3.48 -15.18 11.51
C GLU B 628 3.11 -14.59 10.15
N TYR B 629 3.82 -13.54 9.74
CA TYR B 629 3.57 -12.89 8.46
C TYR B 629 4.39 -13.53 7.34
N TYR B 630 5.46 -14.24 7.69
CA TYR B 630 6.31 -14.87 6.69
C TYR B 630 5.86 -16.28 6.34
N ASP B 631 6.40 -16.85 5.27
CA ASP B 631 5.98 -18.19 4.84
C ASP B 631 6.34 -19.32 5.79
N SER B 632 5.55 -20.39 5.71
CA SER B 632 5.68 -21.55 6.56
C SER B 632 6.98 -22.34 6.46
N VAL B 633 7.40 -22.69 5.25
CA VAL B 633 8.60 -23.49 5.07
C VAL B 633 9.86 -22.88 5.68
N TYR B 634 10.09 -21.59 5.48
CA TYR B 634 11.28 -20.96 6.05
C TYR B 634 11.10 -20.66 7.54
N THR B 635 10.00 -20.01 7.88
CA THR B 635 9.74 -19.64 9.26
C THR B 635 9.72 -20.83 10.23
N GLU B 636 8.89 -21.83 9.92
CA GLU B 636 8.74 -23.02 10.77
C GLU B 636 10.02 -23.83 10.95
N ARG B 637 10.88 -23.79 9.94
CA ARG B 637 12.13 -24.51 10.00
C ARG B 637 12.89 -24.09 11.26
N TYR B 638 12.84 -22.81 11.59
CA TYR B 638 13.55 -22.29 12.75
C TYR B 638 12.67 -21.96 13.95
N MET B 639 11.38 -21.76 13.72
CA MET B 639 10.46 -21.38 14.78
C MET B 639 9.41 -22.41 15.21
N GLY B 640 9.34 -23.54 14.50
CA GLY B 640 8.33 -24.51 14.85
C GLY B 640 6.99 -23.91 14.46
N LEU B 641 5.90 -24.36 15.08
CA LEU B 641 4.56 -23.85 14.76
C LEU B 641 4.07 -22.84 15.78
N PRO B 642 3.30 -21.83 15.32
CA PRO B 642 2.74 -20.78 16.17
C PRO B 642 1.45 -21.23 16.87
N THR B 643 1.58 -22.25 17.71
CA THR B 643 0.44 -22.77 18.46
C THR B 643 0.83 -22.79 19.93
N PRO B 644 -0.15 -22.61 20.83
CA PRO B 644 0.12 -22.61 22.27
C PRO B 644 0.95 -23.81 22.72
N GLU B 645 0.67 -24.96 22.13
CA GLU B 645 1.38 -26.19 22.47
C GLU B 645 2.79 -26.25 21.88
N ASP B 646 3.11 -25.39 20.91
CA ASP B 646 4.44 -25.44 20.31
C ASP B 646 5.32 -24.24 20.61
N ASN B 647 5.26 -23.18 19.79
CA ASN B 647 6.14 -22.04 20.02
C ASN B 647 5.48 -20.66 19.85
N LEU B 648 4.17 -20.60 20.03
CA LEU B 648 3.43 -19.35 19.88
C LEU B 648 3.99 -18.19 20.70
N ASP B 649 4.28 -18.43 21.98
CA ASP B 649 4.81 -17.36 22.83
C ASP B 649 6.02 -16.64 22.23
N HIS B 650 6.98 -17.39 21.70
CA HIS B 650 8.14 -16.71 21.12
C HIS B 650 7.82 -16.03 19.80
N TYR B 651 6.77 -16.50 19.12
CA TYR B 651 6.36 -15.88 17.87
C TYR B 651 5.86 -14.49 18.23
N ARG B 652 5.09 -14.43 19.31
CA ARG B 652 4.50 -13.19 19.77
C ARG B 652 5.44 -12.21 20.48
N ASN B 653 6.54 -12.71 21.01
CA ASN B 653 7.52 -11.86 21.70
C ASN B 653 8.65 -11.37 20.80
N SER B 654 8.76 -11.93 19.61
CA SER B 654 9.83 -11.55 18.70
C SER B 654 9.41 -10.61 17.57
N THR B 655 8.40 -9.79 17.78
CA THR B 655 7.96 -8.86 16.75
C THR B 655 8.61 -7.49 16.92
N VAL B 656 8.68 -6.75 15.84
CA VAL B 656 9.24 -5.41 15.85
C VAL B 656 8.27 -4.45 16.52
N MET B 657 6.99 -4.65 16.24
CA MET B 657 5.92 -3.82 16.78
C MET B 657 5.93 -3.61 18.30
N SER B 658 6.15 -4.68 19.05
CA SER B 658 6.16 -4.57 20.51
C SER B 658 7.25 -3.63 21.05
N ARG B 659 8.26 -3.35 20.24
CA ARG B 659 9.36 -2.48 20.67
C ARG B 659 9.24 -1.04 20.18
N ALA B 660 8.11 -0.70 19.58
CA ALA B 660 7.89 0.63 19.03
C ALA B 660 8.33 1.80 19.92
N GLU B 661 7.93 1.76 21.19
CA GLU B 661 8.27 2.83 22.12
C GLU B 661 9.77 3.10 22.22
N ASN B 662 10.58 2.05 22.11
CA ASN B 662 12.02 2.23 22.20
C ASN B 662 12.67 2.91 21.00
N PHE B 663 11.87 3.24 19.99
CA PHE B 663 12.41 3.93 18.81
C PHE B 663 12.43 5.44 19.05
N LYS B 664 11.91 5.86 20.21
CA LYS B 664 11.85 7.27 20.56
C LYS B 664 13.16 8.04 20.43
N GLN B 665 14.27 7.44 20.82
CA GLN B 665 15.56 8.14 20.75
C GLN B 665 16.48 7.80 19.58
N VAL B 666 15.92 7.24 18.50
CA VAL B 666 16.73 6.92 17.33
C VAL B 666 16.09 7.47 16.06
N GLU B 667 16.89 7.62 15.01
CA GLU B 667 16.36 8.07 13.74
C GLU B 667 16.18 6.79 12.93
N TYR B 668 14.99 6.61 12.36
CA TYR B 668 14.67 5.38 11.64
C TYR B 668 14.08 5.65 10.27
N LEU B 669 14.59 4.95 9.26
CA LEU B 669 14.09 5.07 7.90
C LEU B 669 13.55 3.68 7.53
N LEU B 670 12.26 3.62 7.21
CA LEU B 670 11.60 2.38 6.85
C LEU B 670 11.21 2.45 5.37
N ILE B 671 11.66 1.47 4.59
CA ILE B 671 11.42 1.42 3.15
C ILE B 671 10.86 0.05 2.74
N HIS B 672 9.98 0.02 1.75
CA HIS B 672 9.38 -1.23 1.30
C HIS B 672 8.65 -1.08 -0.04
N GLY B 673 8.82 -2.06 -0.94
CA GLY B 673 8.14 -2.02 -2.22
C GLY B 673 6.72 -2.49 -2.01
N THR B 674 5.75 -1.85 -2.67
CA THR B 674 4.34 -2.22 -2.47
C THR B 674 3.94 -3.55 -3.11
N ALA B 675 4.73 -4.02 -4.07
CA ALA B 675 4.43 -5.28 -4.74
C ALA B 675 5.34 -6.43 -4.29
N ASP B 676 5.83 -6.35 -3.05
CA ASP B 676 6.72 -7.38 -2.50
C ASP B 676 5.87 -8.64 -2.25
N ASP B 677 6.17 -9.71 -2.99
CA ASP B 677 5.47 -10.98 -2.88
C ASP B 677 6.13 -11.90 -1.86
N ASN B 678 7.36 -11.55 -1.50
CA ASN B 678 8.16 -12.33 -0.56
C ASN B 678 7.88 -11.84 0.87
N VAL B 679 8.42 -10.69 1.23
CA VAL B 679 8.17 -10.11 2.55
C VAL B 679 7.13 -9.04 2.24
N HIS B 680 5.87 -9.37 2.48
CA HIS B 680 4.76 -8.49 2.17
C HIS B 680 4.83 -7.10 2.76
N PHE B 681 4.37 -6.12 1.99
CA PHE B 681 4.37 -4.74 2.42
C PHE B 681 3.71 -4.67 3.80
N GLN B 682 2.77 -5.59 4.02
CA GLN B 682 2.05 -5.72 5.28
C GLN B 682 2.98 -5.61 6.49
N GLN B 683 4.13 -6.26 6.39
CA GLN B 683 5.09 -6.28 7.49
C GLN B 683 5.54 -4.87 7.90
N SER B 684 5.81 -4.02 6.92
CA SER B 684 6.22 -2.65 7.23
C SER B 684 4.99 -1.80 7.57
N ALA B 685 3.86 -2.11 6.94
CA ALA B 685 2.63 -1.37 7.22
C ALA B 685 2.30 -1.50 8.71
N GLN B 686 2.62 -2.66 9.28
CA GLN B 686 2.33 -2.89 10.69
C GLN B 686 3.36 -2.18 11.57
N ILE B 687 4.59 -2.05 11.08
CA ILE B 687 5.64 -1.38 11.83
C ILE B 687 5.30 0.10 11.96
N SER B 688 4.98 0.72 10.83
CA SER B 688 4.64 2.14 10.81
C SER B 688 3.46 2.42 11.73
N LYS B 689 2.44 1.56 11.69
CA LYS B 689 1.27 1.76 12.53
C LYS B 689 1.59 1.68 14.02
N ALA B 690 2.53 0.82 14.39
CA ALA B 690 2.91 0.68 15.79
C ALA B 690 3.68 1.93 16.26
N LEU B 691 4.52 2.47 15.37
CA LEU B 691 5.28 3.67 15.69
C LEU B 691 4.35 4.87 15.81
N VAL B 692 3.35 4.92 14.93
CA VAL B 692 2.38 6.00 14.98
C VAL B 692 1.59 5.91 16.29
N ASP B 693 1.19 4.69 16.64
CA ASP B 693 0.40 4.49 17.86
C ASP B 693 1.12 4.93 19.15
N VAL B 694 2.45 4.94 19.16
CA VAL B 694 3.15 5.37 20.36
C VAL B 694 3.75 6.77 20.21
N GLY B 695 3.39 7.46 19.14
CA GLY B 695 3.89 8.81 18.93
C GLY B 695 5.36 8.97 18.61
N VAL B 696 5.93 8.03 17.87
CA VAL B 696 7.34 8.11 17.49
C VAL B 696 7.45 8.54 16.03
N ASP B 697 8.24 9.59 15.78
CA ASP B 697 8.42 10.07 14.43
C ASP B 697 9.51 9.24 13.75
N PHE B 698 9.39 9.11 12.43
CA PHE B 698 10.37 8.33 11.67
C PHE B 698 10.26 8.67 10.20
N GLN B 699 11.23 8.22 9.41
CA GLN B 699 11.24 8.46 7.98
C GLN B 699 10.71 7.22 7.27
N ALA B 700 10.05 7.42 6.14
CA ALA B 700 9.49 6.31 5.38
C ALA B 700 9.55 6.54 3.88
N MET B 701 9.49 5.46 3.12
CA MET B 701 9.51 5.52 1.67
C MET B 701 8.97 4.22 1.11
N TRP B 702 7.93 4.32 0.30
CA TRP B 702 7.36 3.14 -0.34
C TRP B 702 7.77 3.24 -1.79
N TYR B 703 7.94 2.10 -2.44
CA TYR B 703 8.30 2.07 -3.85
C TYR B 703 7.19 1.37 -4.61
N THR B 704 6.36 2.18 -5.25
CA THR B 704 5.23 1.69 -6.02
C THR B 704 5.59 0.59 -7.00
N ASP B 705 4.90 -0.54 -6.89
CA ASP B 705 5.08 -1.68 -7.76
C ASP B 705 6.42 -2.40 -7.75
N GLU B 706 7.27 -2.08 -6.79
CA GLU B 706 8.56 -2.77 -6.71
C GLU B 706 8.41 -3.98 -5.80
N ASP B 707 9.13 -5.06 -6.10
CA ASP B 707 9.05 -6.25 -5.26
C ASP B 707 10.17 -6.27 -4.25
N HIS B 708 10.47 -7.44 -3.70
CA HIS B 708 11.51 -7.55 -2.69
C HIS B 708 12.89 -7.05 -3.12
N GLY B 709 13.19 -7.13 -4.40
CA GLY B 709 14.49 -6.68 -4.86
C GLY B 709 14.64 -5.18 -5.05
N ILE B 710 13.52 -4.48 -5.24
CA ILE B 710 13.54 -3.03 -5.49
C ILE B 710 14.72 -2.82 -6.41
N ALA B 711 14.75 -3.62 -7.48
CA ALA B 711 15.85 -3.60 -8.43
C ALA B 711 15.62 -2.98 -9.80
N SER B 712 14.45 -2.41 -10.07
CA SER B 712 14.28 -1.79 -11.37
C SER B 712 15.35 -0.69 -11.40
N SER B 713 15.86 -0.39 -12.58
CA SER B 713 16.90 0.62 -12.76
C SER B 713 16.64 1.92 -12.01
N THR B 714 15.45 2.49 -12.19
CA THR B 714 15.14 3.74 -11.53
C THR B 714 14.93 3.60 -10.02
N ALA B 715 14.25 2.53 -9.60
CA ALA B 715 14.00 2.34 -8.17
C ALA B 715 15.33 2.10 -7.43
N HIS B 716 16.23 1.38 -8.07
CA HIS B 716 17.54 1.08 -7.48
C HIS B 716 18.31 2.36 -7.19
N GLN B 717 18.39 3.23 -8.19
CA GLN B 717 19.10 4.50 -8.02
C GLN B 717 18.42 5.38 -7.00
N HIS B 718 17.08 5.40 -7.03
CA HIS B 718 16.34 6.23 -6.10
C HIS B 718 16.48 5.80 -4.64
N ILE B 719 16.41 4.49 -4.37
CA ILE B 719 16.53 4.04 -2.99
C ILE B 719 17.92 4.28 -2.40
N TYR B 720 18.96 3.97 -3.15
CA TYR B 720 20.30 4.18 -2.63
C TYR B 720 20.63 5.66 -2.49
N THR B 721 20.00 6.49 -3.31
CA THR B 721 20.20 7.92 -3.23
C THR B 721 19.52 8.42 -1.96
N HIS B 722 18.29 7.95 -1.71
CA HIS B 722 17.54 8.35 -0.53
C HIS B 722 18.24 7.92 0.75
N MET B 723 18.77 6.70 0.75
CA MET B 723 19.48 6.19 1.92
C MET B 723 20.81 6.91 2.14
N SER B 724 21.47 7.34 1.07
CA SER B 724 22.72 8.06 1.20
C SER B 724 22.46 9.38 1.90
N HIS B 725 21.43 10.11 1.47
CA HIS B 725 21.08 11.38 2.09
C HIS B 725 20.82 11.18 3.58
N PHE B 726 20.07 10.13 3.91
CA PHE B 726 19.72 9.83 5.29
C PHE B 726 20.96 9.56 6.14
N ILE B 727 21.84 8.70 5.66
CA ILE B 727 23.06 8.36 6.38
C ILE B 727 23.94 9.60 6.59
N LYS B 728 24.22 10.32 5.50
CA LYS B 728 25.06 11.50 5.60
C LYS B 728 24.48 12.50 6.60
N GLN B 729 23.16 12.69 6.54
CA GLN B 729 22.48 13.60 7.46
C GLN B 729 22.67 13.11 8.90
N CYS B 730 22.50 11.80 9.12
CA CYS B 730 22.67 11.24 10.46
C CYS B 730 24.09 11.43 10.99
N PHE B 731 25.08 11.33 10.10
CA PHE B 731 26.49 11.49 10.48
C PHE B 731 27.03 12.91 10.37
N SER B 732 26.17 13.86 9.98
CA SER B 732 26.61 15.24 9.85
C SER B 732 27.09 15.81 11.19
N LEU B 733 28.29 16.38 11.17
CA LEU B 733 28.86 16.96 12.38
C LEU B 733 28.22 18.32 12.68
N PRO B 734 27.41 18.38 13.74
CA PRO B 734 26.72 19.60 14.17
C PRO B 734 27.70 20.67 14.66
N ILE C 1 -16.45 14.21 -2.80
CA ILE C 1 -15.65 15.46 -2.91
C ILE C 1 -14.24 15.24 -2.41
N PRO C 2 -13.25 15.71 -3.16
CA PRO C 2 -11.85 15.55 -2.76
C PRO C 2 -11.52 16.58 -1.69
N ILE C 3 -11.96 16.30 -0.46
CA ILE C 3 -11.73 17.17 0.68
C ILE C 3 -11.90 16.35 1.97
N ILE D 1 13.06 -17.16 1.30
CA ILE D 1 14.13 -16.62 2.19
C ILE D 1 14.03 -15.10 2.22
N PRO D 2 14.01 -14.53 3.42
CA PRO D 2 13.94 -13.08 3.55
C PRO D 2 15.29 -12.45 3.23
N ILE D 3 15.58 -12.34 1.93
CA ILE D 3 16.81 -11.75 1.44
C ILE D 3 16.61 -11.37 -0.02
C1 NAG E . -40.64 26.37 32.34
C2 NAG E . -41.18 24.93 32.25
C3 NAG E . -42.68 24.94 31.93
C4 NAG E . -43.44 25.85 32.89
C5 NAG E . -42.80 27.24 32.90
C6 NAG E . -43.47 28.19 33.87
C7 NAG E . -39.50 23.34 31.53
C8 NAG E . -38.99 22.45 30.42
N2 NAG E . -40.46 24.21 31.22
O3 NAG E . -43.18 23.61 32.04
O4 NAG E . -44.80 25.95 32.49
O5 NAG E . -41.42 27.14 33.27
O6 NAG E . -42.80 29.47 33.85
O7 NAG E . -39.03 23.25 32.67
C1 FUC E . -43.42 30.39 34.70
C2 FUC E . -42.46 31.56 35.01
C3 FUC E . -42.28 32.43 33.76
C4 FUC E . -43.64 32.89 33.24
C5 FUC E . -44.53 31.68 32.98
C6 FUC E . -45.92 32.07 32.55
O2 FUC E . -41.20 31.04 35.41
O3 FUC E . -41.48 33.56 34.10
O4 FUC E . -44.26 33.74 34.21
O5 FUC E . -44.65 30.89 34.19
C1 NAG F . -51.78 11.91 6.05
C2 NAG F . -53.10 11.76 6.81
C3 NAG F . -53.93 10.66 6.13
C4 NAG F . -54.08 10.94 4.63
C5 NAG F . -52.71 11.19 3.99
C6 NAG F . -52.82 11.63 2.54
C7 NAG F . -53.59 11.93 9.15
C8 NAG F . -54.71 11.07 9.72
N2 NAG F . -52.84 11.41 8.18
O3 NAG F . -55.21 10.57 6.74
O4 NAG F . -54.72 9.83 3.99
O5 NAG F . -52.02 12.24 4.68
O6 NAG F . -53.46 12.90 2.46
O7 NAG F . -53.41 13.07 9.59
C1 NAG F . -55.86 10.12 3.26
C2 NAG F . -56.37 8.85 2.56
C3 NAG F . -57.73 9.13 1.88
C4 NAG F . -58.71 9.78 2.85
C5 NAG F . -58.07 11.00 3.51
C6 NAG F . -58.97 11.63 4.56
C7 NAG F . -54.28 7.84 1.90
C8 NAG F . -53.00 8.47 1.38
N2 NAG F . -55.43 8.42 1.55
O3 NAG F . -58.26 7.91 1.41
O4 NAG F . -59.87 10.19 2.14
O5 NAG F . -56.85 10.62 4.18
O6 NAG F . -58.45 12.88 4.99
O7 NAG F . -54.22 6.83 2.61
C1 NAG G . -29.48 -4.75 -11.76
C2 NAG G . -30.78 -5.55 -11.81
C3 NAG G . -30.52 -6.89 -12.51
C4 NAG G . -29.83 -6.69 -13.86
C5 NAG G . -28.64 -5.73 -13.75
C6 NAG G . -28.10 -5.34 -15.11
C7 NAG G . -32.42 -5.24 -10.07
C8 NAG G . -33.03 -5.76 -8.78
N2 NAG G . -31.28 -5.79 -10.47
O3 NAG G . -31.75 -7.57 -12.70
O4 NAG G . -29.38 -7.97 -14.34
O5 NAG G . -29.01 -4.52 -13.08
O6 NAG G . -26.74 -4.95 -15.03
O7 NAG G . -32.98 -4.34 -10.70
C1 NAG G . -29.95 -8.44 -15.51
C2 NAG G . -29.07 -9.55 -16.09
C3 NAG G . -29.74 -10.18 -17.32
C4 NAG G . -31.16 -10.63 -16.97
C5 NAG G . -31.94 -9.47 -16.36
C6 NAG G . -33.33 -9.87 -15.92
C7 NAG G . -26.79 -8.95 -15.57
C8 NAG G . -25.79 -7.83 -15.73
N2 NAG G . -27.77 -9.02 -16.47
O3 NAG G . -28.98 -11.30 -17.76
O4 NAG G . -31.81 -11.12 -18.13
O5 NAG G . -31.25 -8.95 -15.20
O6 NAG G . -33.27 -10.91 -14.95
O7 NAG G . -26.68 -9.73 -14.64
C1 NAG H . -43.84 -8.65 -2.34
C2 NAG H . -43.27 -10.08 -2.28
C3 NAG H . -41.95 -10.18 -3.03
C4 NAG H . -42.14 -9.66 -4.45
C5 NAG H . -42.64 -8.23 -4.38
C6 NAG H . -42.84 -7.58 -5.73
C7 NAG H . -43.93 -11.36 -0.35
C8 NAG H . -43.79 -11.62 1.14
N2 NAG H . -43.08 -10.49 -0.91
O3 NAG H . -41.51 -11.53 -3.06
O4 NAG H . -40.88 -9.72 -5.16
O5 NAG H . -43.92 -8.20 -3.71
O6 NAG H . -43.74 -8.34 -6.54
O7 NAG H . -44.81 -11.94 -0.99
C1 NAG H . -40.88 -10.47 -6.32
C2 NAG H . -39.70 -10.03 -7.19
C3 NAG H . -39.62 -10.91 -8.42
C4 NAG H . -39.53 -12.38 -8.00
C5 NAG H . -40.70 -12.74 -7.08
C6 NAG H . -40.63 -14.15 -6.54
C7 NAG H . -39.32 -7.68 -6.82
C8 NAG H . -39.56 -6.24 -7.26
N2 NAG H . -39.86 -8.63 -7.57
O3 NAG H . -38.47 -10.55 -9.18
O4 NAG H . -39.53 -13.23 -9.14
O5 NAG H . -40.73 -11.85 -5.95
O6 NAG H . -39.72 -14.25 -5.44
O7 NAG H . -38.68 -7.91 -5.80
C1 NAG I . 40.96 -27.42 -31.56
C2 NAG I . 39.60 -27.74 -32.21
C3 NAG I . 39.50 -29.21 -32.61
C4 NAG I . 40.73 -29.64 -33.42
C5 NAG I . 42.00 -29.29 -32.64
C6 NAG I . 43.26 -29.66 -33.40
C7 NAG I . 37.69 -26.43 -31.55
C8 NAG I . 36.24 -26.65 -31.18
N2 NAG I . 38.54 -27.42 -31.27
O3 NAG I . 38.33 -29.43 -33.38
O4 NAG I . 40.68 -31.03 -33.67
O5 NAG I . 42.03 -27.88 -32.38
O6 NAG I . 44.40 -29.06 -32.73
O7 NAG I . 38.04 -25.38 -32.08
C1 FUC I . 45.62 -29.55 -33.22
C2 FUC I . 46.77 -28.69 -32.69
C3 FUC I . 46.98 -28.94 -31.19
C4 FUC I . 47.16 -30.44 -30.92
C5 FUC I . 45.96 -31.20 -31.48
C6 FUC I . 46.10 -32.70 -31.31
O2 FUC I . 46.47 -27.32 -32.90
O3 FUC I . 48.14 -28.23 -30.75
O4 FUC I . 48.34 -30.91 -31.53
O5 FUC I . 45.82 -30.94 -32.89
C1 NAG J . 18.39 -45.59 -21.08
C2 NAG J . 18.72 -46.31 -22.38
C3 NAG J . 17.58 -47.26 -22.72
C4 NAG J . 17.29 -48.22 -21.54
C5 NAG J . 17.09 -47.42 -20.24
C6 NAG J . 16.94 -48.29 -19.01
C7 NAG J . 19.96 -45.46 -24.26
C8 NAG J . 19.74 -46.06 -25.64
N2 NAG J . 18.91 -45.36 -23.45
O3 NAG J . 17.91 -48.02 -23.88
O4 NAG J . 16.09 -48.96 -21.82
O5 NAG J . 18.21 -46.53 -20.02
O6 NAG J . 18.15 -48.96 -18.71
O7 NAG J . 21.09 -45.09 -23.93
C1 NAG J . 16.09 -50.31 -21.48
C2 NAG J . 14.65 -50.78 -21.36
C3 NAG J . 14.58 -52.30 -21.14
C4 NAG J . 15.40 -53.03 -22.22
C5 NAG J . 16.82 -52.46 -22.25
C6 NAG J . 17.68 -53.08 -23.34
C7 NAG J . 12.78 -49.60 -20.38
C8 NAG J . 12.63 -48.35 -21.25
N2 NAG J . 14.01 -50.10 -20.25
O3 NAG J . 13.23 -52.74 -21.21
O4 NAG J . 15.44 -54.41 -21.93
O5 NAG J . 16.78 -51.03 -22.51
O6 NAG J . 19.06 -52.88 -23.07
O7 NAG J . 11.80 -50.09 -19.84
C1 NAG K . -6.33 -31.17 -4.64
C2 NAG K . -7.00 -32.31 -5.40
C3 NAG K . -8.51 -32.30 -5.16
C4 NAG K . -8.83 -32.25 -3.67
C5 NAG K . -8.04 -31.13 -2.97
C6 NAG K . -8.20 -31.14 -1.47
C7 NAG K . -6.01 -33.08 -7.47
C8 NAG K . -5.97 -33.00 -8.98
N2 NAG K . -6.74 -32.17 -6.82
O3 NAG K . -9.10 -33.45 -5.75
O4 NAG K . -10.24 -32.00 -3.50
O5 NAG K . -6.63 -31.27 -3.25
O6 NAG K . -7.34 -30.17 -0.87
O7 NAG K . -5.38 -33.96 -6.88
C1 NAG K . -10.93 -32.82 -2.63
C2 NAG K . -12.09 -32.02 -2.01
C3 NAG K . -12.98 -32.94 -1.17
C4 NAG K . -13.43 -34.15 -2.00
C5 NAG K . -12.20 -34.86 -2.58
C6 NAG K . -12.57 -36.02 -3.47
C7 NAG K . -12.10 -29.76 -1.19
C8 NAG K . -11.93 -28.93 -2.43
N2 NAG K . -11.55 -30.97 -1.18
O3 NAG K . -14.14 -32.22 -0.75
O4 NAG K . -14.16 -35.05 -1.18
O5 NAG K . -11.42 -33.93 -3.38
O6 NAG K . -12.88 -35.57 -4.79
O7 NAG K . -12.72 -29.31 -0.22
C1 NAG L . -27.46 -8.48 18.76
C2 NAG L . -28.63 -9.31 19.30
C3 NAG L . -28.33 -9.76 20.73
C4 NAG L . -26.99 -10.49 20.78
C5 NAG L . -25.89 -9.61 20.20
C6 NAG L . -24.55 -10.31 20.13
C7 NAG L . -30.58 -8.50 18.16
C8 NAG L . -30.86 -7.12 17.59
N2 NAG L . -29.85 -8.55 19.27
O3 NAG L . -29.36 -10.64 21.17
O4 NAG L . -26.67 -10.82 22.13
O5 NAG L . -26.24 -9.23 18.84
O6 NAG L . -23.48 -9.39 20.15
O7 NAG L . -31.00 -9.50 17.60
C1 NAG M . -23.95 20.65 -21.84
C2 NAG M . -24.30 21.66 -22.96
C3 NAG M . -24.04 21.06 -24.34
C4 NAG M . -22.61 20.53 -24.42
C5 NAG M . -22.41 19.51 -23.29
C6 NAG M . -21.01 18.92 -23.27
C7 NAG M . -26.05 23.19 -22.29
C8 NAG M . -27.01 23.13 -21.13
N2 NAG M . -25.70 22.03 -22.86
O3 NAG M . -24.24 22.06 -25.35
O4 NAG M . -22.37 19.93 -25.68
O5 NAG M . -22.61 20.16 -22.02
O6 NAG M . -20.03 19.93 -23.09
O7 NAG M . -25.61 24.28 -22.69
C1 NAG N . 2.57 -16.82 -30.18
C2 NAG N . 2.17 -17.76 -31.33
C3 NAG N . 2.35 -17.05 -32.67
C4 NAG N . 1.60 -15.72 -32.68
C5 NAG N . 2.04 -14.87 -31.47
C6 NAG N . 1.24 -13.59 -31.38
C7 NAG N . 2.44 -20.15 -31.11
C8 NAG N . 3.37 -21.30 -30.81
N2 NAG N . 3.01 -18.95 -31.29
O3 NAG N . 1.85 -17.88 -33.72
O4 NAG N . 1.89 -15.02 -33.88
O5 NAG N . 1.81 -15.61 -30.25
O6 NAG N . -0.15 -13.84 -31.53
O7 NAG N . 1.22 -20.33 -31.18
C1 NAG O . -6.73 -38.36 -22.16
C2 NAG O . -7.88 -38.69 -23.11
C3 NAG O . -8.73 -37.44 -23.34
C4 NAG O . -9.20 -36.88 -21.99
C5 NAG O . -8.00 -36.66 -21.05
C6 NAG O . -8.43 -36.23 -19.67
C7 NAG O . -7.77 -40.36 -24.84
C8 NAG O . -8.71 -40.35 -26.03
N2 NAG O . -7.37 -39.19 -24.36
O3 NAG O . -9.85 -37.76 -24.13
O4 NAG O . -9.86 -35.64 -22.20
O5 NAG O . -7.25 -37.89 -20.91
O6 NAG O . -9.23 -37.23 -19.05
O7 NAG O . -7.44 -41.43 -24.33
C1 NAG P . 11.97 -32.26 16.59
C2 NAG P . 12.36 -33.14 17.79
C3 NAG P . 11.19 -33.24 18.77
C4 NAG P . 10.73 -31.83 19.17
C5 NAG P . 10.39 -31.02 17.91
C6 NAG P . 10.01 -29.59 18.25
C7 NAG P . 14.00 -34.73 17.04
C8 NAG P . 14.28 -35.19 15.63
N2 NAG P . 12.74 -34.47 17.35
O3 NAG P . 11.60 -33.95 19.93
O4 NAG P . 9.58 -31.93 20.00
O5 NAG P . 11.54 -30.97 17.03
O6 NAG P . 10.88 -29.05 19.24
O7 NAG P . 14.93 -34.60 17.84
#